data_4JA0
#
_entry.id   4JA0
#
_cell.length_a   138.729
_cell.length_b   219.726
_cell.length_c   60.645
_cell.angle_alpha   90.00
_cell.angle_beta   90.00
_cell.angle_gamma   90.00
#
_symmetry.space_group_name_H-M   'P 21 21 2'
#
loop_
_entity.id
_entity.type
_entity.pdbx_description
1 polymer 'Phosphoribosylaminoimidazole carboxylase'
2 non-polymer 'SULFATE ION'
3 water water
#
_entity_poly.entity_id   1
_entity_poly.type   'polypeptide(L)'
_entity_poly.pdbx_seq_one_letter_code
;MSHPKQVGQYKLGKLLIEGKTKQVFDVPDQPGYCLLLNKDRITAGDGVKAHDLEGKAAISNQTNAKVFEILKSAGIKTAF
VKIASETAFLSKKCEMIPIEWVTRRLATGSFLKRNPGVPEGFRFTPPKQETFFKDDANHDPQWSEEQIISAKFNYNGLLI
GRDEVDYMRKATILIFEILEKAWALRDCALIDMKIEFGVDTEGSIVLADVIDSDSWRLWPSGDKRLMVDKQVYRNLTTVT
AADLDTVKRNFAWVKDQLDFLKPTIHHKVVVFMGSPADQEHCQKIAKAARELGLDVDLRVTSAHKATEETLRIMQQYEDT
HGALVFIAVAGRSNGLGPVLSGNTSYPVINCPPPSDKLVQDIWSSLSVPSGLGCATVIYPDSAALMAAQIIGLQDYLVWG
RLRSKQLDMAHSLRQADKKLRNQTA
;
_entity_poly.pdbx_strand_id   A,B,C,D
#
# COMPACT_ATOMS: atom_id res chain seq x y z
N GLY A 13 38.22 -17.65 -30.22
CA GLY A 13 38.11 -16.19 -30.18
C GLY A 13 39.19 -15.51 -29.35
N LYS A 14 38.95 -14.26 -28.95
CA LYS A 14 39.93 -13.49 -28.18
C LYS A 14 39.51 -13.38 -26.71
N LEU A 15 40.49 -13.44 -25.80
CA LEU A 15 40.17 -13.38 -24.37
C LEU A 15 39.80 -11.95 -24.06
N LEU A 16 38.87 -11.76 -23.14
CA LEU A 16 38.44 -10.39 -22.84
C LEU A 16 38.23 -10.18 -21.35
N ILE A 17 38.38 -11.24 -20.56
CA ILE A 17 38.40 -11.12 -19.12
C ILE A 17 38.97 -12.36 -18.47
N GLU A 18 39.95 -12.15 -17.60
CA GLU A 18 40.63 -13.23 -16.90
C GLU A 18 40.10 -13.26 -15.48
N GLY A 19 40.04 -14.44 -14.90
CA GLY A 19 39.41 -14.61 -13.61
C GLY A 19 40.05 -15.72 -12.83
N LYS A 20 40.10 -15.53 -11.51
CA LYS A 20 40.52 -16.55 -10.56
C LYS A 20 40.11 -17.96 -10.98
N THR A 21 38.82 -18.13 -11.25
CA THR A 21 38.24 -19.44 -11.52
C THR A 21 37.68 -19.66 -12.94
N LYS A 22 37.66 -18.62 -13.75
CA LYS A 22 37.09 -18.72 -15.09
C LYS A 22 37.74 -17.75 -16.10
N GLN A 23 37.68 -18.13 -17.37
CA GLN A 23 38.11 -17.26 -18.46
C GLN A 23 36.89 -17.04 -19.35
N VAL A 24 36.77 -15.84 -19.89
CA VAL A 24 35.69 -15.52 -20.81
C VAL A 24 36.25 -15.06 -22.14
N PHE A 25 36.06 -15.87 -23.17
CA PHE A 25 36.61 -15.57 -24.48
C PHE A 25 35.51 -15.08 -25.44
N ASP A 26 35.90 -14.20 -26.37
CA ASP A 26 35.00 -13.74 -27.42
C ASP A 26 34.72 -14.92 -28.36
N VAL A 27 33.55 -14.91 -28.99
CA VAL A 27 33.24 -15.85 -30.06
C VAL A 27 32.93 -15.01 -31.31
N PRO A 28 33.94 -14.81 -32.17
CA PRO A 28 33.83 -13.79 -33.24
C PRO A 28 32.88 -14.17 -34.36
N ASP A 29 32.60 -15.46 -34.53
CA ASP A 29 31.74 -15.90 -35.63
C ASP A 29 30.27 -15.85 -35.25
N GLN A 30 29.97 -16.00 -33.97
CA GLN A 30 28.60 -15.90 -33.46
C GLN A 30 28.50 -14.64 -32.60
N PRO A 31 27.82 -13.59 -33.11
CA PRO A 31 27.80 -12.34 -32.34
C PRO A 31 27.06 -12.48 -31.01
N GLY A 32 27.82 -12.61 -29.93
CA GLY A 32 27.28 -12.90 -28.61
C GLY A 32 26.63 -11.67 -28.04
N LEU A 35 30.02 -14.69 -27.03
CA LEU A 35 30.77 -14.92 -25.79
C LEU A 35 30.88 -16.40 -25.35
N LEU A 36 32.05 -16.83 -24.88
CA LEU A 36 32.21 -18.19 -24.31
C LEU A 36 32.84 -18.08 -22.92
N LEU A 37 32.24 -18.71 -21.93
CA LEU A 37 32.83 -18.67 -20.60
C LEU A 37 33.38 -20.04 -20.32
N ASN A 38 34.65 -20.08 -19.94
CA ASN A 38 35.35 -21.34 -19.68
C ASN A 38 35.77 -21.44 -18.21
N LYS A 39 35.23 -22.41 -17.49
CA LYS A 39 35.61 -22.55 -16.07
C LYS A 39 36.89 -23.37 -15.89
N ASP A 40 37.75 -22.90 -14.97
CA ASP A 40 39.06 -23.53 -14.74
C ASP A 40 39.04 -24.37 -13.48
N ARG A 41 39.93 -25.36 -13.40
CA ARG A 41 39.92 -26.29 -12.28
C ARG A 41 40.71 -25.78 -11.07
N ILE A 42 40.38 -24.56 -10.64
CA ILE A 42 41.03 -23.95 -9.49
C ILE A 42 39.98 -23.52 -8.45
N THR A 43 40.39 -23.47 -7.19
CA THR A 43 39.51 -23.04 -6.11
C THR A 43 40.25 -21.94 -5.32
N ALA A 44 39.69 -20.73 -5.38
CA ALA A 44 40.38 -19.53 -4.87
C ALA A 44 39.64 -18.99 -3.66
N GLY A 45 39.84 -19.66 -2.53
CA GLY A 45 39.31 -19.20 -1.27
C GLY A 45 39.79 -17.81 -0.97
N ASP A 46 38.83 -16.92 -0.81
CA ASP A 46 39.04 -15.48 -0.68
C ASP A 46 40.23 -15.12 0.21
N GLY A 47 41.05 -14.18 -0.27
CA GLY A 47 42.23 -13.75 0.43
C GLY A 47 43.20 -13.19 -0.58
N ALA A 50 44.83 -17.83 -0.23
CA ALA A 50 44.72 -19.29 -0.44
C ALA A 50 44.10 -19.66 -1.79
N HIS A 51 44.79 -20.55 -2.51
CA HIS A 51 44.36 -21.05 -3.82
C HIS A 51 45.03 -22.40 -4.08
N ASP A 52 44.23 -23.40 -4.45
CA ASP A 52 44.76 -24.73 -4.74
C ASP A 52 44.09 -25.22 -6.03
N LEU A 53 44.35 -26.46 -6.44
CA LEU A 53 43.87 -27.00 -7.74
C LEU A 53 42.97 -28.22 -7.55
N GLU A 54 42.09 -28.50 -8.51
CA GLU A 54 41.15 -29.65 -8.41
C GLU A 54 40.66 -30.24 -9.75
N GLY A 55 39.59 -31.04 -9.69
CA GLY A 55 38.94 -31.53 -10.89
C GLY A 55 37.55 -30.92 -11.05
N LYS A 56 37.39 -29.65 -10.70
CA LYS A 56 36.06 -29.07 -10.43
C LYS A 56 35.41 -28.16 -11.50
N ALA A 57 36.07 -27.94 -12.63
CA ALA A 57 35.50 -27.08 -13.65
C ALA A 57 34.20 -27.67 -14.21
N ALA A 58 34.12 -28.99 -14.31
CA ALA A 58 32.91 -29.63 -14.81
C ALA A 58 31.77 -29.50 -13.82
N ILE A 59 32.08 -29.62 -12.53
CA ILE A 59 31.08 -29.54 -11.47
C ILE A 59 30.42 -28.17 -11.46
N SER A 60 31.23 -27.13 -11.51
CA SER A 60 30.73 -25.78 -11.53
C SER A 60 29.86 -25.49 -12.74
N ASN A 61 30.34 -25.82 -13.93
CA ASN A 61 29.62 -25.53 -15.17
C ASN A 61 28.23 -26.16 -15.13
N GLN A 62 28.17 -27.40 -14.66
CA GLN A 62 26.87 -28.06 -14.57
C GLN A 62 25.99 -27.43 -13.48
N THR A 63 26.59 -27.10 -12.34
CA THR A 63 25.84 -26.48 -11.26
C THR A 63 25.22 -25.21 -11.80
N ASN A 64 26.08 -24.40 -12.42
CA ASN A 64 25.69 -23.13 -12.97
C ASN A 64 24.57 -23.21 -14.01
N ALA A 65 24.75 -24.07 -15.02
CA ALA A 65 23.80 -24.19 -16.11
C ALA A 65 22.42 -24.57 -15.60
N LYS A 66 22.41 -25.36 -14.54
CA LYS A 66 21.17 -25.83 -13.96
C LYS A 66 20.43 -24.67 -13.27
N VAL A 67 21.18 -23.88 -12.50
CA VAL A 67 20.60 -22.72 -11.82
C VAL A 67 20.02 -21.75 -12.85
N PHE A 68 20.78 -21.43 -13.88
CA PHE A 68 20.33 -20.45 -14.86
C PHE A 68 19.09 -20.96 -15.60
N GLU A 69 19.00 -22.27 -15.77
CA GLU A 69 17.82 -22.87 -16.39
C GLU A 69 16.62 -22.67 -15.49
N ILE A 70 16.82 -22.79 -14.19
CA ILE A 70 15.73 -22.59 -13.27
C ILE A 70 15.29 -21.12 -13.32
N LEU A 71 16.26 -20.21 -13.44
CA LEU A 71 15.93 -18.79 -13.37
C LEU A 71 15.33 -18.27 -14.67
N LYS A 72 15.72 -18.87 -15.78
CA LYS A 72 15.17 -18.50 -17.07
C LYS A 72 13.70 -18.91 -17.11
N SER A 73 13.43 -20.06 -16.50
CA SER A 73 12.11 -20.62 -16.52
C SER A 73 11.16 -19.82 -15.62
N ALA A 74 11.72 -19.07 -14.67
CA ALA A 74 10.92 -18.18 -13.84
C ALA A 74 10.62 -16.89 -14.58
N GLY A 75 11.48 -16.55 -15.55
CA GLY A 75 11.28 -15.38 -16.38
C GLY A 75 12.34 -14.31 -16.14
N ILE A 76 13.25 -14.55 -15.19
CA ILE A 76 14.37 -13.66 -14.94
C ILE A 76 15.23 -13.60 -16.22
N LYS A 77 15.70 -12.41 -16.57
CA LYS A 77 16.52 -12.24 -17.78
C LYS A 77 18.03 -12.45 -17.52
N THR A 78 18.63 -13.39 -18.27
CA THR A 78 20.03 -13.75 -18.05
C THR A 78 20.88 -13.69 -19.32
N ALA A 79 22.19 -13.68 -19.15
CA ALA A 79 23.11 -13.70 -20.27
C ALA A 79 23.29 -15.15 -20.73
N PHE A 80 22.79 -16.09 -19.93
CA PHE A 80 23.07 -17.49 -20.21
C PHE A 80 22.23 -18.04 -21.36
N VAL A 81 22.91 -18.71 -22.29
CA VAL A 81 22.23 -19.27 -23.46
C VAL A 81 22.15 -20.80 -23.42
N LYS A 82 23.30 -21.45 -23.44
CA LYS A 82 23.38 -22.89 -23.40
C LYS A 82 24.79 -23.37 -23.07
N ILE A 83 24.87 -24.60 -22.61
CA ILE A 83 26.16 -25.24 -22.37
C ILE A 83 26.89 -25.45 -23.68
N ALA A 84 28.19 -25.16 -23.70
CA ALA A 84 29.00 -25.36 -24.89
C ALA A 84 29.68 -26.71 -24.77
N SER A 85 30.18 -26.99 -23.57
CA SER A 85 30.82 -28.26 -23.27
C SER A 85 30.67 -28.55 -21.79
N GLU A 86 31.52 -29.45 -21.32
CA GLU A 86 31.41 -29.97 -19.98
C GLU A 86 31.99 -28.99 -18.97
N THR A 87 32.78 -28.05 -19.48
CA THR A 87 33.45 -27.08 -18.63
C THR A 87 33.15 -25.63 -19.02
N ALA A 88 32.44 -25.46 -20.14
CA ALA A 88 32.18 -24.13 -20.67
C ALA A 88 30.72 -23.90 -21.06
N PHE A 89 30.33 -22.63 -21.16
CA PHE A 89 29.00 -22.29 -21.66
C PHE A 89 28.95 -21.00 -22.49
N LEU A 90 27.89 -20.87 -23.28
CA LEU A 90 27.66 -19.70 -24.11
C LEU A 90 26.80 -18.68 -23.41
N SER A 91 27.26 -17.45 -23.47
CA SER A 91 26.66 -16.34 -22.76
C SER A 91 26.41 -15.21 -23.74
N LYS A 92 25.33 -14.47 -23.53
CA LYS A 92 25.11 -13.24 -24.28
C LYS A 92 26.14 -12.21 -23.83
N LYS A 93 26.82 -11.56 -24.76
CA LYS A 93 27.89 -10.62 -24.40
C LYS A 93 27.38 -9.28 -23.84
N CYS A 94 27.93 -8.89 -22.68
CA CYS A 94 27.52 -7.66 -22.00
C CYS A 94 28.58 -7.08 -21.06
N GLU A 95 28.54 -5.76 -20.83
CA GLU A 95 29.54 -5.11 -19.95
C GLU A 95 29.15 -5.19 -18.48
N MET A 96 30.02 -5.77 -17.69
CA MET A 96 29.69 -6.06 -16.32
C MET A 96 29.69 -4.81 -15.41
N ILE A 97 28.72 -4.77 -14.51
CA ILE A 97 28.73 -3.79 -13.44
C ILE A 97 29.62 -4.39 -12.36
N PRO A 98 30.66 -3.67 -11.97
CA PRO A 98 31.62 -4.16 -10.97
C PRO A 98 31.07 -4.14 -9.54
N ILE A 99 29.87 -4.68 -9.34
CA ILE A 99 29.30 -4.82 -8.01
C ILE A 99 28.96 -6.27 -7.77
N GLU A 100 29.33 -6.79 -6.60
CA GLU A 100 28.79 -8.06 -6.16
C GLU A 100 27.50 -7.80 -5.36
N TRP A 101 26.39 -8.37 -5.83
CA TRP A 101 25.10 -8.23 -5.17
C TRP A 101 24.83 -9.42 -4.25
N VAL A 102 24.81 -9.17 -2.95
CA VAL A 102 24.76 -10.22 -1.94
C VAL A 102 23.43 -10.21 -1.19
N THR A 103 22.85 -11.38 -0.99
CA THR A 103 21.59 -11.52 -0.23
C THR A 103 21.76 -12.51 0.90
N ARG A 104 21.23 -12.17 2.08
CA ARG A 104 21.29 -13.05 3.25
C ARG A 104 19.91 -13.29 3.83
N ARG A 105 19.67 -14.51 4.31
CA ARG A 105 18.45 -14.78 5.05
C ARG A 105 18.79 -14.83 6.53
N LEU A 106 20.01 -15.29 6.83
CA LEU A 106 20.49 -15.45 8.19
C LEU A 106 21.72 -14.62 8.37
N ALA A 107 22.07 -14.31 9.61
CA ALA A 107 23.36 -13.68 9.89
C ALA A 107 24.46 -14.74 10.03
N THR A 108 25.44 -14.67 9.14
CA THR A 108 26.60 -15.54 9.24
C THR A 108 27.72 -14.95 8.41
N GLY A 109 28.91 -15.56 8.47
CA GLY A 109 30.03 -15.12 7.67
C GLY A 109 30.64 -13.80 8.09
N SER A 110 31.05 -13.03 7.09
CA SER A 110 31.70 -11.76 7.37
C SER A 110 30.74 -10.73 7.95
N PHE A 111 29.43 -10.96 7.82
CA PHE A 111 28.42 -10.02 8.33
C PHE A 111 28.51 -9.89 9.84
N LEU A 112 28.82 -11.00 10.51
CA LEU A 112 28.90 -11.04 11.96
C LEU A 112 30.04 -10.15 12.45
N LYS A 113 31.15 -10.16 11.71
CA LYS A 113 32.29 -9.34 12.07
C LYS A 113 31.95 -7.86 11.86
N ARG A 114 31.27 -7.56 10.74
CA ARG A 114 30.95 -6.17 10.46
C ARG A 114 29.85 -5.63 11.37
N ASN A 115 29.07 -6.52 11.99
CA ASN A 115 27.96 -6.09 12.87
C ASN A 115 27.98 -6.75 14.24
N PRO A 116 29.00 -6.45 15.06
CA PRO A 116 29.15 -7.11 16.37
C PRO A 116 27.93 -6.96 17.31
N GLY A 117 27.48 -8.08 17.90
CA GLY A 117 26.33 -8.09 18.79
C GLY A 117 25.12 -8.84 18.22
N VAL A 118 25.08 -8.92 16.90
CA VAL A 118 24.09 -9.70 16.16
C VAL A 118 24.56 -11.14 16.10
N PRO A 119 23.78 -12.07 16.68
CA PRO A 119 24.19 -13.48 16.75
C PRO A 119 24.01 -14.24 15.44
N GLU A 120 24.84 -15.26 15.24
CA GLU A 120 24.72 -16.12 14.08
C GLU A 120 23.33 -16.74 14.06
N GLY A 121 22.69 -16.71 12.90
CA GLY A 121 21.36 -17.30 12.74
C GLY A 121 20.24 -16.28 12.85
N PHE A 122 20.56 -15.02 13.13
CA PHE A 122 19.57 -13.94 13.15
C PHE A 122 18.94 -13.78 11.80
N ARG A 123 17.60 -13.85 11.77
CA ARG A 123 16.87 -13.97 10.50
C ARG A 123 16.49 -12.61 9.87
N PHE A 124 16.76 -12.51 8.58
CA PHE A 124 16.52 -11.27 7.87
C PHE A 124 15.21 -11.34 7.11
N THR A 125 14.27 -10.56 7.58
CA THR A 125 12.97 -10.55 6.97
C THR A 125 12.55 -9.12 6.65
N PRO A 126 12.55 -8.75 5.36
CA PRO A 126 12.87 -9.52 4.17
C PRO A 126 14.38 -9.79 4.09
N PRO A 127 14.82 -10.58 3.10
CA PRO A 127 16.25 -10.86 3.05
C PRO A 127 17.06 -9.58 2.95
N LYS A 128 18.15 -9.55 3.72
CA LYS A 128 19.11 -8.45 3.71
C LYS A 128 19.80 -8.45 2.35
N GLN A 129 19.96 -7.28 1.76
CA GLN A 129 20.67 -7.20 0.49
C GLN A 129 21.73 -6.10 0.53
N GLU A 130 22.98 -6.50 0.26
CA GLU A 130 24.14 -5.61 0.35
C GLU A 130 24.96 -5.58 -0.92
N THR A 131 25.73 -4.52 -1.08
CA THR A 131 26.51 -4.35 -2.29
C THR A 131 27.99 -4.18 -2.00
N PHE A 132 28.79 -4.70 -2.90
CA PHE A 132 30.23 -4.68 -2.77
C PHE A 132 30.90 -4.32 -4.07
N PHE A 133 31.92 -3.47 -3.94
CA PHE A 133 32.70 -3.01 -5.06
C PHE A 133 33.93 -3.91 -5.22
N LYS A 134 34.72 -3.70 -6.26
CA LYS A 134 35.98 -4.41 -6.45
C LYS A 134 37.06 -3.69 -5.56
N ASP A 135 38.34 -4.10 -5.46
CA ASP A 135 39.18 -4.66 -6.50
C ASP A 135 40.14 -5.73 -5.93
N ASP A 140 37.89 -5.38 -1.98
CA ASP A 140 36.45 -5.45 -2.29
C ASP A 140 35.53 -4.87 -1.22
N PRO A 141 35.52 -3.53 -1.03
CA PRO A 141 34.79 -2.85 0.05
C PRO A 141 33.27 -2.69 -0.16
N GLN A 142 32.55 -2.56 0.94
CA GLN A 142 31.11 -2.42 0.91
C GLN A 142 30.75 -1.01 0.45
N TRP A 143 29.73 -0.92 -0.41
CA TRP A 143 29.22 0.37 -0.87
C TRP A 143 27.78 0.51 -0.51
N SER A 144 27.35 1.76 -0.34
CA SER A 144 25.96 2.06 -0.16
C SER A 144 25.37 2.23 -1.56
N GLU A 145 24.05 2.27 -1.64
CA GLU A 145 23.37 2.54 -2.90
C GLU A 145 23.74 3.92 -3.36
N GLU A 146 23.86 4.85 -2.41
CA GLU A 146 24.29 6.21 -2.71
C GLU A 146 25.67 6.19 -3.38
N GLN A 147 26.59 5.37 -2.86
CA GLN A 147 27.92 5.26 -3.45
C GLN A 147 27.86 4.77 -4.89
N ILE A 148 27.02 3.78 -5.16
CA ILE A 148 26.89 3.28 -6.50
C ILE A 148 26.37 4.37 -7.44
N ILE A 149 25.39 5.14 -7.00
CA ILE A 149 24.83 6.19 -7.84
C ILE A 149 25.83 7.33 -8.06
N SER A 150 26.51 7.76 -7.00
CA SER A 150 27.42 8.88 -7.15
C SER A 150 28.65 8.46 -7.99
N ALA A 151 28.87 7.15 -8.10
CA ALA A 151 30.00 6.63 -8.88
C ALA A 151 29.81 6.84 -10.37
N LYS A 152 28.56 7.04 -10.76
CA LYS A 152 28.18 7.28 -12.15
C LYS A 152 28.77 6.28 -13.15
N PHE A 153 28.56 4.98 -12.90
CA PHE A 153 28.96 3.93 -13.83
C PHE A 153 28.17 4.07 -15.13
N ASN A 154 28.79 3.72 -16.25
CA ASN A 154 28.14 3.87 -17.55
C ASN A 154 28.57 2.71 -18.45
N TYR A 155 27.61 1.87 -18.83
CA TYR A 155 27.90 0.68 -19.62
C TYR A 155 26.93 0.55 -20.75
N ASN A 156 27.46 0.29 -21.95
CA ASN A 156 26.66 0.10 -23.15
C ASN A 156 25.56 1.15 -23.29
N GLY A 157 25.86 2.38 -22.88
CA GLY A 157 24.96 3.51 -23.03
C GLY A 157 23.95 3.61 -21.90
N LEU A 158 24.01 2.67 -20.99
CA LEU A 158 23.13 2.70 -19.84
C LEU A 158 23.90 3.24 -18.65
N LEU A 159 23.54 4.44 -18.25
CA LEU A 159 24.06 5.02 -17.03
C LEU A 159 23.26 4.46 -15.84
N ILE A 160 23.97 4.00 -14.82
CA ILE A 160 23.34 3.36 -13.67
C ILE A 160 22.94 4.36 -12.60
N GLY A 161 21.64 4.67 -12.55
CA GLY A 161 21.10 5.56 -11.52
C GLY A 161 20.26 4.76 -10.54
N ARG A 162 19.52 5.45 -9.68
CA ARG A 162 18.74 4.79 -8.64
C ARG A 162 17.72 3.80 -9.24
N ASP A 163 17.20 4.09 -10.43
CA ASP A 163 16.25 3.18 -11.04
C ASP A 163 16.93 1.85 -11.35
N GLU A 164 18.12 1.92 -11.91
CA GLU A 164 18.86 0.70 -12.24
C GLU A 164 19.28 -0.03 -10.98
N VAL A 165 19.72 0.71 -9.97
CA VAL A 165 20.03 0.10 -8.69
C VAL A 165 18.78 -0.48 -8.02
N ASP A 166 17.64 0.20 -8.15
CA ASP A 166 16.38 -0.31 -7.62
C ASP A 166 16.09 -1.67 -8.23
N TYR A 167 16.18 -1.76 -9.56
CA TYR A 167 15.92 -3.01 -10.27
C TYR A 167 16.82 -4.17 -9.79
N MET A 168 18.12 -3.88 -9.63
CA MET A 168 19.10 -4.90 -9.23
C MET A 168 18.93 -5.33 -7.78
N ARG A 169 18.50 -4.42 -6.91
CA ARG A 169 18.21 -4.81 -5.55
C ARG A 169 17.04 -5.74 -5.59
N LYS A 170 16.00 -5.33 -6.29
CA LYS A 170 14.79 -6.13 -6.33
C LYS A 170 15.05 -7.48 -7.01
N ALA A 171 15.86 -7.47 -8.06
CA ALA A 171 16.17 -8.71 -8.76
C ALA A 171 16.99 -9.68 -7.92
N THR A 172 17.95 -9.14 -7.20
CA THR A 172 18.83 -9.96 -6.38
C THR A 172 18.02 -10.64 -5.29
N ILE A 173 17.16 -9.90 -4.61
CA ILE A 173 16.33 -10.49 -3.58
C ILE A 173 15.45 -11.58 -4.17
N LEU A 174 14.91 -11.31 -5.36
CA LEU A 174 14.00 -12.25 -6.03
C LEU A 174 14.65 -13.58 -6.40
N ILE A 175 15.86 -13.51 -6.95
CA ILE A 175 16.64 -14.68 -7.33
C ILE A 175 16.99 -15.52 -6.13
N PHE A 176 17.36 -14.84 -5.04
CA PHE A 176 17.56 -15.52 -3.78
C PHE A 176 16.26 -16.23 -3.34
N GLU A 177 15.12 -15.55 -3.42
CA GLU A 177 13.88 -16.13 -2.94
C GLU A 177 13.48 -17.37 -3.74
N ILE A 178 13.67 -17.32 -5.06
CA ILE A 178 13.39 -18.44 -5.95
C ILE A 178 14.23 -19.65 -5.64
N LEU A 179 15.54 -19.44 -5.54
CA LEU A 179 16.48 -20.50 -5.25
C LEU A 179 16.31 -21.01 -3.83
N GLU A 180 15.92 -20.11 -2.93
CA GLU A 180 15.67 -20.47 -1.55
C GLU A 180 14.56 -21.49 -1.54
N LYS A 181 13.56 -21.22 -2.38
CA LYS A 181 12.40 -22.08 -2.51
C LYS A 181 12.79 -23.44 -3.13
N ALA A 182 13.56 -23.40 -4.21
CA ALA A 182 14.03 -24.61 -4.87
C ALA A 182 14.78 -25.52 -3.91
N TRP A 183 15.78 -24.99 -3.22
CA TRP A 183 16.61 -25.82 -2.34
C TRP A 183 15.86 -26.46 -1.17
N ALA A 184 14.70 -25.91 -0.82
CA ALA A 184 13.90 -26.49 0.26
C ALA A 184 13.22 -27.81 -0.13
N LEU A 185 13.17 -28.11 -1.43
CA LEU A 185 12.63 -29.36 -1.92
C LEU A 185 13.56 -30.52 -1.56
N ARG A 186 14.84 -30.24 -1.48
CA ARG A 186 15.79 -31.25 -1.08
C ARG A 186 16.28 -30.97 0.35
N ASP A 187 15.46 -30.28 1.13
CA ASP A 187 15.75 -30.04 2.54
C ASP A 187 17.04 -29.23 2.80
N CYS A 188 17.40 -28.35 1.88
CA CYS A 188 18.56 -27.49 2.09
C CYS A 188 18.17 -26.03 2.28
N ALA A 189 18.72 -25.43 3.32
CA ALA A 189 18.55 -24.01 3.57
C ALA A 189 19.55 -23.21 2.78
N LEU A 190 19.07 -22.37 1.87
CA LEU A 190 19.95 -21.43 1.19
C LEU A 190 20.09 -20.27 2.15
N ILE A 191 21.34 -19.96 2.49
CA ILE A 191 21.63 -19.03 3.58
C ILE A 191 22.01 -17.67 3.06
N ASP A 192 22.83 -17.65 2.03
CA ASP A 192 23.15 -16.40 1.38
C ASP A 192 23.61 -16.64 -0.05
N MET A 193 23.78 -15.56 -0.81
CA MET A 193 24.16 -15.67 -2.22
C MET A 193 24.88 -14.45 -2.71
N LYS A 194 25.64 -14.61 -3.78
CA LYS A 194 26.26 -13.48 -4.48
C LYS A 194 26.05 -13.66 -5.98
N ILE A 195 25.62 -12.59 -6.65
CA ILE A 195 25.46 -12.65 -8.08
C ILE A 195 26.06 -11.38 -8.64
N GLU A 196 26.18 -11.31 -9.96
CA GLU A 196 26.70 -10.12 -10.63
C GLU A 196 25.88 -9.81 -11.88
N PHE A 197 25.77 -8.53 -12.24
CA PHE A 197 24.98 -8.12 -13.40
C PHE A 197 25.85 -7.48 -14.48
N GLY A 198 25.33 -7.45 -15.70
CA GLY A 198 26.00 -6.77 -16.82
C GLY A 198 24.95 -6.07 -17.66
N VAL A 199 25.37 -5.20 -18.57
CA VAL A 199 24.45 -4.49 -19.45
C VAL A 199 24.69 -4.97 -20.88
N ASP A 200 23.64 -5.45 -21.54
CA ASP A 200 23.77 -6.02 -22.89
C ASP A 200 23.90 -4.91 -23.91
N THR A 201 24.04 -5.31 -25.18
CA THR A 201 24.22 -4.36 -26.26
C THR A 201 23.06 -3.37 -26.34
N GLU A 202 21.85 -3.86 -26.08
CA GLU A 202 20.65 -3.04 -26.23
C GLU A 202 20.32 -2.19 -25.00
N GLY A 203 21.23 -2.16 -24.02
CA GLY A 203 21.03 -1.34 -22.84
C GLY A 203 20.22 -2.00 -21.72
N SER A 204 20.04 -3.32 -21.79
CA SER A 204 19.28 -4.06 -20.79
C SER A 204 20.16 -4.76 -19.73
N ILE A 205 19.72 -4.73 -18.49
CA ILE A 205 20.49 -5.33 -17.41
C ILE A 205 20.20 -6.82 -17.28
N VAL A 206 21.23 -7.65 -17.44
CA VAL A 206 21.03 -9.08 -17.38
C VAL A 206 21.82 -9.70 -16.22
N LEU A 207 21.27 -10.76 -15.63
CA LEU A 207 21.99 -11.54 -14.62
C LEU A 207 23.06 -12.32 -15.37
N ALA A 208 24.32 -12.13 -15.01
CA ALA A 208 25.34 -12.43 -16.01
C ALA A 208 26.58 -13.20 -15.60
N ASP A 209 26.79 -13.44 -14.32
CA ASP A 209 28.05 -14.09 -13.93
C ASP A 209 27.93 -15.61 -13.96
N VAL A 210 28.07 -16.20 -12.78
CA VAL A 210 28.10 -17.61 -12.59
C VAL A 210 27.53 -17.84 -11.20
N ILE A 211 26.57 -18.75 -11.07
CA ILE A 211 26.09 -19.08 -9.74
C ILE A 211 26.39 -20.56 -9.54
N ASP A 212 27.39 -20.86 -8.70
CA ASP A 212 27.72 -22.25 -8.38
C ASP A 212 27.91 -22.39 -6.87
N SER A 213 28.63 -23.44 -6.44
CA SER A 213 28.88 -23.62 -5.01
C SER A 213 29.87 -22.64 -4.44
N ASP A 214 30.46 -21.80 -5.30
CA ASP A 214 31.32 -20.73 -4.83
C ASP A 214 30.50 -19.46 -4.56
N SER A 215 29.28 -19.43 -5.11
CA SER A 215 28.45 -18.25 -5.06
C SER A 215 27.55 -18.20 -3.82
N TRP A 216 27.39 -19.33 -3.14
CA TRP A 216 26.41 -19.38 -2.08
C TRP A 216 26.83 -20.09 -0.80
N ARG A 217 25.93 -20.10 0.16
CA ARG A 217 26.14 -20.78 1.41
C ARG A 217 24.96 -21.73 1.64
N LEU A 218 25.23 -23.03 1.66
CA LEU A 218 24.16 -24.01 1.69
C LEU A 218 24.17 -24.85 2.95
N TRP A 219 23.05 -24.89 3.68
CA TRP A 219 22.97 -25.79 4.82
C TRP A 219 21.87 -26.86 4.66
N PRO A 220 22.28 -28.13 4.65
CA PRO A 220 21.27 -29.20 4.70
C PRO A 220 20.63 -29.25 6.07
N SER A 221 19.31 -29.42 6.10
CA SER A 221 18.54 -29.47 7.34
C SER A 221 18.69 -28.21 8.16
N GLY A 222 19.17 -27.15 7.52
CA GLY A 222 19.40 -25.88 8.21
C GLY A 222 20.50 -26.03 9.24
N ASP A 223 21.29 -27.09 9.09
CA ASP A 223 22.38 -27.38 10.02
C ASP A 223 23.67 -26.85 9.43
N LYS A 224 24.18 -25.80 10.05
CA LYS A 224 25.42 -25.13 9.62
C LYS A 224 26.56 -26.12 9.56
N ARG A 225 26.49 -27.06 10.49
CA ARG A 225 27.48 -28.12 10.69
C ARG A 225 27.56 -29.07 9.48
N LEU A 226 26.50 -29.10 8.67
CA LEU A 226 26.47 -29.94 7.47
C LEU A 226 26.74 -29.14 6.18
N MET A 227 27.23 -27.90 6.31
CA MET A 227 27.47 -27.01 5.15
C MET A 227 28.17 -27.70 3.98
N VAL A 228 27.77 -27.32 2.76
CA VAL A 228 28.24 -28.02 1.57
C VAL A 228 28.86 -27.04 0.58
N ASP A 229 28.96 -25.79 1.00
CA ASP A 229 29.46 -24.74 0.12
C ASP A 229 30.96 -24.52 0.26
N LYS A 230 31.45 -23.48 -0.39
CA LYS A 230 32.85 -23.07 -0.37
C LYS A 230 33.33 -22.54 1.01
N GLN A 231 32.45 -22.54 2.01
CA GLN A 231 32.87 -22.14 3.35
C GLN A 231 33.75 -23.23 3.96
N VAL A 232 33.51 -24.48 3.55
CA VAL A 232 34.31 -25.60 4.00
C VAL A 232 35.76 -25.38 3.64
N TYR A 233 35.98 -24.89 2.42
CA TYR A 233 37.32 -24.60 1.94
C TYR A 233 37.93 -23.38 2.66
N ARG A 234 37.12 -22.36 2.94
CA ARG A 234 37.62 -21.18 3.65
C ARG A 234 38.08 -21.50 5.07
N ASN A 235 37.37 -22.43 5.72
CA ASN A 235 37.64 -22.77 7.11
C ASN A 235 38.97 -23.46 7.30
N LEU A 236 39.51 -24.00 6.21
CA LEU A 236 40.78 -24.70 6.29
C LEU A 236 41.93 -23.71 6.54
N THR A 237 42.64 -23.89 7.64
CA THR A 237 43.86 -23.13 7.87
C THR A 237 44.98 -23.80 7.09
N THR A 238 45.04 -25.13 7.18
CA THR A 238 45.99 -25.88 6.38
C THR A 238 45.19 -26.71 5.37
N VAL A 239 45.78 -26.95 4.20
CA VAL A 239 45.05 -27.57 3.11
C VAL A 239 45.79 -28.78 2.56
N THR A 240 45.31 -29.98 2.87
CA THR A 240 45.88 -31.20 2.27
C THR A 240 45.01 -31.59 1.07
N ALA A 241 45.46 -32.57 0.29
CA ALA A 241 44.68 -33.01 -0.88
C ALA A 241 43.46 -33.79 -0.44
N ALA A 242 43.55 -34.36 0.75
CA ALA A 242 42.44 -35.08 1.35
C ALA A 242 41.33 -34.09 1.64
N ASP A 243 41.71 -32.93 2.20
CA ASP A 243 40.77 -31.83 2.47
C ASP A 243 40.06 -31.37 1.20
N LEU A 244 40.83 -31.25 0.11
CA LEU A 244 40.24 -30.88 -1.16
C LEU A 244 39.27 -31.94 -1.68
N ASP A 245 39.53 -33.20 -1.34
CA ASP A 245 38.67 -34.29 -1.77
C ASP A 245 37.26 -34.17 -1.20
N THR A 246 37.13 -33.81 0.09
CA THR A 246 35.80 -33.66 0.68
C THR A 246 35.08 -32.45 0.08
N VAL A 247 35.83 -31.43 -0.34
CA VAL A 247 35.26 -30.27 -1.01
C VAL A 247 34.78 -30.60 -2.44
N LYS A 248 35.53 -31.43 -3.15
CA LYS A 248 35.07 -31.92 -4.46
C LYS A 248 33.84 -32.80 -4.29
N ARG A 249 33.87 -33.62 -3.24
CA ARG A 249 32.76 -34.54 -3.00
C ARG A 249 31.54 -33.75 -2.57
N ASN A 250 31.77 -32.63 -1.87
CA ASN A 250 30.67 -31.75 -1.50
C ASN A 250 30.01 -31.07 -2.69
N PHE A 251 30.81 -30.55 -3.61
CA PHE A 251 30.28 -29.84 -4.77
C PHE A 251 29.57 -30.78 -5.74
N ALA A 252 30.05 -32.02 -5.81
CA ALA A 252 29.43 -33.03 -6.68
C ALA A 252 28.04 -33.38 -6.17
N TRP A 253 27.89 -33.46 -4.85
CA TRP A 253 26.59 -33.73 -4.25
C TRP A 253 25.59 -32.65 -4.61
N VAL A 254 26.02 -31.40 -4.54
CA VAL A 254 25.18 -30.28 -4.91
C VAL A 254 24.81 -30.30 -6.40
N LYS A 255 25.78 -30.55 -7.28
CA LYS A 255 25.50 -30.65 -8.73
C LYS A 255 24.48 -31.75 -8.98
N ASP A 256 24.57 -32.81 -8.19
CA ASP A 256 23.66 -33.94 -8.33
C ASP A 256 22.26 -33.57 -7.83
N GLN A 257 22.20 -32.83 -6.73
CA GLN A 257 20.95 -32.49 -6.10
C GLN A 257 20.08 -31.57 -6.95
N LEU A 258 20.70 -30.83 -7.86
CA LEU A 258 20.01 -29.84 -8.70
C LEU A 258 19.09 -30.52 -9.71
N ASP A 259 19.29 -31.81 -9.92
CA ASP A 259 18.49 -32.54 -10.89
C ASP A 259 17.10 -32.81 -10.33
N PHE A 260 16.94 -32.63 -9.03
CA PHE A 260 15.65 -32.79 -8.36
C PHE A 260 14.96 -31.46 -8.10
N LEU A 261 15.54 -30.37 -8.60
CA LEU A 261 15.06 -29.03 -8.26
C LEU A 261 14.09 -28.46 -9.29
N LYS A 262 13.91 -29.13 -10.42
CA LYS A 262 12.91 -28.70 -11.40
C LYS A 262 11.89 -29.80 -11.67
N PRO A 263 11.05 -30.12 -10.69
CA PRO A 263 10.09 -31.22 -10.85
C PRO A 263 8.79 -30.76 -11.51
N THR A 264 8.14 -31.68 -12.25
CA THR A 264 6.86 -31.39 -12.88
C THR A 264 5.70 -31.74 -11.93
N ILE A 265 5.14 -30.74 -11.27
CA ILE A 265 4.01 -30.97 -10.37
C ILE A 265 2.72 -30.97 -11.18
N HIS A 266 1.79 -31.85 -10.81
CA HIS A 266 0.59 -32.04 -11.61
C HIS A 266 -0.57 -31.22 -11.08
N HIS A 267 -1.18 -30.46 -11.97
CA HIS A 267 -2.33 -29.64 -11.60
C HIS A 267 -3.17 -29.33 -12.81
N LYS A 268 -4.42 -29.01 -12.54
CA LYS A 268 -5.32 -28.63 -13.60
C LYS A 268 -6.18 -27.48 -13.10
N VAL A 269 -6.31 -26.47 -13.95
CA VAL A 269 -7.25 -25.38 -13.78
C VAL A 269 -8.34 -25.64 -14.80
N VAL A 270 -9.57 -25.79 -14.33
CA VAL A 270 -10.69 -26.03 -15.23
C VAL A 270 -11.62 -24.81 -15.23
N VAL A 271 -11.88 -24.25 -16.40
CA VAL A 271 -12.83 -23.15 -16.52
C VAL A 271 -14.16 -23.67 -17.07
N PHE A 272 -15.23 -23.62 -16.26
CA PHE A 272 -16.55 -23.96 -16.77
C PHE A 272 -17.25 -22.70 -17.23
N MET A 273 -17.65 -22.63 -18.50
CA MET A 273 -18.51 -21.53 -18.95
C MET A 273 -19.92 -22.07 -19.17
N GLY A 274 -20.92 -21.32 -18.73
CA GLY A 274 -22.32 -21.72 -18.85
C GLY A 274 -22.89 -21.66 -20.26
N SER A 275 -22.21 -20.90 -21.12
CA SER A 275 -22.60 -20.75 -22.53
C SER A 275 -21.37 -20.59 -23.42
N PRO A 276 -21.41 -21.15 -24.65
CA PRO A 276 -20.31 -20.96 -25.60
C PRO A 276 -20.07 -19.49 -26.01
N ALA A 277 -21.01 -18.59 -25.70
CA ALA A 277 -20.77 -17.20 -26.05
C ALA A 277 -19.64 -16.60 -25.19
N ASP A 278 -19.37 -17.23 -24.05
CA ASP A 278 -18.37 -16.71 -23.12
C ASP A 278 -16.93 -17.11 -23.50
N GLN A 279 -16.74 -17.48 -24.75
CA GLN A 279 -15.52 -18.13 -25.23
C GLN A 279 -14.27 -17.26 -25.17
N GLU A 280 -14.34 -16.10 -25.81
CA GLU A 280 -13.24 -15.15 -25.83
C GLU A 280 -12.81 -14.78 -24.40
N HIS A 281 -13.80 -14.62 -23.52
CA HIS A 281 -13.51 -14.29 -22.12
C HIS A 281 -12.68 -15.39 -21.49
N CYS A 282 -13.07 -16.64 -21.73
CA CYS A 282 -12.37 -17.79 -21.17
C CYS A 282 -10.98 -17.97 -21.75
N GLN A 283 -10.84 -17.67 -23.04
CA GLN A 283 -9.56 -17.73 -23.70
C GLN A 283 -8.60 -16.67 -23.14
N LYS A 284 -9.13 -15.53 -22.71
CA LYS A 284 -8.32 -14.52 -22.02
C LYS A 284 -7.82 -15.03 -20.67
N ILE A 285 -8.65 -15.83 -19.99
CA ILE A 285 -8.22 -16.45 -18.75
C ILE A 285 -7.18 -17.47 -19.07
N ALA A 286 -7.49 -18.31 -20.07
CA ALA A 286 -6.59 -19.39 -20.43
C ALA A 286 -5.20 -18.86 -20.79
N LYS A 287 -5.19 -17.82 -21.62
CA LYS A 287 -3.95 -17.26 -22.15
C LYS A 287 -3.10 -16.83 -21.00
N ALA A 288 -3.72 -16.15 -20.04
CA ALA A 288 -3.00 -15.64 -18.89
C ALA A 288 -2.41 -16.74 -18.02
N ALA A 289 -3.18 -17.80 -17.80
CA ALA A 289 -2.78 -18.86 -16.91
C ALA A 289 -1.69 -19.70 -17.52
N ARG A 290 -1.80 -19.92 -18.82
CA ARG A 290 -0.79 -20.72 -19.52
C ARG A 290 0.56 -20.04 -19.53
N GLU A 291 0.56 -18.71 -19.62
CA GLU A 291 1.79 -17.93 -19.52
C GLU A 291 2.37 -17.92 -18.11
N LEU A 292 1.52 -18.13 -17.12
CA LEU A 292 2.01 -18.31 -15.75
C LEU A 292 2.43 -19.76 -15.55
N GLY A 293 2.20 -20.59 -16.56
CA GLY A 293 2.63 -21.98 -16.52
C GLY A 293 1.58 -22.97 -16.05
N LEU A 294 0.31 -22.65 -16.22
CA LEU A 294 -0.76 -23.54 -15.76
C LEU A 294 -1.33 -24.42 -16.89
N ASP A 295 -1.86 -25.59 -16.50
CA ASP A 295 -2.56 -26.44 -17.44
C ASP A 295 -4.05 -26.18 -17.32
N VAL A 296 -4.62 -25.69 -18.41
CA VAL A 296 -5.96 -25.17 -18.41
C VAL A 296 -6.85 -25.93 -19.36
N ASP A 297 -8.01 -26.35 -18.87
CA ASP A 297 -9.06 -26.91 -19.70
C ASP A 297 -10.25 -25.96 -19.73
N LEU A 298 -10.77 -25.73 -20.94
CA LEU A 298 -11.99 -24.94 -21.10
C LEU A 298 -13.16 -25.90 -21.31
N ARG A 299 -14.19 -25.80 -20.47
CA ARG A 299 -15.34 -26.66 -20.62
C ARG A 299 -16.64 -25.86 -20.69
N VAL A 300 -17.62 -26.36 -21.42
CA VAL A 300 -18.91 -25.72 -21.50
C VAL A 300 -19.93 -26.61 -20.81
N THR A 301 -20.64 -26.05 -19.83
CA THR A 301 -21.73 -26.72 -19.14
C THR A 301 -22.56 -25.72 -18.32
N SER A 302 -23.84 -26.01 -18.21
CA SER A 302 -24.80 -25.16 -17.54
C SER A 302 -25.19 -25.77 -16.19
N ALA A 303 -25.33 -24.96 -15.15
CA ALA A 303 -25.85 -25.50 -13.90
C ALA A 303 -27.40 -25.46 -13.86
N HIS A 304 -28.00 -24.83 -14.87
CA HIS A 304 -29.45 -24.73 -14.98
C HIS A 304 -30.00 -25.66 -16.06
N LYS A 305 -29.38 -25.64 -17.23
CA LYS A 305 -29.86 -26.38 -18.38
C LYS A 305 -29.32 -27.81 -18.43
N ALA A 306 -28.24 -28.06 -17.69
CA ALA A 306 -27.71 -29.42 -17.64
C ALA A 306 -27.13 -29.72 -16.27
N THR A 307 -27.97 -29.65 -15.24
CA THR A 307 -27.55 -29.77 -13.85
C THR A 307 -26.79 -31.09 -13.57
N GLU A 308 -27.36 -32.21 -14.00
CA GLU A 308 -26.77 -33.52 -13.74
C GLU A 308 -25.40 -33.69 -14.41
N GLU A 309 -25.27 -33.27 -15.67
CA GLU A 309 -24.02 -33.44 -16.42
C GLU A 309 -22.94 -32.48 -15.91
N THR A 310 -23.37 -31.33 -15.40
CA THR A 310 -22.44 -30.39 -14.78
C THR A 310 -21.68 -31.06 -13.62
N LEU A 311 -22.42 -31.69 -12.71
CA LEU A 311 -21.81 -32.44 -11.61
C LEU A 311 -21.00 -33.63 -12.10
N ARG A 312 -21.48 -34.30 -13.15
CA ARG A 312 -20.76 -35.47 -13.67
C ARG A 312 -19.40 -35.04 -14.24
N ILE A 313 -19.35 -33.89 -14.91
CA ILE A 313 -18.11 -33.41 -15.47
C ILE A 313 -17.14 -33.03 -14.38
N MET A 314 -17.64 -32.37 -13.34
CA MET A 314 -16.74 -31.95 -12.27
C MET A 314 -16.28 -33.15 -11.44
N GLN A 315 -17.08 -34.20 -11.40
CA GLN A 315 -16.69 -35.39 -10.66
C GLN A 315 -15.55 -36.09 -11.42
N GLN A 316 -15.54 -35.96 -12.74
CA GLN A 316 -14.50 -36.58 -13.53
C GLN A 316 -13.16 -35.93 -13.28
N TYR A 317 -13.18 -34.61 -13.05
CA TYR A 317 -11.96 -33.87 -12.72
C TYR A 317 -11.50 -34.20 -11.30
N GLU A 318 -12.47 -34.58 -10.46
CA GLU A 318 -12.19 -34.94 -9.08
C GLU A 318 -11.50 -36.30 -8.91
N ASP A 319 -11.39 -37.05 -10.00
CA ASP A 319 -10.59 -38.28 -10.06
C ASP A 319 -9.14 -37.91 -10.36
N THR A 320 -8.45 -37.37 -9.38
CA THR A 320 -7.05 -36.98 -9.54
C THR A 320 -6.32 -37.12 -8.24
N HIS A 321 -4.99 -37.08 -8.30
CA HIS A 321 -4.20 -36.88 -7.07
C HIS A 321 -3.38 -35.58 -7.17
N GLY A 322 -3.60 -34.85 -8.26
CA GLY A 322 -2.98 -33.55 -8.41
C GLY A 322 -3.86 -32.44 -7.88
N ALA A 323 -3.38 -31.21 -8.02
CA ALA A 323 -4.12 -30.05 -7.55
C ALA A 323 -5.19 -29.65 -8.56
N LEU A 324 -6.27 -29.04 -8.06
CA LEU A 324 -7.39 -28.76 -8.91
C LEU A 324 -8.04 -27.44 -8.55
N VAL A 325 -8.17 -26.56 -9.54
CA VAL A 325 -8.87 -25.30 -9.36
C VAL A 325 -9.93 -25.12 -10.43
N PHE A 326 -11.17 -24.83 -10.02
CA PHE A 326 -12.26 -24.51 -10.94
C PHE A 326 -12.52 -23.03 -11.08
N ILE A 327 -12.63 -22.57 -12.32
CA ILE A 327 -13.05 -21.20 -12.58
C ILE A 327 -14.42 -21.20 -13.22
N ALA A 328 -15.37 -20.48 -12.60
CA ALA A 328 -16.75 -20.42 -13.08
C ALA A 328 -17.07 -19.13 -13.80
N VAL A 329 -17.37 -19.27 -15.09
CA VAL A 329 -17.73 -18.16 -15.95
C VAL A 329 -19.19 -18.23 -16.42
N ALA A 330 -20.04 -17.41 -15.81
CA ALA A 330 -21.46 -17.44 -16.17
C ALA A 330 -22.04 -16.02 -16.17
N GLY A 331 -22.53 -15.59 -17.33
CA GLY A 331 -23.18 -14.30 -17.42
C GLY A 331 -24.54 -14.30 -16.71
N ARG A 332 -25.18 -13.15 -16.66
CA ARG A 332 -26.46 -13.00 -15.96
C ARG A 332 -26.39 -13.55 -14.54
N SER A 333 -27.49 -14.15 -14.08
CA SER A 333 -27.49 -14.74 -12.74
C SER A 333 -26.64 -16.03 -12.69
N ASN A 334 -25.55 -15.95 -11.93
CA ASN A 334 -24.59 -17.04 -11.85
C ASN A 334 -24.97 -18.08 -10.80
N GLY A 335 -25.47 -19.22 -11.26
CA GLY A 335 -25.74 -20.34 -10.37
C GLY A 335 -24.68 -21.41 -10.47
N LEU A 336 -23.89 -21.35 -11.55
CA LEU A 336 -22.84 -22.32 -11.86
C LEU A 336 -21.76 -22.39 -10.79
N GLY A 337 -21.17 -21.23 -10.50
CA GLY A 337 -20.14 -21.15 -9.49
C GLY A 337 -20.61 -21.65 -8.15
N PRO A 338 -21.72 -21.09 -7.62
CA PRO A 338 -22.25 -21.54 -6.34
C PRO A 338 -22.65 -22.98 -6.30
N VAL A 339 -23.13 -23.53 -7.42
CA VAL A 339 -23.49 -24.94 -7.45
C VAL A 339 -22.22 -25.82 -7.38
N LEU A 340 -21.17 -25.45 -8.13
CA LEU A 340 -19.89 -26.15 -7.98
C LEU A 340 -19.39 -26.08 -6.56
N SER A 341 -19.44 -24.88 -6.02
CA SER A 341 -18.94 -24.63 -4.69
C SER A 341 -19.66 -25.53 -3.68
N GLY A 342 -20.94 -25.82 -3.94
CA GLY A 342 -21.71 -26.65 -3.05
C GLY A 342 -21.46 -28.16 -3.18
N ASN A 343 -20.86 -28.56 -4.29
CA ASN A 343 -20.67 -29.98 -4.56
C ASN A 343 -19.21 -30.42 -4.62
N THR A 344 -18.27 -29.47 -4.51
CA THR A 344 -16.87 -29.86 -4.50
C THR A 344 -16.11 -29.24 -3.34
N SER A 345 -14.91 -29.73 -3.12
CA SER A 345 -14.13 -29.30 -1.99
C SER A 345 -12.95 -28.53 -2.52
N TYR A 346 -12.75 -28.58 -3.83
CA TYR A 346 -11.70 -27.81 -4.46
C TYR A 346 -12.15 -26.34 -4.60
N PRO A 347 -11.19 -25.41 -4.51
CA PRO A 347 -11.47 -23.99 -4.64
C PRO A 347 -12.19 -23.65 -5.93
N VAL A 348 -13.22 -22.81 -5.82
CA VAL A 348 -13.99 -22.37 -6.99
C VAL A 348 -13.95 -20.86 -7.06
N ILE A 349 -13.48 -20.35 -8.20
CA ILE A 349 -13.42 -18.89 -8.42
C ILE A 349 -14.41 -18.47 -9.50
N ASN A 350 -15.20 -17.44 -9.18
CA ASN A 350 -16.16 -16.85 -10.12
C ASN A 350 -15.59 -15.68 -10.92
N CYS A 351 -15.59 -15.82 -12.23
CA CYS A 351 -15.18 -14.73 -13.10
C CYS A 351 -16.25 -14.43 -14.14
N PRO A 352 -17.22 -13.60 -13.76
CA PRO A 352 -18.25 -13.24 -14.73
C PRO A 352 -17.61 -12.51 -15.89
N PRO A 353 -18.15 -12.69 -17.09
CA PRO A 353 -17.66 -11.98 -18.28
C PRO A 353 -18.11 -10.53 -18.19
N PRO A 354 -17.48 -9.63 -18.96
CA PRO A 354 -17.84 -8.22 -18.95
C PRO A 354 -19.24 -7.97 -19.52
N SER A 355 -19.92 -6.98 -18.97
CA SER A 355 -21.33 -6.74 -19.27
C SER A 355 -21.75 -5.45 -18.60
N ASP A 356 -22.72 -4.77 -19.19
CA ASP A 356 -23.26 -3.58 -18.57
C ASP A 356 -23.97 -3.98 -17.28
N LYS A 357 -24.55 -5.17 -17.32
CA LYS A 357 -25.34 -5.69 -16.23
C LYS A 357 -24.52 -6.28 -15.08
N LEU A 358 -23.19 -6.33 -15.25
CA LEU A 358 -22.31 -6.89 -14.22
C LEU A 358 -22.48 -6.18 -12.88
N VAL A 359 -22.82 -4.90 -12.93
CA VAL A 359 -23.11 -4.12 -11.74
C VAL A 359 -24.27 -4.67 -10.92
N GLN A 360 -25.29 -5.21 -11.58
CA GLN A 360 -26.43 -5.81 -10.88
C GLN A 360 -26.17 -7.26 -10.59
N ASP A 361 -25.64 -7.94 -11.62
CA ASP A 361 -25.50 -9.40 -11.63
C ASP A 361 -24.42 -9.96 -10.74
N ILE A 362 -23.47 -9.13 -10.35
CA ILE A 362 -22.35 -9.67 -9.60
C ILE A 362 -22.78 -10.20 -8.24
N TRP A 363 -23.92 -9.76 -7.74
CA TRP A 363 -24.34 -10.21 -6.44
C TRP A 363 -24.83 -11.63 -6.48
N SER A 364 -25.02 -12.18 -7.67
CA SER A 364 -25.39 -13.59 -7.81
C SER A 364 -24.17 -14.46 -7.58
N SER A 365 -22.99 -13.86 -7.77
CA SER A 365 -21.69 -14.48 -7.52
C SER A 365 -21.29 -14.31 -6.08
N LEU A 366 -21.22 -13.07 -5.63
CA LEU A 366 -21.08 -12.75 -4.22
C LEU A 366 -22.32 -13.22 -3.51
N SER A 367 -22.37 -13.08 -2.20
CA SER A 367 -23.61 -13.38 -1.45
C SER A 367 -24.14 -14.77 -1.80
N VAL A 368 -23.29 -15.75 -1.52
CA VAL A 368 -23.67 -17.13 -1.66
C VAL A 368 -24.37 -17.58 -0.38
N PRO A 369 -25.11 -18.70 -0.45
CA PRO A 369 -25.68 -19.26 0.79
C PRO A 369 -24.61 -19.69 1.78
N SER A 370 -25.01 -19.76 3.04
CA SER A 370 -24.08 -20.09 4.11
C SER A 370 -23.40 -21.45 3.93
N GLY A 371 -22.07 -21.49 4.07
CA GLY A 371 -21.38 -22.75 3.94
C GLY A 371 -20.84 -23.02 2.55
N LEU A 372 -20.79 -21.98 1.72
CA LEU A 372 -20.14 -22.10 0.42
C LEU A 372 -18.93 -21.17 0.36
N GLY A 373 -17.81 -21.70 -0.14
CA GLY A 373 -16.56 -20.98 -0.16
C GLY A 373 -16.19 -20.40 -1.52
N CYS A 374 -17.17 -20.29 -2.39
CA CYS A 374 -17.00 -19.63 -3.66
C CYS A 374 -16.40 -18.21 -3.48
N ALA A 375 -15.33 -17.89 -4.21
CA ALA A 375 -14.73 -16.53 -4.19
C ALA A 375 -14.95 -15.85 -5.54
N THR A 376 -14.98 -14.53 -5.54
CA THR A 376 -15.33 -13.77 -6.73
C THR A 376 -14.24 -12.77 -7.14
N VAL A 377 -14.04 -12.72 -8.45
CA VAL A 377 -13.02 -11.92 -9.11
C VAL A 377 -13.74 -11.29 -10.31
N ILE A 378 -13.25 -10.18 -10.84
CA ILE A 378 -14.01 -9.44 -11.86
C ILE A 378 -13.33 -9.31 -13.25
N TYR A 379 -12.02 -9.54 -13.30
CA TYR A 379 -11.27 -9.50 -14.54
C TYR A 379 -10.62 -10.84 -14.86
N PRO A 380 -10.57 -11.20 -16.14
CA PRO A 380 -10.00 -12.50 -16.55
C PRO A 380 -8.55 -12.69 -16.15
N ASP A 381 -7.73 -11.66 -16.28
CA ASP A 381 -6.34 -11.78 -15.87
C ASP A 381 -6.26 -12.06 -14.38
N SER A 382 -7.07 -11.36 -13.61
CA SER A 382 -6.99 -11.54 -12.17
C SER A 382 -7.49 -12.91 -11.70
N ALA A 383 -8.30 -13.58 -12.52
CA ALA A 383 -8.77 -14.90 -12.14
C ALA A 383 -7.66 -15.92 -12.37
N ALA A 384 -6.93 -15.74 -13.46
CA ALA A 384 -5.82 -16.64 -13.74
C ALA A 384 -4.75 -16.49 -12.66
N LEU A 385 -4.56 -15.26 -12.18
CA LEU A 385 -3.62 -14.97 -11.12
C LEU A 385 -4.02 -15.63 -9.80
N MET A 386 -5.31 -15.58 -9.46
CA MET A 386 -5.78 -16.29 -8.26
C MET A 386 -5.49 -17.79 -8.37
N ALA A 387 -5.80 -18.36 -9.52
CA ALA A 387 -5.53 -19.78 -9.78
C ALA A 387 -4.04 -20.07 -9.67
N ALA A 388 -3.24 -19.18 -10.24
CA ALA A 388 -1.78 -19.32 -10.15
C ALA A 388 -1.27 -19.24 -8.72
N GLN A 389 -1.77 -18.28 -7.97
CA GLN A 389 -1.35 -18.11 -6.58
C GLN A 389 -1.70 -19.32 -5.74
N ILE A 390 -2.80 -19.99 -6.08
CA ILE A 390 -3.24 -21.18 -5.34
C ILE A 390 -2.31 -22.36 -5.65
N ILE A 391 -2.07 -22.57 -6.93
CA ILE A 391 -1.21 -23.65 -7.43
C ILE A 391 0.29 -23.41 -7.14
N GLY A 392 0.68 -22.13 -7.05
CA GLY A 392 2.03 -21.77 -6.69
C GLY A 392 2.42 -22.21 -5.30
N LEU A 393 1.44 -22.58 -4.47
CA LEU A 393 1.75 -23.10 -3.15
C LEU A 393 2.40 -24.49 -3.28
N GLN A 394 2.28 -25.09 -4.46
CA GLN A 394 2.83 -26.42 -4.66
C GLN A 394 3.90 -26.45 -5.74
N ASP A 395 4.02 -25.36 -6.48
CA ASP A 395 4.92 -25.34 -7.61
C ASP A 395 5.72 -24.07 -7.52
N TYR A 396 6.96 -24.15 -7.04
CA TYR A 396 7.68 -22.90 -6.76
C TYR A 396 7.90 -22.11 -8.04
N LEU A 397 7.87 -22.81 -9.17
CA LEU A 397 8.10 -22.19 -10.46
C LEU A 397 6.97 -21.26 -10.86
N VAL A 398 5.74 -21.67 -10.58
CA VAL A 398 4.61 -20.80 -10.84
C VAL A 398 4.72 -19.61 -9.91
N TRP A 399 4.98 -19.90 -8.65
CA TRP A 399 5.18 -18.87 -7.64
C TRP A 399 6.31 -17.90 -8.02
N GLY A 400 7.40 -18.43 -8.59
CA GLY A 400 8.46 -17.58 -9.11
C GLY A 400 7.91 -16.61 -10.16
N ARG A 401 7.17 -17.15 -11.12
CA ARG A 401 6.65 -16.35 -12.24
C ARG A 401 5.71 -15.23 -11.83
N LEU A 402 4.98 -15.45 -10.74
CA LEU A 402 4.14 -14.42 -10.17
C LEU A 402 5.00 -13.27 -9.64
N ARG A 403 6.09 -13.61 -8.94
CA ARG A 403 6.96 -12.57 -8.39
C ARG A 403 7.70 -11.85 -9.48
N SER A 404 8.04 -12.57 -10.54
CA SER A 404 8.75 -11.99 -11.65
C SER A 404 7.84 -10.99 -12.37
N LYS A 405 6.57 -11.34 -12.45
CA LYS A 405 5.63 -10.47 -13.11
C LYS A 405 5.48 -9.12 -12.35
N GLN A 406 5.50 -9.19 -11.01
CA GLN A 406 5.40 -7.98 -10.20
C GLN A 406 6.60 -7.09 -10.43
N LEU A 407 7.77 -7.70 -10.53
CA LEU A 407 8.97 -6.95 -10.81
C LEU A 407 8.88 -6.33 -12.20
N ASP A 408 8.33 -7.09 -13.15
CA ASP A 408 8.22 -6.59 -14.52
C ASP A 408 7.33 -5.34 -14.58
N MET A 409 6.22 -5.39 -13.86
CA MET A 409 5.22 -4.33 -13.87
C MET A 409 5.73 -3.07 -13.21
N ALA A 410 6.50 -3.26 -12.15
CA ALA A 410 7.07 -2.13 -11.43
C ALA A 410 8.13 -1.48 -12.30
N HIS A 411 8.92 -2.31 -12.99
CA HIS A 411 10.00 -1.80 -13.84
C HIS A 411 9.40 -1.08 -15.05
N SER A 412 8.25 -1.55 -15.52
CA SER A 412 7.57 -0.91 -16.64
C SER A 412 6.99 0.45 -16.30
N LEU A 413 6.52 0.62 -15.07
CA LEU A 413 6.00 1.91 -14.59
C LEU A 413 7.06 2.98 -14.64
N ARG A 414 8.28 2.60 -14.29
CA ARG A 414 9.39 3.55 -14.32
C ARG A 414 9.70 3.93 -15.75
N GLN A 415 9.59 2.98 -16.68
CA GLN A 415 9.80 3.33 -18.08
C GLN A 415 8.76 4.39 -18.48
N ALA A 416 7.51 4.15 -18.12
CA ALA A 416 6.45 5.09 -18.41
C ALA A 416 6.60 6.43 -17.66
N ASP A 417 7.06 6.37 -16.41
CA ASP A 417 7.23 7.59 -15.63
C ASP A 417 8.29 8.45 -16.31
N LYS A 418 9.37 7.80 -16.76
CA LYS A 418 10.45 8.52 -17.41
C LYS A 418 10.01 9.25 -18.71
N LYS A 419 8.97 8.74 -19.37
CA LYS A 419 8.46 9.36 -20.61
C LYS A 419 7.51 10.55 -20.39
N LEU A 420 6.77 10.59 -19.28
CA LEU A 420 5.77 11.66 -19.08
C LEU A 420 6.31 12.74 -18.13
N ARG A 421 7.53 12.53 -17.65
CA ARG A 421 8.03 13.25 -16.49
C ARG A 421 8.49 14.68 -16.81
N LEU B 15 20.60 14.46 44.47
CA LEU B 15 21.47 13.41 43.96
C LEU B 15 22.25 13.88 42.73
N LEU B 16 22.50 12.99 41.77
CA LEU B 16 23.32 13.35 40.61
C LEU B 16 23.34 12.35 39.42
N ILE B 17 23.57 12.90 38.22
CA ILE B 17 24.03 12.19 37.01
C ILE B 17 25.02 13.11 36.27
N GLU B 18 26.21 12.62 35.93
CA GLU B 18 27.28 13.49 35.41
C GLU B 18 27.59 13.40 33.90
N GLY B 19 28.02 14.52 33.33
CA GLY B 19 28.33 14.63 31.92
C GLY B 19 29.38 15.72 31.64
N LYS B 20 29.85 15.79 30.40
CA LYS B 20 30.77 16.84 29.98
C LYS B 20 30.12 18.21 30.06
N THR B 21 29.03 18.36 29.31
CA THR B 21 28.33 19.64 29.19
C THR B 21 27.18 19.87 30.20
N LYS B 22 26.80 18.84 30.95
CA LYS B 22 25.63 18.92 31.83
C LYS B 22 25.70 18.08 33.12
N GLN B 23 24.98 18.49 34.14
CA GLN B 23 24.80 17.67 35.32
C GLN B 23 23.32 17.48 35.52
N VAL B 24 22.90 16.28 35.91
CA VAL B 24 21.48 16.04 36.15
C VAL B 24 21.29 15.56 37.57
N PHE B 25 20.66 16.40 38.38
CA PHE B 25 20.50 16.13 39.79
C PHE B 25 19.07 15.69 40.01
N ASP B 26 18.83 14.85 41.03
CA ASP B 26 17.45 14.54 41.40
C ASP B 26 16.87 15.79 42.08
N VAL B 27 15.55 15.97 41.95
CA VAL B 27 14.80 17.02 42.64
C VAL B 27 13.77 16.33 43.55
N PRO B 28 14.12 16.17 44.84
CA PRO B 28 13.44 15.27 45.80
C PRO B 28 12.07 15.73 46.24
N ASP B 29 11.78 17.02 46.13
CA ASP B 29 10.48 17.54 46.57
C ASP B 29 9.45 17.38 45.46
N GLN B 30 9.93 17.33 44.23
CA GLN B 30 9.03 17.15 43.11
C GLN B 30 9.26 15.77 42.53
N PRO B 31 8.33 14.85 42.81
CA PRO B 31 8.38 13.48 42.34
C PRO B 31 8.15 13.47 40.83
N GLY B 32 9.18 13.12 40.07
CA GLY B 32 9.07 13.23 38.63
C GLY B 32 10.39 13.40 37.92
N LEU B 35 13.42 15.45 37.95
CA LEU B 35 14.82 15.71 37.60
C LEU B 35 15.07 17.19 37.25
N LEU B 36 16.29 17.67 37.54
CA LEU B 36 16.79 18.94 37.01
C LEU B 36 18.10 18.77 36.27
N LEU B 37 18.18 19.38 35.09
CA LEU B 37 19.40 19.38 34.31
C LEU B 37 20.08 20.76 34.44
N ASN B 38 21.35 20.72 34.86
CA ASN B 38 22.15 21.92 35.07
C ASN B 38 23.24 22.03 34.03
N LYS B 39 23.16 23.02 33.15
CA LYS B 39 24.11 23.11 32.04
C LYS B 39 25.45 23.74 32.45
N ASP B 40 26.54 23.20 31.91
CA ASP B 40 27.87 23.65 32.29
C ASP B 40 28.46 24.57 31.22
N ARG B 41 29.36 25.45 31.64
CA ARG B 41 29.97 26.42 30.74
C ARG B 41 31.26 25.88 30.10
N ILE B 42 31.16 24.67 29.54
CA ILE B 42 32.31 24.02 28.92
C ILE B 42 31.93 23.66 27.50
N THR B 43 32.92 23.46 26.63
CA THR B 43 32.65 23.04 25.25
C THR B 43 33.56 21.86 24.88
N ALA B 44 32.97 20.67 24.68
CA ALA B 44 33.75 19.45 24.51
C ALA B 44 33.55 18.75 23.16
N GLY B 45 34.08 19.34 22.10
CA GLY B 45 34.04 18.72 20.79
C GLY B 45 34.68 17.34 20.73
N ALA B 50 39.23 20.34 21.69
CA ALA B 50 38.93 19.16 22.52
C ALA B 50 38.06 19.48 23.75
N HIS B 51 38.53 20.36 24.62
CA HIS B 51 37.76 20.78 25.78
C HIS B 51 38.24 22.14 26.33
N ASP B 52 37.36 23.12 26.40
CA ASP B 52 37.68 24.48 26.90
C ASP B 52 36.54 25.04 27.77
N LEU B 53 36.67 26.28 28.25
CA LEU B 53 35.64 26.91 29.11
C LEU B 53 35.05 28.17 28.47
N GLU B 54 33.82 28.52 28.86
CA GLU B 54 33.10 29.72 28.33
C GLU B 54 32.02 30.31 29.26
N GLY B 55 31.14 31.16 28.71
CA GLY B 55 29.97 31.62 29.45
C GLY B 55 28.65 31.11 28.85
N LYS B 56 28.67 29.87 28.36
CA LYS B 56 27.66 29.39 27.42
C LYS B 56 26.58 28.47 27.97
N ALA B 57 26.59 28.20 29.27
CA ALA B 57 25.55 27.33 29.83
C ALA B 57 24.19 28.00 29.69
N ALA B 58 24.17 29.32 29.85
CA ALA B 58 22.92 30.06 29.74
C ALA B 58 22.39 30.10 28.31
N ILE B 59 23.30 30.21 27.34
CA ILE B 59 22.93 30.22 25.94
C ILE B 59 22.36 28.85 25.52
N SER B 60 23.06 27.79 25.91
CA SER B 60 22.63 26.43 25.60
C SER B 60 21.29 26.14 26.22
N ASN B 61 21.14 26.46 27.50
CA ASN B 61 19.89 26.22 28.21
C ASN B 61 18.72 26.91 27.55
N GLN B 62 18.90 28.17 27.18
CA GLN B 62 17.86 28.92 26.52
C GLN B 62 17.59 28.43 25.10
N THR B 63 18.65 28.06 24.39
CA THR B 63 18.49 27.50 23.04
C THR B 63 17.61 26.25 23.11
N ASN B 64 17.96 25.40 24.06
CA ASN B 64 17.28 24.14 24.24
C ASN B 64 15.81 24.34 24.52
N ALA B 65 15.53 25.18 25.49
CA ALA B 65 14.18 25.41 25.97
C ALA B 65 13.25 25.91 24.88
N LYS B 66 13.78 26.73 23.98
CA LYS B 66 12.98 27.26 22.88
C LYS B 66 12.68 26.14 21.88
N VAL B 67 13.68 25.31 21.62
CA VAL B 67 13.52 24.16 20.74
C VAL B 67 12.47 23.20 21.29
N PHE B 68 12.53 22.90 22.58
CA PHE B 68 11.56 21.98 23.17
C PHE B 68 10.14 22.54 23.20
N GLU B 69 10.02 23.86 23.27
CA GLU B 69 8.69 24.47 23.27
C GLU B 69 8.06 24.29 21.89
N ILE B 70 8.88 24.42 20.84
CA ILE B 70 8.38 24.28 19.49
C ILE B 70 7.95 22.86 19.22
N LEU B 71 8.69 21.89 19.78
CA LEU B 71 8.40 20.48 19.53
C LEU B 71 7.23 20.05 20.35
N LYS B 72 7.08 20.64 21.51
CA LYS B 72 5.92 20.39 22.34
C LYS B 72 4.70 20.97 21.64
N SER B 73 4.90 22.08 20.97
CA SER B 73 3.81 22.76 20.31
C SER B 73 3.37 21.93 19.06
N ALA B 74 4.27 21.12 18.53
CA ALA B 74 3.96 20.20 17.45
C ALA B 74 3.34 18.90 17.94
N GLY B 75 3.55 18.55 19.21
CA GLY B 75 2.91 17.39 19.78
C GLY B 75 3.87 16.28 20.17
N ILE B 76 5.15 16.53 19.94
CA ILE B 76 6.21 15.58 20.32
C ILE B 76 6.28 15.38 21.83
N LYS B 77 6.44 14.13 22.27
CA LYS B 77 6.52 13.83 23.68
C LYS B 77 7.95 13.98 24.21
N THR B 78 8.14 14.87 25.18
CA THR B 78 9.48 15.22 25.67
C THR B 78 9.62 15.05 27.16
N ALA B 79 10.85 15.02 27.64
CA ALA B 79 11.09 14.92 29.07
C ALA B 79 11.01 16.34 29.65
N PHE B 80 11.01 17.34 28.76
CA PHE B 80 11.17 18.72 29.18
C PHE B 80 9.89 19.30 29.74
N VAL B 81 10.01 19.95 30.89
CA VAL B 81 8.86 20.57 31.53
C VAL B 81 8.89 22.10 31.46
N LYS B 82 9.93 22.70 32.03
CA LYS B 82 10.06 24.16 32.04
C LYS B 82 11.46 24.64 32.43
N ILE B 83 11.74 25.89 32.12
CA ILE B 83 12.95 26.55 32.55
C ILE B 83 12.92 26.75 34.07
N ALA B 84 14.03 26.40 34.74
CA ALA B 84 14.16 26.52 36.19
C ALA B 84 14.94 27.76 36.60
N SER B 85 15.97 28.04 35.82
CA SER B 85 16.76 29.24 35.99
C SER B 85 17.40 29.56 34.66
N GLU B 86 18.43 30.39 34.67
CA GLU B 86 18.99 30.87 33.42
C GLU B 86 19.86 29.77 32.79
N THR B 87 20.30 28.81 33.60
CA THR B 87 21.20 27.76 33.10
C THR B 87 20.66 26.35 33.36
N ALA B 88 19.48 26.27 33.96
CA ALA B 88 18.89 24.97 34.25
C ALA B 88 17.45 24.90 33.75
N PHE B 89 16.97 23.66 33.57
CA PHE B 89 15.57 23.41 33.28
C PHE B 89 15.10 22.15 33.98
N LEU B 90 13.79 22.08 34.18
CA LEU B 90 13.20 20.93 34.84
C LEU B 90 12.74 19.89 33.80
N SER B 91 13.08 18.64 34.06
CA SER B 91 12.81 17.57 33.11
C SER B 91 12.14 16.40 33.81
N LYS B 92 11.24 15.72 33.09
CA LYS B 92 10.68 14.49 33.62
C LYS B 92 11.84 13.48 33.73
N LYS B 93 11.91 12.77 34.86
CA LYS B 93 13.01 11.82 35.10
C LYS B 93 12.85 10.58 34.26
N CYS B 94 13.87 10.24 33.48
CA CYS B 94 13.78 9.04 32.67
C CYS B 94 15.14 8.46 32.29
N GLU B 95 15.17 7.14 32.10
CA GLU B 95 16.38 6.40 31.81
C GLU B 95 16.75 6.43 30.33
N MET B 96 17.98 6.88 30.04
CA MET B 96 18.39 7.12 28.67
C MET B 96 18.75 5.85 27.88
N ILE B 97 18.35 5.79 26.62
CA ILE B 97 18.79 4.75 25.70
C ILE B 97 20.13 5.18 25.18
N PRO B 98 21.13 4.34 25.30
CA PRO B 98 22.47 4.81 24.93
C PRO B 98 22.69 4.87 23.41
N ILE B 99 21.76 5.48 22.69
CA ILE B 99 21.88 5.70 21.25
C ILE B 99 21.74 7.16 20.91
N GLU B 100 22.66 7.65 20.08
CA GLU B 100 22.52 8.92 19.41
C GLU B 100 21.76 8.74 18.09
N TRP B 101 20.61 9.41 17.96
CA TRP B 101 19.79 9.32 16.75
C TRP B 101 20.07 10.50 15.81
N VAL B 102 20.69 10.22 14.68
CA VAL B 102 21.19 11.27 13.79
C VAL B 102 20.44 11.34 12.46
N THR B 103 20.02 12.55 12.08
CA THR B 103 19.31 12.75 10.84
C THR B 103 20.07 13.73 9.97
N ARG B 104 20.16 13.43 8.67
CA ARG B 104 20.82 14.29 7.71
C ARG B 104 19.91 14.57 6.54
N ARG B 105 19.98 15.79 6.03
CA ARG B 105 19.31 16.12 4.81
C ARG B 105 20.31 16.13 3.66
N LEU B 106 21.55 16.49 3.99
CA LEU B 106 22.63 16.65 3.04
C LEU B 106 23.74 15.75 3.47
N ALA B 107 24.59 15.41 2.52
CA ALA B 107 25.83 14.72 2.84
C ALA B 107 26.91 15.70 3.24
N THR B 108 27.38 15.60 4.48
CA THR B 108 28.59 16.32 4.90
C THR B 108 29.12 15.69 6.18
N GLY B 109 30.28 16.13 6.61
CA GLY B 109 30.88 15.62 7.83
C GLY B 109 31.41 14.20 7.71
N SER B 110 31.27 13.44 8.80
CA SER B 110 31.83 12.10 8.87
C SER B 110 31.16 11.14 7.91
N PHE B 111 30.00 11.51 7.39
CA PHE B 111 29.28 10.67 6.43
C PHE B 111 30.17 10.52 5.20
N LEU B 112 30.87 11.60 4.85
CA LEU B 112 31.70 11.60 3.66
C LEU B 112 32.82 10.59 3.84
N LYS B 113 33.36 10.53 5.06
CA LYS B 113 34.45 9.59 5.35
C LYS B 113 33.93 8.15 5.31
N ARG B 114 32.74 7.91 5.85
CA ARG B 114 32.16 6.57 5.85
C ARG B 114 31.61 6.11 4.48
N ASN B 115 31.32 7.06 3.58
CA ASN B 115 30.82 6.73 2.24
C ASN B 115 31.59 7.43 1.14
N PRO B 116 32.86 7.06 0.94
CA PRO B 116 33.66 7.72 -0.11
C PRO B 116 33.04 7.67 -1.53
N GLY B 117 33.00 8.83 -2.18
CA GLY B 117 32.47 8.95 -3.53
C GLY B 117 31.19 9.77 -3.52
N VAL B 118 30.51 9.76 -2.39
CA VAL B 118 29.33 10.58 -2.23
C VAL B 118 29.79 12.00 -1.90
N PRO B 119 29.49 12.95 -2.79
CA PRO B 119 29.98 14.32 -2.64
C PRO B 119 29.22 15.11 -1.58
N GLU B 120 29.88 16.10 -1.00
CA GLU B 120 29.23 16.98 -0.04
C GLU B 120 28.02 17.66 -0.67
N GLY B 121 26.90 17.64 0.05
CA GLY B 121 25.71 18.30 -0.45
C GLY B 121 24.75 17.37 -1.14
N PHE B 122 25.11 16.09 -1.24
CA PHE B 122 24.23 15.06 -1.79
C PHE B 122 22.97 15.07 -0.94
N ARG B 123 21.82 15.17 -1.62
CA ARG B 123 20.56 15.36 -0.91
C ARG B 123 19.85 14.04 -0.59
N PHE B 124 19.39 13.92 0.66
CA PHE B 124 18.73 12.73 1.16
C PHE B 124 17.21 12.89 1.27
N THR B 125 16.49 12.26 0.36
CA THR B 125 15.02 12.37 0.37
C THR B 125 14.40 10.95 0.33
N PRO B 126 13.86 10.48 1.47
CA PRO B 126 13.66 11.14 2.76
C PRO B 126 14.98 11.39 3.53
N PRO B 127 14.94 12.15 4.63
CA PRO B 127 16.21 12.36 5.34
C PRO B 127 16.82 11.03 5.82
N LYS B 128 18.13 10.91 5.62
CA LYS B 128 18.91 9.78 6.06
C LYS B 128 18.90 9.74 7.56
N GLN B 129 18.71 8.57 8.17
CA GLN B 129 18.81 8.47 9.63
C GLN B 129 19.63 7.27 10.11
N GLU B 130 20.67 7.59 10.86
CA GLU B 130 21.65 6.62 11.34
C GLU B 130 21.71 6.64 12.86
N THR B 131 22.24 5.57 13.44
CA THR B 131 22.32 5.43 14.90
C THR B 131 23.75 5.11 15.35
N PHE B 132 24.08 5.61 16.53
CA PHE B 132 25.41 5.52 17.10
C PHE B 132 25.33 5.12 18.55
N PHE B 133 26.28 4.30 18.98
CA PHE B 133 26.27 3.83 20.35
C PHE B 133 27.14 4.68 21.26
N LYS B 134 26.75 4.75 22.54
CA LYS B 134 27.52 5.44 23.57
C LYS B 134 28.68 4.61 24.09
N ASP B 135 29.84 4.76 23.45
CA ASP B 135 31.08 4.08 23.82
C ASP B 135 32.20 5.01 23.34
N ASP B 140 31.56 6.14 20.31
CA ASP B 140 30.60 6.41 19.25
C ASP B 140 30.67 5.57 17.97
N PRO B 141 30.65 4.23 18.10
CA PRO B 141 30.64 3.48 16.86
C PRO B 141 29.21 3.44 16.31
N GLN B 142 29.08 3.27 15.00
CA GLN B 142 27.78 3.15 14.37
C GLN B 142 27.15 1.79 14.61
N TRP B 143 25.85 1.77 14.89
CA TRP B 143 25.10 0.52 15.01
C TRP B 143 24.00 0.51 13.99
N SER B 144 23.65 -0.70 13.58
CA SER B 144 22.49 -0.96 12.74
C SER B 144 21.28 -1.16 13.64
N GLU B 145 20.10 -1.12 13.05
CA GLU B 145 18.89 -1.38 13.82
C GLU B 145 18.92 -2.80 14.40
N GLU B 146 19.48 -3.74 13.65
CA GLU B 146 19.68 -5.10 14.12
C GLU B 146 20.50 -5.13 15.40
N GLN B 147 21.61 -4.38 15.40
CA GLN B 147 22.48 -4.32 16.58
C GLN B 147 21.71 -3.79 17.79
N ILE B 148 20.92 -2.73 17.57
CA ILE B 148 20.10 -2.15 18.63
C ILE B 148 19.06 -3.17 19.15
N ILE B 149 18.48 -3.92 18.23
CA ILE B 149 17.53 -4.95 18.63
C ILE B 149 18.22 -6.09 19.37
N SER B 150 19.32 -6.59 18.83
CA SER B 150 20.01 -7.74 19.43
C SER B 150 20.69 -7.36 20.75
N ALA B 151 20.80 -6.08 21.02
CA ALA B 151 21.41 -5.63 22.26
C ALA B 151 20.50 -5.91 23.44
N LYS B 152 19.21 -6.13 23.15
CA LYS B 152 18.19 -6.35 24.18
C LYS B 152 18.25 -5.34 25.32
N PHE B 153 18.29 -4.04 24.98
CA PHE B 153 18.23 -2.96 25.97
C PHE B 153 16.89 -2.97 26.72
N ASN B 154 16.94 -2.64 28.00
CA ASN B 154 15.77 -2.68 28.85
C ASN B 154 15.82 -1.52 29.83
N TYR B 155 14.85 -0.62 29.74
CA TYR B 155 14.81 0.56 30.63
C TYR B 155 13.41 0.80 31.16
N ASN B 156 13.31 0.96 32.48
CA ASN B 156 12.01 1.14 33.13
C ASN B 156 10.96 0.13 32.68
N GLY B 157 11.40 -1.11 32.46
CA GLY B 157 10.49 -2.18 32.13
C GLY B 157 10.17 -2.25 30.67
N LEU B 158 10.75 -1.32 29.90
CA LEU B 158 10.52 -1.31 28.47
C LEU B 158 11.71 -1.92 27.75
N LEU B 159 11.52 -3.10 27.18
CA LEU B 159 12.59 -3.68 26.39
C LEU B 159 12.47 -3.13 24.96
N ILE B 160 13.59 -2.70 24.40
CA ILE B 160 13.60 -2.04 23.10
C ILE B 160 13.64 -3.04 21.95
N GLY B 161 12.51 -3.21 21.28
CA GLY B 161 12.45 -4.10 20.14
C GLY B 161 12.35 -3.35 18.85
N ARG B 162 12.03 -4.05 17.77
CA ARG B 162 11.95 -3.39 16.48
C ARG B 162 10.86 -2.32 16.46
N ASP B 163 9.79 -2.53 17.23
CA ASP B 163 8.72 -1.52 17.31
C ASP B 163 9.23 -0.22 17.92
N GLU B 164 9.98 -0.33 19.00
CA GLU B 164 10.48 0.84 19.70
C GLU B 164 11.52 1.56 18.83
N VAL B 165 12.37 0.81 18.15
CA VAL B 165 13.34 1.37 17.21
C VAL B 165 12.66 2.07 16.03
N ASP B 166 11.58 1.48 15.54
CA ASP B 166 10.79 2.08 14.47
C ASP B 166 10.27 3.44 14.91
N TYR B 167 9.72 3.47 16.13
CA TYR B 167 9.18 4.70 16.68
C TYR B 167 10.25 5.78 16.77
N MET B 168 11.44 5.42 17.26
CA MET B 168 12.50 6.41 17.41
C MET B 168 13.03 6.83 16.05
N ARG B 169 13.05 5.93 15.07
CA ARG B 169 13.48 6.33 13.75
C ARG B 169 12.48 7.33 13.16
N LYS B 170 11.21 6.96 13.25
CA LYS B 170 10.16 7.79 12.68
C LYS B 170 10.07 9.13 13.36
N ALA B 171 10.21 9.16 14.69
CA ALA B 171 10.15 10.41 15.45
C ALA B 171 11.36 11.30 15.18
N THR B 172 12.52 10.69 15.07
CA THR B 172 13.75 11.41 14.80
C THR B 172 13.64 12.16 13.47
N ILE B 173 13.18 11.47 12.43
CA ILE B 173 12.97 12.10 11.13
C ILE B 173 11.93 13.22 11.25
N LEU B 174 10.86 12.94 12.01
CA LEU B 174 9.79 13.89 12.23
C LEU B 174 10.30 15.12 12.94
N ILE B 175 11.12 14.92 13.97
CA ILE B 175 11.67 16.07 14.69
C ILE B 175 12.61 16.90 13.83
N PHE B 176 13.47 16.24 13.04
CA PHE B 176 14.32 16.96 12.11
C PHE B 176 13.48 17.74 11.10
N GLU B 177 12.39 17.14 10.61
CA GLU B 177 11.58 17.80 9.59
C GLU B 177 10.88 19.07 10.10
N ILE B 178 10.42 19.01 11.35
CA ILE B 178 9.80 20.16 12.00
C ILE B 178 10.79 21.33 12.16
N LEU B 179 12.00 21.04 12.67
CA LEU B 179 13.01 22.05 12.87
C LEU B 179 13.57 22.60 11.57
N GLU B 180 13.65 21.74 10.56
CA GLU B 180 14.11 22.14 9.25
C GLU B 180 13.18 23.22 8.73
N LYS B 181 11.89 22.98 8.90
CA LYS B 181 10.85 23.87 8.45
C LYS B 181 10.88 25.19 9.24
N ALA B 182 10.98 25.07 10.56
CA ALA B 182 11.10 26.25 11.40
C ALA B 182 12.34 27.11 11.04
N TRP B 183 13.53 26.51 10.96
CA TRP B 183 14.73 27.29 10.64
C TRP B 183 14.65 27.97 9.28
N ALA B 184 13.75 27.48 8.43
CA ALA B 184 13.61 28.05 7.10
C ALA B 184 12.93 29.43 7.12
N LEU B 185 12.32 29.78 8.25
CA LEU B 185 11.72 31.10 8.41
C LEU B 185 12.78 32.18 8.59
N ARG B 186 13.91 31.82 9.16
CA ARG B 186 14.98 32.77 9.38
C ARG B 186 16.09 32.46 8.37
N ASP B 187 15.69 31.87 7.24
CA ASP B 187 16.58 31.66 6.10
C ASP B 187 17.79 30.80 6.42
N CYS B 188 17.63 29.87 7.35
CA CYS B 188 18.71 28.96 7.69
C CYS B 188 18.39 27.55 7.26
N ALA B 189 19.38 26.93 6.61
CA ALA B 189 19.32 25.52 6.26
C ALA B 189 19.81 24.71 7.43
N LEU B 190 18.94 23.88 7.98
CA LEU B 190 19.32 22.88 8.97
C LEU B 190 19.88 21.70 8.17
N ILE B 191 21.11 21.28 8.47
CA ILE B 191 21.75 20.28 7.62
C ILE B 191 21.69 18.88 8.25
N ASP B 192 21.91 18.81 9.55
CA ASP B 192 21.75 17.56 10.29
C ASP B 192 21.54 17.78 11.77
N MET B 193 21.25 16.70 12.50
CA MET B 193 20.91 16.77 13.90
C MET B 193 21.30 15.52 14.65
N LYS B 194 21.36 15.66 15.97
CA LYS B 194 21.51 14.52 16.83
C LYS B 194 20.55 14.72 17.99
N ILE B 195 19.85 13.67 18.38
CA ILE B 195 18.98 13.73 19.56
C ILE B 195 19.16 12.47 20.36
N GLU B 196 18.59 12.45 21.56
CA GLU B 196 18.65 11.25 22.38
C GLU B 196 17.30 10.97 23.02
N PHE B 197 16.99 9.69 23.23
CA PHE B 197 15.70 9.29 23.79
C PHE B 197 15.89 8.65 25.17
N GLY B 198 14.83 8.68 25.98
CA GLY B 198 14.86 8.09 27.29
C GLY B 198 13.54 7.40 27.56
N VAL B 199 13.48 6.60 28.62
CA VAL B 199 12.24 5.93 28.98
C VAL B 199 11.74 6.38 30.35
N ASP B 200 10.50 6.88 30.40
CA ASP B 200 9.93 7.37 31.65
C ASP B 200 9.44 6.25 32.55
N THR B 201 8.99 6.64 33.74
CA THR B 201 8.51 5.70 34.73
C THR B 201 7.37 4.84 34.19
N GLU B 202 6.52 5.44 33.37
CA GLU B 202 5.33 4.75 32.86
C GLU B 202 5.61 3.91 31.62
N GLY B 203 6.88 3.77 31.24
CA GLY B 203 7.24 2.90 30.13
C GLY B 203 7.12 3.58 28.78
N SER B 204 6.98 4.91 28.79
CA SER B 204 6.85 5.63 27.55
C SER B 204 8.20 6.22 27.09
N ILE B 205 8.44 6.18 25.79
CA ILE B 205 9.67 6.74 25.24
C ILE B 205 9.53 8.24 25.00
N VAL B 206 10.40 9.03 25.63
CA VAL B 206 10.32 10.47 25.44
C VAL B 206 11.61 11.01 24.82
N LEU B 207 11.48 12.03 24.00
CA LEU B 207 12.65 12.76 23.49
C LEU B 207 13.28 13.57 24.61
N ALA B 208 14.55 13.33 24.86
CA ALA B 208 15.16 13.78 26.09
C ALA B 208 16.53 14.44 25.85
N ASP B 209 17.35 14.48 26.89
CA ASP B 209 18.64 15.18 26.88
C ASP B 209 18.50 16.65 26.47
N VAL B 210 19.18 17.04 25.40
CA VAL B 210 19.34 18.45 25.05
C VAL B 210 19.45 18.65 23.55
N ILE B 211 18.73 19.64 23.02
CA ILE B 211 18.97 20.04 21.63
C ILE B 211 19.41 21.50 21.60
N ASP B 212 20.68 21.73 21.31
CA ASP B 212 21.17 23.11 21.17
C ASP B 212 22.10 23.21 19.98
N SER B 213 22.97 24.22 19.98
CA SER B 213 23.89 24.41 18.85
C SER B 213 25.02 23.36 18.79
N ASP B 214 25.12 22.49 19.79
CA ASP B 214 26.08 21.39 19.70
C ASP B 214 25.41 20.20 19.05
N SER B 215 24.08 20.24 18.99
CA SER B 215 23.29 19.11 18.56
C SER B 215 23.08 19.11 17.07
N TRP B 216 23.37 20.21 16.42
CA TRP B 216 23.05 20.30 15.00
C TRP B 216 24.10 20.94 14.12
N ARG B 217 23.80 21.00 12.84
CA ARG B 217 24.67 21.67 11.90
C ARG B 217 23.80 22.68 11.14
N LEU B 218 24.04 23.98 11.36
CA LEU B 218 23.20 25.06 10.80
C LEU B 218 23.91 25.92 9.77
N TRP B 219 23.37 26.03 8.56
CA TRP B 219 23.95 26.94 7.56
C TRP B 219 22.97 28.04 7.13
N PRO B 220 23.35 29.31 7.37
CA PRO B 220 22.56 30.41 6.84
C PRO B 220 22.71 30.52 5.33
N SER B 221 21.58 30.72 4.65
CA SER B 221 21.52 30.81 3.19
C SER B 221 21.97 29.51 2.54
N GLY B 222 21.99 28.44 3.33
CA GLY B 222 22.49 27.17 2.83
C GLY B 222 23.98 27.25 2.53
N ASP B 223 24.65 28.25 3.13
CA ASP B 223 26.05 28.49 2.88
C ASP B 223 26.95 27.86 3.94
N LYS B 224 27.69 26.86 3.49
CA LYS B 224 28.62 26.14 4.33
C LYS B 224 29.58 27.10 5.02
N ARG B 225 29.94 28.20 4.35
CA ARG B 225 30.89 29.17 4.89
C ARG B 225 30.35 29.91 6.10
N LEU B 226 29.03 30.05 6.17
CA LEU B 226 28.42 30.86 7.22
C LEU B 226 27.96 30.05 8.42
N MET B 227 28.41 28.78 8.50
CA MET B 227 27.98 27.85 9.55
C MET B 227 28.03 28.49 10.94
N VAL B 228 27.09 28.11 11.80
CA VAL B 228 26.91 28.76 13.10
C VAL B 228 26.96 27.79 14.26
N ASP B 229 27.19 26.52 13.95
CA ASP B 229 27.11 25.43 14.93
C ASP B 229 28.48 25.10 15.53
N LYS B 230 28.54 24.05 16.36
CA LYS B 230 29.80 23.61 16.98
C LYS B 230 30.84 23.07 16.01
N GLN B 231 30.55 23.10 14.70
CA GLN B 231 31.53 22.64 13.73
C GLN B 231 32.73 23.60 13.63
N VAL B 232 32.47 24.89 13.84
CA VAL B 232 33.52 25.90 13.83
C VAL B 232 34.58 25.55 14.86
N TYR B 233 34.09 25.13 16.03
CA TYR B 233 34.98 24.73 17.11
C TYR B 233 35.67 23.39 16.80
N ARG B 234 34.95 22.44 16.20
CA ARG B 234 35.50 21.11 15.92
C ARG B 234 36.67 21.18 14.92
N ASN B 235 36.58 22.09 13.96
CA ASN B 235 37.65 22.24 12.95
C ASN B 235 38.97 22.85 13.45
N LEU B 236 38.93 23.54 14.61
CA LEU B 236 40.15 24.14 15.16
C LEU B 236 41.12 23.07 15.71
N THR B 237 42.37 23.08 15.24
CA THR B 237 43.44 22.27 15.86
C THR B 237 44.01 23.10 17.03
N THR B 238 44.24 24.38 16.79
CA THR B 238 44.67 25.27 17.86
C THR B 238 43.54 26.27 18.19
N VAL B 239 43.36 26.54 19.48
CA VAL B 239 42.18 27.27 20.00
C VAL B 239 42.54 28.51 20.84
N THR B 240 42.25 29.69 20.31
CA THR B 240 42.46 30.95 21.03
C THR B 240 41.19 31.42 21.73
N ALA B 241 41.30 32.46 22.56
CA ALA B 241 40.15 33.04 23.23
C ALA B 241 39.29 33.84 22.24
N ALA B 242 39.93 34.30 21.18
CA ALA B 242 39.22 35.01 20.14
C ALA B 242 38.30 34.05 19.41
N ASP B 243 38.85 32.89 19.09
CA ASP B 243 38.12 31.82 18.45
C ASP B 243 36.90 31.43 19.31
N LEU B 244 37.09 31.36 20.63
CA LEU B 244 35.98 31.07 21.54
C LEU B 244 34.93 32.18 21.51
N ASP B 245 35.37 33.42 21.32
CA ASP B 245 34.43 34.53 21.31
C ASP B 245 33.51 34.40 20.11
N THR B 246 34.09 34.07 18.96
CA THR B 246 33.30 33.96 17.74
C THR B 246 32.31 32.81 17.84
N VAL B 247 32.65 31.79 18.63
CA VAL B 247 31.75 30.68 18.87
C VAL B 247 30.59 31.14 19.73
N LYS B 248 30.87 31.94 20.74
CA LYS B 248 29.81 32.44 21.62
C LYS B 248 28.84 33.35 20.86
N ARG B 249 29.38 34.20 19.99
CA ARG B 249 28.54 35.12 19.24
C ARG B 249 27.67 34.38 18.22
N ASN B 250 28.20 33.29 17.69
CA ASN B 250 27.44 32.42 16.80
C ASN B 250 26.32 31.72 17.56
N PHE B 251 26.62 31.20 18.75
CA PHE B 251 25.60 30.52 19.54
C PHE B 251 24.58 31.51 20.08
N ALA B 252 25.04 32.71 20.40
CA ALA B 252 24.13 33.73 20.93
C ALA B 252 23.16 34.16 19.84
N TRP B 253 23.67 34.28 18.62
CA TRP B 253 22.83 34.61 17.46
C TRP B 253 21.72 33.57 17.23
N VAL B 254 22.09 32.29 17.27
CA VAL B 254 21.15 31.20 17.10
C VAL B 254 20.08 31.28 18.18
N LYS B 255 20.49 31.48 19.43
CA LYS B 255 19.53 31.61 20.51
C LYS B 255 18.58 32.75 20.21
N ASP B 256 19.12 33.82 19.63
CA ASP B 256 18.32 35.00 19.35
C ASP B 256 17.38 34.74 18.17
N GLN B 257 17.84 34.01 17.16
CA GLN B 257 17.01 33.77 15.98
C GLN B 257 15.82 32.88 16.29
N LEU B 258 15.92 32.10 17.37
CA LEU B 258 14.88 31.14 17.72
C LEU B 258 13.59 31.82 18.17
N ASP B 259 13.68 33.10 18.51
CA ASP B 259 12.52 33.83 18.99
C ASP B 259 11.56 34.18 17.86
N PHE B 260 12.04 34.12 16.63
CA PHE B 260 11.22 34.46 15.49
C PHE B 260 10.69 33.19 14.84
N LEU B 261 10.95 32.04 15.46
CA LEU B 261 10.66 30.77 14.81
C LEU B 261 9.28 30.23 15.17
N LYS B 262 8.61 30.86 16.14
CA LYS B 262 7.23 30.49 16.46
C LYS B 262 6.24 31.69 16.32
N PRO B 263 6.01 32.14 15.07
CA PRO B 263 5.17 33.32 14.78
C PRO B 263 3.65 33.02 14.67
N THR B 264 2.82 34.03 14.98
CA THR B 264 1.36 33.88 14.88
C THR B 264 0.83 34.13 13.47
N ILE B 265 0.60 33.06 12.71
CA ILE B 265 0.10 33.17 11.35
C ILE B 265 -1.41 33.31 11.36
N HIS B 266 -1.93 34.16 10.48
CA HIS B 266 -3.35 34.48 10.52
C HIS B 266 -4.12 33.64 9.51
N HIS B 267 -5.15 32.95 9.99
CA HIS B 267 -6.00 32.18 9.12
C HIS B 267 -7.36 31.99 9.78
N LYS B 268 -8.38 31.74 8.96
CA LYS B 268 -9.70 31.43 9.49
C LYS B 268 -10.34 30.27 8.71
N VAL B 269 -10.91 29.31 9.44
CA VAL B 269 -11.75 28.27 8.83
C VAL B 269 -13.20 28.51 9.20
N VAL B 270 -14.03 28.71 8.19
CA VAL B 270 -15.43 28.97 8.44
C VAL B 270 -16.28 27.79 7.97
N VAL B 271 -17.08 27.27 8.90
CA VAL B 271 -18.08 26.26 8.60
C VAL B 271 -19.47 26.86 8.49
N PHE B 272 -20.03 26.79 7.28
CA PHE B 272 -21.41 27.18 6.99
C PHE B 272 -22.28 25.97 7.01
N MET B 273 -23.25 25.93 7.92
CA MET B 273 -24.24 24.87 7.90
C MET B 273 -25.55 25.45 7.37
N GLY B 274 -26.25 24.66 6.55
CA GLY B 274 -27.52 25.07 5.98
C GLY B 274 -28.66 25.05 6.98
N SER B 275 -28.49 24.32 8.08
CA SER B 275 -29.50 24.25 9.15
C SER B 275 -28.88 24.03 10.53
N PRO B 276 -29.45 24.68 11.57
CA PRO B 276 -28.98 24.48 12.93
C PRO B 276 -29.10 23.04 13.36
N ALA B 277 -29.86 22.25 12.61
CA ALA B 277 -30.04 20.84 12.89
C ALA B 277 -28.73 20.08 12.67
N ASP B 278 -27.84 20.61 11.84
CA ASP B 278 -26.58 19.97 11.51
C ASP B 278 -25.51 20.26 12.58
N GLN B 279 -25.97 20.58 13.78
CA GLN B 279 -25.15 21.15 14.86
C GLN B 279 -24.01 20.25 15.39
N GLU B 280 -24.34 19.03 15.83
CA GLU B 280 -23.29 18.12 16.27
C GLU B 280 -22.22 17.84 15.20
N HIS B 281 -22.66 17.73 13.95
CA HIS B 281 -21.72 17.39 12.88
C HIS B 281 -20.68 18.47 12.76
N CYS B 282 -21.13 19.73 12.75
CA CYS B 282 -20.21 20.86 12.60
C CYS B 282 -19.26 21.00 13.78
N GLN B 283 -19.78 20.72 14.97
CA GLN B 283 -18.97 20.76 16.17
C GLN B 283 -17.87 19.70 16.15
N LYS B 284 -18.16 18.55 15.53
CA LYS B 284 -17.15 17.52 15.36
C LYS B 284 -16.05 18.05 14.46
N ILE B 285 -16.41 18.81 13.44
CA ILE B 285 -15.40 19.43 12.60
C ILE B 285 -14.62 20.45 13.40
N ALA B 286 -15.33 21.32 14.12
CA ALA B 286 -14.68 22.35 14.91
C ALA B 286 -13.70 21.73 15.89
N LYS B 287 -14.14 20.69 16.60
CA LYS B 287 -13.32 20.06 17.63
C LYS B 287 -12.02 19.52 17.05
N ALA B 288 -12.12 18.84 15.90
CA ALA B 288 -10.96 18.24 15.26
C ALA B 288 -9.94 19.28 14.82
N ALA B 289 -10.44 20.36 14.21
CA ALA B 289 -9.60 21.39 13.64
C ALA B 289 -8.92 22.23 14.73
N ARG B 290 -9.64 22.44 15.82
CA ARG B 290 -9.09 23.18 16.96
C ARG B 290 -7.94 22.42 17.61
N GLU B 291 -8.02 21.09 17.56
CA GLU B 291 -6.96 20.22 18.06
C GLU B 291 -5.74 20.33 17.18
N LEU B 292 -5.96 20.65 15.92
CA LEU B 292 -4.86 20.90 14.98
C LEU B 292 -4.37 22.35 15.00
N GLY B 293 -4.99 23.20 15.82
CA GLY B 293 -4.54 24.57 15.98
C GLY B 293 -5.25 25.60 15.08
N LEU B 294 -6.45 25.25 14.59
CA LEU B 294 -7.15 26.15 13.69
C LEU B 294 -8.17 27.04 14.40
N ASP B 295 -8.45 28.22 13.83
CA ASP B 295 -9.50 29.13 14.34
C ASP B 295 -10.79 28.94 13.56
N VAL B 296 -11.84 28.52 14.24
CA VAL B 296 -13.02 28.07 13.53
C VAL B 296 -14.25 28.90 13.90
N ASP B 297 -15.02 29.28 12.87
CA ASP B 297 -16.33 29.89 13.06
C ASP B 297 -17.38 28.97 12.51
N LEU B 298 -18.44 28.77 13.30
CA LEU B 298 -19.60 28.01 12.85
C LEU B 298 -20.69 28.99 12.50
N ARG B 299 -21.20 28.93 11.27
CA ARG B 299 -22.28 29.86 10.90
C ARG B 299 -23.47 29.18 10.23
N VAL B 300 -24.65 29.73 10.44
CA VAL B 300 -25.88 29.20 9.86
C VAL B 300 -26.38 30.11 8.75
N THR B 301 -26.61 29.55 7.56
CA THR B 301 -27.22 30.27 6.42
C THR B 301 -27.65 29.32 5.30
N SER B 302 -28.68 29.70 4.56
CA SER B 302 -29.19 28.88 3.45
C SER B 302 -28.85 29.53 2.13
N ALA B 303 -28.43 28.73 1.16
CA ALA B 303 -28.20 29.26 -0.17
C ALA B 303 -29.51 29.27 -0.97
N HIS B 304 -30.56 28.71 -0.37
CA HIS B 304 -31.89 28.65 -0.99
C HIS B 304 -32.86 29.62 -0.33
N LYS B 305 -32.87 29.57 1.00
CA LYS B 305 -33.81 30.35 1.80
C LYS B 305 -33.26 31.74 2.19
N ALA B 306 -31.96 31.93 2.04
CA ALA B 306 -31.36 33.23 2.32
C ALA B 306 -30.20 33.49 1.38
N THR B 307 -30.47 33.47 0.07
CA THR B 307 -29.38 33.49 -0.90
C THR B 307 -28.44 34.70 -0.78
N GLU B 308 -29.03 35.88 -0.78
CA GLU B 308 -28.30 37.15 -0.73
C GLU B 308 -27.49 37.30 0.58
N GLU B 309 -28.04 36.84 1.71
CA GLU B 309 -27.33 36.94 2.98
C GLU B 309 -26.18 35.92 3.06
N THR B 310 -26.35 34.77 2.41
CA THR B 310 -25.27 33.80 2.30
C THR B 310 -24.06 34.45 1.63
N LEU B 311 -24.28 35.09 0.49
CA LEU B 311 -23.21 35.82 -0.18
C LEU B 311 -22.61 36.91 0.68
N ARG B 312 -23.48 37.56 1.45
CA ARG B 312 -23.10 38.67 2.32
C ARG B 312 -22.17 38.23 3.45
N ILE B 313 -22.43 37.05 3.99
CA ILE B 313 -21.62 36.52 5.07
C ILE B 313 -20.23 36.14 4.56
N MET B 314 -20.15 35.56 3.37
CA MET B 314 -18.82 35.18 2.87
C MET B 314 -17.96 36.39 2.47
N GLN B 315 -18.60 37.50 2.06
CA GLN B 315 -17.85 38.71 1.73
C GLN B 315 -17.30 39.37 2.98
N GLN B 316 -17.92 39.09 4.11
CA GLN B 316 -17.42 39.60 5.37
C GLN B 316 -16.16 38.83 5.78
N TYR B 317 -16.13 37.55 5.46
CA TYR B 317 -14.94 36.76 5.73
C TYR B 317 -13.82 37.07 4.73
N GLU B 318 -14.21 37.53 3.54
CA GLU B 318 -13.24 37.86 2.49
C GLU B 318 -12.47 39.16 2.74
N ASP B 319 -12.90 39.93 3.74
CA ASP B 319 -12.15 41.10 4.18
C ASP B 319 -11.05 40.64 5.15
N THR B 320 -10.01 40.00 4.61
CA THR B 320 -8.82 39.57 5.36
C THR B 320 -7.60 39.56 4.46
N HIS B 321 -6.43 39.48 5.08
CA HIS B 321 -5.22 39.24 4.32
C HIS B 321 -4.62 37.90 4.76
N GLY B 322 -5.35 37.23 5.65
CA GLY B 322 -4.97 35.91 6.10
C GLY B 322 -5.54 34.84 5.20
N ALA B 323 -5.29 33.58 5.55
CA ALA B 323 -5.82 32.47 4.78
C ALA B 323 -7.27 32.20 5.18
N LEU B 324 -8.02 31.64 4.25
CA LEU B 324 -9.44 31.41 4.49
C LEU B 324 -9.90 30.10 3.85
N VAL B 325 -10.49 29.25 4.67
CA VAL B 325 -11.10 28.03 4.14
C VAL B 325 -12.55 27.95 4.56
N PHE B 326 -13.40 27.74 3.57
CA PHE B 326 -14.82 27.51 3.79
C PHE B 326 -15.15 26.02 3.75
N ILE B 327 -15.83 25.57 4.79
CA ILE B 327 -16.37 24.24 4.82
C ILE B 327 -17.86 24.38 4.78
N ALA B 328 -18.48 23.76 3.77
CA ALA B 328 -19.93 23.78 3.60
C ALA B 328 -20.58 22.49 4.05
N VAL B 329 -21.48 22.61 5.02
CA VAL B 329 -22.24 21.47 5.56
C VAL B 329 -23.71 21.57 5.16
N ALA B 330 -24.15 20.74 4.23
CA ALA B 330 -25.55 20.83 3.82
C ALA B 330 -26.18 19.46 3.57
N GLY B 331 -27.23 19.17 4.32
CA GLY B 331 -27.99 17.95 4.10
C GLY B 331 -28.77 18.03 2.82
N ARG B 332 -29.36 16.90 2.43
CA ARG B 332 -30.13 16.80 1.21
C ARG B 332 -29.39 17.30 -0.02
N SER B 333 -30.09 17.98 -0.91
CA SER B 333 -29.44 18.57 -2.07
C SER B 333 -28.62 19.77 -1.64
N ASN B 334 -27.31 19.59 -1.72
CA ASN B 334 -26.37 20.61 -1.30
C ASN B 334 -26.13 21.60 -2.43
N GLY B 335 -26.76 22.76 -2.31
CA GLY B 335 -26.53 23.85 -3.23
C GLY B 335 -25.62 24.84 -2.56
N LEU B 336 -25.48 24.70 -1.24
CA LEU B 336 -24.66 25.61 -0.45
C LEU B 336 -23.22 25.62 -0.92
N GLY B 337 -22.58 24.46 -0.84
CA GLY B 337 -21.20 24.34 -1.22
C GLY B 337 -20.94 24.86 -2.63
N PRO B 338 -21.65 24.32 -3.61
CA PRO B 338 -21.45 24.84 -4.97
C PRO B 338 -21.74 26.31 -5.13
N VAL B 339 -22.70 26.86 -4.38
CA VAL B 339 -22.99 28.29 -4.52
C VAL B 339 -21.85 29.16 -3.97
N LEU B 340 -21.27 28.78 -2.84
CA LEU B 340 -20.09 29.46 -2.30
C LEU B 340 -18.97 29.45 -3.33
N SER B 341 -18.71 28.27 -3.87
CA SER B 341 -17.63 28.07 -4.81
C SER B 341 -17.77 28.94 -6.06
N GLY B 342 -19.00 29.16 -6.50
CA GLY B 342 -19.22 29.93 -7.70
C GLY B 342 -19.04 31.39 -7.43
N ASN B 343 -19.08 31.76 -6.15
CA ASN B 343 -19.01 33.15 -5.75
C ASN B 343 -17.75 33.56 -4.99
N THR B 344 -16.88 32.61 -4.67
CA THR B 344 -15.61 32.97 -4.05
C THR B 344 -14.44 32.31 -4.73
N SER B 345 -13.25 32.76 -4.37
CA SER B 345 -12.04 32.26 -4.99
C SER B 345 -11.22 31.53 -3.94
N TYR B 346 -11.69 31.57 -2.69
CA TYR B 346 -11.09 30.75 -1.62
C TYR B 346 -11.59 29.30 -1.69
N PRO B 347 -10.74 28.32 -1.31
CA PRO B 347 -11.14 26.92 -1.33
C PRO B 347 -12.40 26.63 -0.50
N VAL B 348 -13.29 25.82 -1.06
CA VAL B 348 -14.52 25.41 -0.39
C VAL B 348 -14.57 23.87 -0.28
N ILE B 349 -14.79 23.36 0.93
CA ILE B 349 -14.93 21.93 1.11
C ILE B 349 -16.35 21.58 1.48
N ASN B 350 -16.87 20.53 0.82
CA ASN B 350 -18.16 19.94 1.15
C ASN B 350 -17.99 18.84 2.17
N CYS B 351 -18.67 18.99 3.31
CA CYS B 351 -18.74 17.90 4.29
C CYS B 351 -20.18 17.66 4.74
N PRO B 352 -20.96 16.90 3.94
CA PRO B 352 -22.37 16.62 4.25
C PRO B 352 -22.50 15.87 5.55
N PRO B 353 -23.56 16.14 6.31
CA PRO B 353 -23.76 15.40 7.56
C PRO B 353 -24.18 13.94 7.27
N PRO B 354 -23.96 13.03 8.23
CA PRO B 354 -24.27 11.60 7.98
C PRO B 354 -25.75 11.36 7.78
N SER B 355 -26.10 10.40 6.92
CA SER B 355 -27.50 10.18 6.56
C SER B 355 -27.65 8.93 5.67
N ASP B 356 -28.81 8.29 5.74
CA ASP B 356 -29.06 7.13 4.89
C ASP B 356 -29.11 7.56 3.44
N LYS B 357 -29.57 8.77 3.23
CA LYS B 357 -29.73 9.29 1.89
C LYS B 357 -28.40 9.77 1.28
N LEU B 358 -27.31 9.75 2.05
CA LEU B 358 -26.04 10.29 1.56
C LEU B 358 -25.58 9.62 0.26
N VAL B 359 -25.88 8.33 0.11
CA VAL B 359 -25.58 7.60 -1.12
C VAL B 359 -26.26 8.24 -2.33
N GLN B 360 -27.44 8.80 -2.13
CA GLN B 360 -28.12 9.50 -3.21
C GLN B 360 -27.70 10.97 -3.23
N ASP B 361 -27.69 11.61 -2.06
CA ASP B 361 -27.52 13.05 -1.98
C ASP B 361 -26.12 13.52 -2.35
N ILE B 362 -25.15 12.62 -2.32
CA ILE B 362 -23.78 13.06 -2.47
C ILE B 362 -23.44 13.61 -3.84
N TRP B 363 -24.19 13.23 -4.85
CA TRP B 363 -23.87 13.73 -6.17
C TRP B 363 -24.25 15.20 -6.31
N SER B 364 -24.96 15.75 -5.34
CA SER B 364 -25.24 17.18 -5.43
C SER B 364 -23.98 17.97 -5.04
N SER B 365 -23.10 17.34 -4.26
CA SER B 365 -21.81 17.92 -3.86
C SER B 365 -20.76 17.68 -4.93
N LEU B 366 -20.58 16.42 -5.28
CA LEU B 366 -19.78 16.09 -6.46
C LEU B 366 -20.53 16.65 -7.66
N SER B 367 -19.93 16.59 -8.84
CA SER B 367 -20.66 17.01 -10.07
C SER B 367 -21.25 18.41 -9.96
N VAL B 368 -20.34 19.35 -9.77
CA VAL B 368 -20.68 20.75 -9.78
C VAL B 368 -20.65 21.13 -11.24
N PRO B 369 -21.32 22.24 -11.61
CA PRO B 369 -21.18 22.70 -13.00
C PRO B 369 -19.74 23.06 -13.30
N SER B 370 -19.35 23.01 -14.56
CA SER B 370 -17.99 23.28 -14.96
C SER B 370 -17.53 24.65 -14.44
N GLY B 371 -16.30 24.73 -13.99
CA GLY B 371 -15.77 26.00 -13.55
C GLY B 371 -15.89 26.21 -12.06
N LEU B 372 -16.24 25.15 -11.32
CA LEU B 372 -16.26 25.24 -9.87
C LEU B 372 -15.22 24.33 -9.26
N GLY B 373 -14.51 24.83 -8.26
CA GLY B 373 -13.44 24.06 -7.64
C GLY B 373 -13.81 23.45 -6.29
N CYS B 374 -15.09 23.39 -6.02
CA CYS B 374 -15.65 22.73 -4.85
C CYS B 374 -15.11 21.25 -4.78
N ALA B 375 -14.52 20.87 -3.65
CA ALA B 375 -13.99 19.50 -3.40
C ALA B 375 -14.85 18.86 -2.34
N THR B 376 -14.89 17.52 -2.30
CA THR B 376 -15.83 16.82 -1.40
C THR B 376 -15.18 15.81 -0.45
N VAL B 377 -15.71 15.79 0.78
CA VAL B 377 -15.24 14.90 1.84
C VAL B 377 -16.49 14.41 2.57
N ILE B 378 -16.42 13.26 3.25
CA ILE B 378 -17.61 12.60 3.80
C ILE B 378 -17.63 12.46 5.33
N TYR B 379 -16.46 12.62 5.94
CA TYR B 379 -16.36 12.50 7.39
C TYR B 379 -15.92 13.81 7.99
N PRO B 380 -16.51 14.18 9.14
CA PRO B 380 -16.17 15.45 9.78
C PRO B 380 -14.70 15.59 10.18
N ASP B 381 -14.08 14.54 10.69
CA ASP B 381 -12.66 14.61 11.02
C ASP B 381 -11.88 14.91 9.76
N SER B 382 -12.24 14.25 8.67
CA SER B 382 -11.51 14.40 7.41
C SER B 382 -11.70 15.78 6.74
N ALA B 383 -12.73 16.51 7.11
CA ALA B 383 -12.84 17.87 6.55
C ALA B 383 -11.85 18.77 7.27
N ALA B 384 -11.74 18.56 8.57
CA ALA B 384 -10.85 19.37 9.39
C ALA B 384 -9.41 19.15 8.97
N LEU B 385 -9.08 17.93 8.54
CA LEU B 385 -7.72 17.63 8.09
C LEU B 385 -7.39 18.34 6.78
N MET B 386 -8.32 18.28 5.81
CA MET B 386 -8.15 19.00 4.55
C MET B 386 -7.90 20.47 4.84
N ALA B 387 -8.71 21.02 5.74
CA ALA B 387 -8.58 22.42 6.11
C ALA B 387 -7.19 22.65 6.66
N ALA B 388 -6.76 21.80 7.60
CA ALA B 388 -5.41 21.91 8.19
C ALA B 388 -4.30 21.69 7.18
N GLN B 389 -4.48 20.74 6.27
CA GLN B 389 -3.46 20.50 5.26
C GLN B 389 -3.27 21.74 4.38
N ILE B 390 -4.33 22.48 4.16
CA ILE B 390 -4.25 23.66 3.34
C ILE B 390 -3.53 24.75 4.11
N ILE B 391 -3.98 24.99 5.34
CA ILE B 391 -3.42 26.01 6.20
C ILE B 391 -1.95 25.76 6.63
N GLY B 392 -1.59 24.48 6.77
CA GLY B 392 -0.23 24.13 7.10
C GLY B 392 0.79 24.53 6.03
N LEU B 393 0.32 24.88 4.83
CA LEU B 393 1.26 25.32 3.80
C LEU B 393 1.85 26.67 4.20
N GLN B 394 1.19 27.32 5.16
CA GLN B 394 1.56 28.65 5.65
C GLN B 394 1.89 28.68 7.16
N ASP B 395 1.60 27.58 7.84
CA ASP B 395 1.79 27.48 9.27
C ASP B 395 2.49 26.17 9.56
N TYR B 396 3.81 26.19 9.76
CA TYR B 396 4.56 24.95 9.84
C TYR B 396 4.16 24.16 11.08
N LEU B 397 3.72 24.88 12.11
CA LEU B 397 3.30 24.25 13.35
C LEU B 397 2.03 23.42 13.17
N VAL B 398 1.08 23.92 12.37
CA VAL B 398 -0.08 23.10 12.00
C VAL B 398 0.36 21.92 11.13
N TRP B 399 1.23 22.22 10.17
CA TRP B 399 1.82 21.18 9.34
C TRP B 399 2.51 20.14 10.24
N GLY B 400 3.20 20.61 11.27
CA GLY B 400 3.83 19.73 12.24
C GLY B 400 2.85 18.77 12.88
N ARG B 401 1.74 19.29 13.36
CA ARG B 401 0.77 18.46 14.08
C ARG B 401 0.11 17.33 13.24
N LEU B 402 -0.02 17.57 11.93
CA LEU B 402 -0.56 16.58 11.02
C LEU B 402 0.38 15.41 10.92
N ARG B 403 1.66 15.71 10.80
CA ARG B 403 2.67 14.67 10.74
C ARG B 403 2.77 13.97 12.07
N SER B 404 2.58 14.74 13.12
CA SER B 404 2.73 14.21 14.46
C SER B 404 1.58 13.23 14.75
N LYS B 405 0.39 13.56 14.24
CA LYS B 405 -0.80 12.71 14.36
C LYS B 405 -0.68 11.42 13.56
N GLN B 406 -0.04 11.48 12.40
CA GLN B 406 0.23 10.27 11.62
C GLN B 406 1.16 9.36 12.40
N LEU B 407 2.10 9.95 13.13
CA LEU B 407 2.96 9.15 13.98
C LEU B 407 2.16 8.55 15.12
N ASP B 408 1.26 9.33 15.74
CA ASP B 408 0.48 8.80 16.85
C ASP B 408 -0.36 7.60 16.40
N MET B 409 -0.96 7.72 15.21
CA MET B 409 -1.87 6.70 14.71
C MET B 409 -1.16 5.41 14.40
N ALA B 410 0.03 5.51 13.84
CA ALA B 410 0.78 4.31 13.51
C ALA B 410 1.27 3.58 14.76
N HIS B 411 1.70 4.33 15.78
CA HIS B 411 2.17 3.73 17.03
C HIS B 411 0.99 3.09 17.78
N SER B 412 -0.20 3.63 17.59
CA SER B 412 -1.41 3.05 18.20
C SER B 412 -1.79 1.72 17.59
N LEU B 413 -1.63 1.61 16.28
CA LEU B 413 -1.91 0.37 15.62
C LEU B 413 -1.05 -0.79 16.14
N ARG B 414 0.23 -0.53 16.39
CA ARG B 414 1.13 -1.57 16.87
C ARG B 414 0.71 -2.06 18.25
N GLN B 415 0.31 -1.13 19.11
CA GLN B 415 -0.17 -1.48 20.44
C GLN B 415 -1.43 -2.32 20.32
N ALA B 416 -2.33 -1.91 19.42
CA ALA B 416 -3.54 -2.68 19.21
C ALA B 416 -3.21 -4.06 18.64
N ASP B 417 -2.23 -4.10 17.74
CA ASP B 417 -1.79 -5.36 17.16
C ASP B 417 -1.19 -6.29 18.21
N LYS B 418 -0.34 -5.73 19.08
CA LYS B 418 0.28 -6.51 20.15
C LYS B 418 -0.74 -7.17 21.07
N LYS B 419 -1.92 -6.58 21.21
CA LYS B 419 -2.97 -7.13 22.06
C LYS B 419 -3.80 -8.25 21.38
N LEU B 420 -3.90 -8.22 20.05
CA LEU B 420 -4.75 -9.20 19.36
C LEU B 420 -3.92 -10.30 18.70
N ARG B 421 -2.60 -10.22 18.86
CA ARG B 421 -1.62 -10.95 18.06
C ARG B 421 -1.44 -12.44 18.42
N GLY C 13 -16.40 -59.86 29.16
CA GLY C 13 -17.58 -60.64 28.80
C GLY C 13 -18.82 -59.80 29.02
N LYS C 14 -20.02 -60.39 29.01
CA LYS C 14 -20.22 -61.82 28.83
C LYS C 14 -20.91 -62.16 27.50
N LEU C 15 -21.99 -61.44 27.21
CA LEU C 15 -22.83 -61.71 26.02
C LEU C 15 -22.07 -61.48 24.70
N LEU C 16 -22.70 -61.79 23.56
CA LEU C 16 -21.93 -61.83 22.29
C LEU C 16 -22.44 -61.18 20.99
N ILE C 17 -21.94 -61.81 19.92
CA ILE C 17 -22.18 -61.57 18.48
C ILE C 17 -20.92 -62.11 17.80
N GLU C 18 -20.93 -63.37 17.38
CA GLU C 18 -19.71 -63.97 16.81
C GLU C 18 -19.77 -64.13 15.29
N GLY C 19 -18.60 -64.01 14.66
CA GLY C 19 -18.42 -64.14 13.22
C GLY C 19 -17.01 -64.66 13.01
N LYS C 20 -16.57 -64.75 11.76
CA LYS C 20 -15.19 -65.12 11.49
C LYS C 20 -14.33 -63.87 11.67
N THR C 21 -13.07 -64.07 12.03
CA THR C 21 -12.06 -63.02 12.27
C THR C 21 -12.30 -62.07 13.45
N LYS C 22 -13.51 -62.05 14.01
CA LYS C 22 -13.81 -61.11 15.10
C LYS C 22 -14.92 -61.62 16.03
N GLN C 23 -14.83 -61.25 17.30
CA GLN C 23 -15.90 -61.49 18.27
C GLN C 23 -16.28 -60.17 18.90
N VAL C 24 -17.57 -59.96 19.15
CA VAL C 24 -18.02 -58.73 19.81
C VAL C 24 -18.75 -59.01 21.11
N PHE C 25 -18.14 -58.65 22.22
CA PHE C 25 -18.70 -58.96 23.53
C PHE C 25 -19.26 -57.67 24.14
N ASP C 26 -20.29 -57.81 24.97
CA ASP C 26 -20.82 -56.67 25.70
C ASP C 26 -19.77 -56.29 26.74
N VAL C 27 -19.76 -55.02 27.13
CA VAL C 27 -18.96 -54.59 28.27
C VAL C 27 -19.95 -54.03 29.28
N PRO C 28 -20.27 -54.85 30.30
CA PRO C 28 -21.33 -54.58 31.27
C PRO C 28 -21.00 -53.46 32.26
N ASP C 29 -19.73 -53.15 32.46
CA ASP C 29 -19.35 -52.11 33.42
C ASP C 29 -19.35 -50.69 32.84
N GLN C 30 -19.07 -50.59 31.54
CA GLN C 30 -19.13 -49.31 30.86
C GLN C 30 -20.26 -49.37 29.84
N PRO C 31 -21.36 -48.63 30.11
CA PRO C 31 -22.54 -48.66 29.25
C PRO C 31 -22.21 -48.08 27.89
N GLY C 32 -22.13 -48.97 26.90
CA GLY C 32 -21.64 -48.61 25.60
C GLY C 32 -22.71 -48.63 24.54
N LEU C 35 -19.52 -51.90 24.31
CA LEU C 35 -19.06 -53.18 23.72
C LEU C 35 -17.57 -53.25 23.32
N LEU C 36 -17.03 -54.46 23.35
CA LEU C 36 -15.64 -54.76 23.00
C LEU C 36 -15.59 -55.69 21.79
N LEU C 37 -14.76 -55.34 20.81
CA LEU C 37 -14.53 -56.19 19.64
C LEU C 37 -13.14 -56.84 19.72
N ASN C 38 -13.14 -58.17 19.60
CA ASN C 38 -11.94 -58.97 19.74
C ASN C 38 -11.53 -59.61 18.42
N LYS C 39 -10.38 -59.22 17.90
CA LYS C 39 -9.93 -59.70 16.60
C LYS C 39 -9.30 -61.10 16.68
N ASP C 40 -9.58 -61.93 15.67
CA ASP C 40 -9.09 -63.31 15.67
C ASP C 40 -7.94 -63.49 14.68
N ARG C 41 -7.05 -64.43 15.00
CA ARG C 41 -5.86 -64.65 14.16
C ARG C 41 -6.14 -65.69 13.09
N ILE C 42 -7.24 -65.52 12.37
CA ILE C 42 -7.59 -66.46 11.32
C ILE C 42 -7.83 -65.65 10.08
N THR C 43 -7.73 -66.30 8.93
CA THR C 43 -8.01 -65.66 7.64
C THR C 43 -8.96 -66.57 6.83
N ALA C 44 -10.16 -66.07 6.53
CA ALA C 44 -11.19 -66.93 5.93
C ALA C 44 -11.72 -66.51 4.55
N GLY C 45 -10.94 -66.79 3.51
CA GLY C 45 -11.42 -66.61 2.14
C GLY C 45 -12.67 -67.44 1.90
N ALA C 50 -9.48 -71.09 1.93
CA ALA C 50 -10.76 -71.22 2.63
C ALA C 50 -10.67 -70.84 4.11
N HIS C 51 -9.83 -71.53 4.88
CA HIS C 51 -9.58 -71.15 6.27
C HIS C 51 -8.27 -71.71 6.82
N ASP C 52 -7.41 -70.80 7.30
CA ASP C 52 -6.11 -71.13 7.88
C ASP C 52 -5.88 -70.22 9.10
N LEU C 53 -4.71 -70.28 9.74
CA LEU C 53 -4.44 -69.39 10.88
C LEU C 53 -3.20 -68.49 10.63
N GLU C 54 -2.95 -67.52 11.53
CA GLU C 54 -1.81 -66.61 11.40
C GLU C 54 -1.53 -65.82 12.69
N GLY C 55 -0.77 -64.72 12.60
CA GLY C 55 -0.54 -63.86 13.76
C GLY C 55 -1.14 -62.48 13.56
N LYS C 56 -2.31 -62.43 12.93
CA LYS C 56 -2.77 -61.18 12.33
C LYS C 56 -3.82 -60.41 13.10
N ALA C 57 -4.26 -60.92 14.26
CA ALA C 57 -5.25 -60.18 15.03
C ALA C 57 -4.68 -58.84 15.52
N ALA C 58 -3.40 -58.84 15.85
CA ALA C 58 -2.76 -57.61 16.29
C ALA C 58 -2.61 -56.63 15.12
N ILE C 59 -2.35 -57.17 13.94
CA ILE C 59 -2.16 -56.37 12.74
C ILE C 59 -3.48 -55.73 12.33
N SER C 60 -4.53 -56.54 12.31
CA SER C 60 -5.87 -56.05 11.97
C SER C 60 -6.34 -54.98 12.95
N ASN C 61 -6.13 -55.24 14.24
CA ASN C 61 -6.55 -54.30 15.26
C ASN C 61 -5.87 -52.95 15.10
N GLN C 62 -4.56 -52.96 14.87
CA GLN C 62 -3.83 -51.70 14.70
C GLN C 62 -4.20 -51.01 13.39
N THR C 63 -4.44 -51.78 12.34
CA THR C 63 -4.85 -51.21 11.06
C THR C 63 -6.16 -50.45 11.20
N ASN C 64 -7.16 -51.08 11.82
CA ASN C 64 -8.46 -50.44 12.03
C ASN C 64 -8.32 -49.19 12.82
N ALA C 65 -7.62 -49.29 13.94
CA ALA C 65 -7.52 -48.19 14.87
C ALA C 65 -6.97 -46.96 14.15
N LYS C 66 -6.03 -47.18 13.24
CA LYS C 66 -5.46 -46.08 12.50
C LYS C 66 -6.49 -45.53 11.52
N VAL C 67 -7.19 -46.43 10.80
CA VAL C 67 -8.16 -46.01 9.80
C VAL C 67 -9.30 -45.21 10.43
N PHE C 68 -9.85 -45.70 11.53
CA PHE C 68 -10.95 -45.00 12.19
C PHE C 68 -10.47 -43.68 12.78
N GLU C 69 -9.22 -43.66 13.24
CA GLU C 69 -8.68 -42.43 13.81
C GLU C 69 -8.57 -41.38 12.71
N ILE C 70 -8.19 -41.81 11.51
CA ILE C 70 -8.09 -40.93 10.36
C ILE C 70 -9.48 -40.45 9.99
N LEU C 71 -10.44 -41.36 10.10
CA LEU C 71 -11.81 -41.03 9.73
C LEU C 71 -12.47 -40.21 10.81
N LYS C 72 -12.05 -40.39 12.05
CA LYS C 72 -12.60 -39.58 13.13
C LYS C 72 -12.17 -38.13 13.03
N SER C 73 -10.92 -37.88 12.65
CA SER C 73 -10.40 -36.51 12.54
C SER C 73 -10.93 -35.79 11.30
N ALA C 74 -11.45 -36.55 10.34
CA ALA C 74 -12.14 -35.95 9.19
C ALA C 74 -13.55 -35.54 9.58
N GLY C 75 -14.10 -36.17 10.62
CA GLY C 75 -15.40 -35.76 11.16
C GLY C 75 -16.48 -36.79 10.94
N ILE C 76 -16.10 -37.92 10.33
CA ILE C 76 -17.03 -39.03 10.11
C ILE C 76 -17.51 -39.59 11.45
N LYS C 77 -18.80 -39.88 11.54
CA LYS C 77 -19.35 -40.38 12.79
C LYS C 77 -19.20 -41.91 12.85
N THR C 78 -18.45 -42.38 13.86
CA THR C 78 -18.04 -43.80 13.95
C THR C 78 -18.37 -44.44 15.30
N ALA C 79 -18.34 -45.78 15.33
CA ALA C 79 -18.61 -46.54 16.55
C ALA C 79 -17.36 -46.65 17.43
N PHE C 80 -16.21 -46.38 16.83
CA PHE C 80 -14.91 -46.69 17.43
C PHE C 80 -14.54 -45.67 18.48
N VAL C 81 -14.12 -46.15 19.64
CA VAL C 81 -13.75 -45.27 20.74
C VAL C 81 -12.24 -45.28 20.97
N LYS C 82 -11.71 -46.45 21.30
CA LYS C 82 -10.28 -46.59 21.54
C LYS C 82 -9.86 -48.05 21.52
N ILE C 83 -8.57 -48.26 21.34
CA ILE C 83 -7.96 -49.57 21.43
C ILE C 83 -7.98 -50.11 22.89
N ALA C 84 -8.34 -51.38 23.07
CA ALA C 84 -8.36 -51.98 24.41
C ALA C 84 -7.11 -52.79 24.69
N SER C 85 -6.64 -53.50 23.67
CA SER C 85 -5.41 -54.27 23.74
C SER C 85 -4.82 -54.39 22.34
N GLU C 86 -3.94 -55.37 22.17
CA GLU C 86 -3.20 -55.49 20.92
C GLU C 86 -4.10 -56.10 19.88
N THR C 87 -5.16 -56.73 20.35
CA THR C 87 -6.08 -57.46 19.49
C THR C 87 -7.51 -57.01 19.65
N ALA C 88 -7.74 -56.05 20.54
CA ALA C 88 -9.10 -55.61 20.78
C ALA C 88 -9.28 -54.09 20.77
N PHE C 89 -10.52 -53.65 20.59
CA PHE C 89 -10.84 -52.23 20.76
C PHE C 89 -12.24 -52.02 21.32
N LEU C 90 -12.47 -50.82 21.85
CA LEU C 90 -13.75 -50.47 22.41
C LEU C 90 -14.60 -49.77 21.37
N SER C 91 -15.83 -50.23 21.22
CA SER C 91 -16.72 -49.68 20.20
C SER C 91 -18.04 -49.32 20.85
N LYS C 92 -18.67 -48.26 20.35
CA LYS C 92 -20.01 -47.90 20.80
C LYS C 92 -20.97 -49.01 20.37
N LYS C 93 -21.82 -49.45 21.30
CA LYS C 93 -22.68 -50.57 21.04
C LYS C 93 -23.77 -50.12 20.09
N CYS C 94 -23.95 -50.85 19.00
CA CYS C 94 -25.01 -50.51 18.04
C CYS C 94 -25.44 -51.70 17.19
N GLU C 95 -26.69 -51.66 16.74
CA GLU C 95 -27.23 -52.76 15.94
C GLU C 95 -26.88 -52.60 14.48
N MET C 96 -26.28 -53.63 13.90
CA MET C 96 -25.77 -53.56 12.53
C MET C 96 -26.86 -53.67 11.46
N ILE C 97 -26.69 -52.89 10.39
CA ILE C 97 -27.48 -53.01 9.18
C ILE C 97 -26.83 -54.07 8.32
N PRO C 98 -27.57 -55.14 7.97
CA PRO C 98 -27.00 -56.28 7.26
C PRO C 98 -26.74 -56.01 5.77
N ILE C 99 -26.08 -54.88 5.50
CA ILE C 99 -25.66 -54.52 4.16
C ILE C 99 -24.16 -54.28 4.17
N GLU C 100 -23.48 -54.85 3.19
CA GLU C 100 -22.11 -54.46 2.90
C GLU C 100 -22.17 -53.33 1.89
N TRP C 101 -21.59 -52.17 2.27
CA TRP C 101 -21.51 -51.01 1.37
C TRP C 101 -20.15 -50.98 0.67
N VAL C 102 -20.16 -51.18 -0.64
CA VAL C 102 -18.93 -51.36 -1.40
C VAL C 102 -18.63 -50.22 -2.36
N THR C 103 -17.39 -49.73 -2.36
CA THR C 103 -17.06 -48.63 -3.25
C THR C 103 -15.96 -49.04 -4.20
N ARG C 104 -16.10 -48.68 -5.47
CA ARG C 104 -15.05 -48.99 -6.45
C ARG C 104 -14.65 -47.76 -7.23
N ARG C 105 -13.34 -47.63 -7.45
CA ARG C 105 -12.80 -46.60 -8.33
C ARG C 105 -12.53 -47.22 -9.70
N LEU C 106 -12.16 -48.49 -9.68
CA LEU C 106 -11.82 -49.25 -10.88
C LEU C 106 -12.72 -50.46 -10.98
N ALA C 107 -12.89 -50.94 -12.21
CA ALA C 107 -13.56 -52.21 -12.44
C ALA C 107 -12.56 -53.35 -12.26
N THR C 108 -12.83 -54.21 -11.29
CA THR C 108 -12.02 -55.41 -11.00
C THR C 108 -12.85 -56.34 -10.13
N GLY C 109 -12.30 -57.51 -9.82
CA GLY C 109 -12.97 -58.44 -8.93
C GLY C 109 -14.23 -59.05 -9.52
N SER C 110 -15.21 -59.30 -8.65
CA SER C 110 -16.46 -59.93 -9.06
C SER C 110 -17.27 -58.99 -9.93
N PHE C 111 -16.89 -57.72 -9.93
CA PHE C 111 -17.60 -56.77 -10.77
C PHE C 111 -17.49 -57.15 -12.24
N LEU C 112 -16.33 -57.66 -12.64
CA LEU C 112 -16.11 -57.98 -14.04
C LEU C 112 -17.04 -59.09 -14.47
N LYS C 113 -17.23 -60.08 -13.60
CA LYS C 113 -18.09 -61.20 -13.94
C LYS C 113 -19.56 -60.77 -14.08
N ARG C 114 -20.03 -59.88 -13.20
CA ARG C 114 -21.41 -59.41 -13.30
C ARG C 114 -21.57 -58.48 -14.50
N ASN C 115 -20.45 -57.93 -14.98
CA ASN C 115 -20.51 -57.03 -16.12
C ASN C 115 -19.55 -57.40 -17.26
N PRO C 116 -19.83 -58.52 -17.94
CA PRO C 116 -19.01 -58.94 -19.06
C PRO C 116 -18.96 -57.83 -20.08
N GLY C 117 -17.78 -57.51 -20.58
CA GLY C 117 -17.63 -56.48 -21.59
C GLY C 117 -16.89 -55.27 -21.04
N VAL C 118 -17.04 -55.05 -19.73
CA VAL C 118 -16.32 -53.98 -19.07
C VAL C 118 -14.92 -54.45 -18.73
N PRO C 119 -13.90 -53.85 -19.35
CA PRO C 119 -12.54 -54.35 -19.14
C PRO C 119 -11.99 -53.94 -17.78
N GLU C 120 -11.12 -54.77 -17.24
CA GLU C 120 -10.49 -54.48 -15.95
C GLU C 120 -9.79 -53.13 -16.02
N GLY C 121 -10.03 -52.30 -15.00
CA GLY C 121 -9.38 -51.00 -14.90
C GLY C 121 -10.26 -49.86 -15.37
N PHE C 122 -11.45 -50.18 -15.84
CA PHE C 122 -12.43 -49.17 -16.22
C PHE C 122 -12.68 -48.29 -15.01
N ARG C 123 -12.53 -46.98 -15.19
CA ARG C 123 -12.57 -46.03 -14.07
C ARG C 123 -13.94 -45.45 -13.79
N PHE C 124 -14.33 -45.49 -12.53
CA PHE C 124 -15.64 -45.04 -12.09
C PHE C 124 -15.55 -43.63 -11.52
N THR C 125 -16.15 -42.68 -12.25
CA THR C 125 -16.15 -41.31 -11.81
C THR C 125 -17.57 -40.73 -11.89
N PRO C 126 -18.21 -40.52 -10.73
CA PRO C 126 -17.70 -40.69 -9.37
C PRO C 126 -17.57 -42.17 -9.02
N PRO C 127 -16.98 -42.50 -7.86
CA PRO C 127 -16.86 -43.93 -7.54
C PRO C 127 -18.20 -44.67 -7.54
N LYS C 128 -18.21 -45.88 -8.12
CA LYS C 128 -19.39 -46.73 -8.03
C LYS C 128 -19.59 -47.17 -6.60
N GLN C 129 -20.84 -47.14 -6.15
CA GLN C 129 -21.12 -47.68 -4.85
C GLN C 129 -22.30 -48.63 -4.94
N GLU C 130 -22.06 -49.87 -4.54
CA GLU C 130 -23.03 -50.96 -4.64
C GLU C 130 -23.29 -51.54 -3.25
N THR C 131 -24.44 -52.19 -3.12
CA THR C 131 -24.83 -52.76 -1.83
C THR C 131 -25.07 -54.26 -1.98
N PHE C 132 -24.73 -55.01 -0.93
CA PHE C 132 -24.90 -56.45 -0.91
C PHE C 132 -25.58 -56.84 0.38
N PHE C 133 -26.48 -57.83 0.33
CA PHE C 133 -27.19 -58.24 1.52
C PHE C 133 -26.45 -59.37 2.20
N LYS C 134 -26.68 -59.53 3.50
CA LYS C 134 -26.08 -60.62 4.25
C LYS C 134 -26.81 -61.95 4.02
N HIS C 139 -25.28 -66.63 0.47
CA HIS C 139 -25.09 -66.21 -0.92
C HIS C 139 -24.47 -64.81 -1.06
N ASP C 140 -24.73 -63.93 -0.08
CA ASP C 140 -24.41 -62.49 -0.13
C ASP C 140 -24.78 -61.77 -1.44
N PRO C 141 -26.08 -61.72 -1.75
CA PRO C 141 -26.56 -61.15 -3.01
C PRO C 141 -26.64 -59.64 -3.03
N GLN C 142 -26.53 -59.09 -4.24
CA GLN C 142 -26.60 -57.65 -4.44
C GLN C 142 -28.04 -57.14 -4.34
N TRP C 143 -28.22 -55.99 -3.70
CA TRP C 143 -29.54 -55.37 -3.62
C TRP C 143 -29.51 -54.01 -4.29
N SER C 144 -30.66 -53.58 -4.76
CA SER C 144 -30.82 -52.23 -5.24
C SER C 144 -31.19 -51.42 -4.01
N GLU C 145 -31.09 -50.10 -4.13
CA GLU C 145 -31.49 -49.24 -3.04
C GLU C 145 -32.98 -49.45 -2.77
N GLU C 146 -33.75 -49.66 -3.84
CA GLU C 146 -35.17 -49.97 -3.78
C GLU C 146 -35.43 -51.18 -2.89
N GLN C 147 -34.61 -52.21 -3.07
CA GLN C 147 -34.70 -53.40 -2.24
C GLN C 147 -34.45 -53.10 -0.76
N ILE C 148 -33.43 -52.28 -0.48
CA ILE C 148 -33.09 -51.93 0.90
C ILE C 148 -34.22 -51.19 1.60
N ILE C 149 -34.86 -50.26 0.87
CA ILE C 149 -35.99 -49.53 1.40
C ILE C 149 -37.21 -50.46 1.62
N SER C 150 -37.52 -51.29 0.62
CA SER C 150 -38.66 -52.20 0.68
C SER C 150 -38.51 -53.28 1.77
N ALA C 151 -37.29 -53.49 2.24
CA ALA C 151 -37.05 -54.46 3.28
C ALA C 151 -37.55 -53.94 4.63
N LYS C 152 -37.78 -52.63 4.69
CA LYS C 152 -38.26 -51.98 5.91
C LYS C 152 -37.48 -52.38 7.16
N PHE C 153 -36.15 -52.26 7.08
CA PHE C 153 -35.28 -52.54 8.21
C PHE C 153 -35.59 -51.57 9.34
N ASN C 154 -35.44 -52.06 10.57
CA ASN C 154 -35.73 -51.27 11.73
C ASN C 154 -34.73 -51.68 12.79
N TYR C 155 -33.93 -50.72 13.23
CA TYR C 155 -32.91 -51.00 14.22
C TYR C 155 -32.86 -49.88 15.21
N ASN C 156 -32.86 -50.22 16.50
CA ASN C 156 -32.85 -49.21 17.57
C ASN C 156 -33.83 -48.08 17.32
N GLY C 157 -34.98 -48.43 16.73
CA GLY C 157 -36.04 -47.48 16.48
C GLY C 157 -35.92 -46.66 15.20
N LEU C 158 -34.84 -46.87 14.45
CA LEU C 158 -34.65 -46.16 13.20
C LEU C 158 -35.00 -47.04 12.03
N LEU C 159 -36.10 -46.70 11.36
CA LEU C 159 -36.50 -47.42 10.16
C LEU C 159 -35.64 -46.88 9.03
N ILE C 160 -35.09 -47.77 8.22
CA ILE C 160 -34.18 -47.33 7.18
C ILE C 160 -34.97 -46.93 5.94
N GLY C 161 -35.07 -45.62 5.71
CA GLY C 161 -35.78 -45.14 4.53
C GLY C 161 -34.80 -44.63 3.51
N ARG C 162 -35.28 -44.01 2.43
CA ARG C 162 -34.39 -43.57 1.38
C ARG C 162 -33.39 -42.56 1.90
N ASP C 163 -33.82 -41.76 2.86
CA ASP C 163 -32.92 -40.77 3.47
C ASP C 163 -31.72 -41.44 4.13
N GLU C 164 -31.99 -42.52 4.86
CA GLU C 164 -30.95 -43.27 5.55
C GLU C 164 -30.05 -43.95 4.55
N VAL C 165 -30.66 -44.45 3.48
CA VAL C 165 -29.89 -45.05 2.41
C VAL C 165 -29.01 -44.00 1.73
N ASP C 166 -29.58 -42.82 1.50
CA ASP C 166 -28.85 -41.72 0.88
C ASP C 166 -27.64 -41.31 1.71
N TYR C 167 -27.85 -41.18 3.01
CA TYR C 167 -26.76 -40.82 3.90
C TYR C 167 -25.67 -41.86 3.80
N MET C 168 -26.06 -43.13 3.84
CA MET C 168 -25.07 -44.21 3.82
C MET C 168 -24.34 -44.31 2.48
N ARG C 169 -25.05 -44.06 1.38
CA ARG C 169 -24.38 -44.05 0.09
C ARG C 169 -23.37 -42.92 0.06
N LYS C 170 -23.83 -41.75 0.49
CA LYS C 170 -23.00 -40.58 0.46
C LYS C 170 -21.83 -40.75 1.39
N ALA C 171 -22.08 -41.33 2.55
CA ALA C 171 -21.01 -41.51 3.54
C ALA C 171 -19.97 -42.55 3.12
N THR C 172 -20.43 -43.63 2.50
CA THR C 172 -19.55 -44.68 2.02
C THR C 172 -18.60 -44.15 0.97
N ILE C 173 -19.11 -43.39 0.01
CA ILE C 173 -18.28 -42.77 -1.01
C ILE C 173 -17.25 -41.81 -0.41
N LEU C 174 -17.71 -41.04 0.56
CA LEU C 174 -16.88 -40.07 1.21
C LEU C 174 -15.70 -40.76 1.89
N ILE C 175 -15.97 -41.88 2.57
CA ILE C 175 -14.91 -42.60 3.25
C ILE C 175 -13.90 -43.18 2.28
N PHE C 176 -14.39 -43.74 1.18
CA PHE C 176 -13.49 -44.21 0.15
C PHE C 176 -12.64 -43.05 -0.37
N GLU C 177 -13.25 -41.89 -0.59
CA GLU C 177 -12.52 -40.74 -1.13
C GLU C 177 -11.43 -40.25 -0.18
N ILE C 178 -11.73 -40.26 1.11
CA ILE C 178 -10.77 -39.88 2.14
C ILE C 178 -9.60 -40.84 2.18
N LEU C 179 -9.90 -42.14 2.23
CA LEU C 179 -8.84 -43.14 2.29
C LEU C 179 -8.02 -43.20 1.01
N GLU C 180 -8.67 -43.00 -0.13
CA GLU C 180 -7.99 -42.96 -1.42
C GLU C 180 -6.95 -41.86 -1.40
N LYS C 181 -7.36 -40.71 -0.89
CA LYS C 181 -6.50 -39.56 -0.82
C LYS C 181 -5.34 -39.85 0.13
N ALA C 182 -5.66 -40.45 1.29
CA ALA C 182 -4.63 -40.86 2.24
C ALA C 182 -3.63 -41.86 1.66
N TRP C 183 -4.09 -42.96 1.09
CA TRP C 183 -3.16 -43.97 0.57
C TRP C 183 -2.27 -43.43 -0.55
N ALA C 184 -2.74 -42.36 -1.19
CA ALA C 184 -2.01 -41.77 -2.30
C ALA C 184 -0.74 -41.05 -1.83
N LEU C 185 -0.63 -40.82 -0.53
CA LEU C 185 0.59 -40.28 0.05
C LEU C 185 1.72 -41.29 0.09
N ARG C 186 1.37 -42.56 0.22
CA ARG C 186 2.37 -43.62 0.28
C ARG C 186 2.38 -44.38 -1.03
N ASP C 187 1.94 -43.69 -2.08
CA ASP C 187 2.03 -44.21 -3.46
C ASP C 187 1.22 -45.51 -3.69
N CYS C 188 0.14 -45.68 -2.93
CA CYS C 188 -0.73 -46.84 -3.08
C CYS C 188 -2.09 -46.42 -3.60
N ALA C 189 -2.56 -47.08 -4.67
CA ALA C 189 -3.90 -46.84 -5.18
C ALA C 189 -4.89 -47.68 -4.43
N LEU C 190 -5.85 -47.01 -3.80
CA LEU C 190 -6.98 -47.70 -3.20
C LEU C 190 -7.94 -47.99 -4.34
N ILE C 191 -8.32 -49.25 -4.50
CA ILE C 191 -9.13 -49.69 -5.63
C ILE C 191 -10.59 -49.94 -5.27
N ASP C 192 -10.81 -50.58 -4.12
CA ASP C 192 -12.18 -50.75 -3.64
C ASP C 192 -12.25 -50.97 -2.14
N MET C 193 -13.47 -50.95 -1.62
CA MET C 193 -13.70 -51.06 -0.18
C MET C 193 -15.05 -51.65 0.12
N LYS C 194 -15.18 -52.18 1.31
CA LYS C 194 -16.49 -52.54 1.82
C LYS C 194 -16.54 -52.07 3.27
N ILE C 195 -17.65 -51.46 3.66
CA ILE C 195 -17.84 -51.05 5.03
C ILE C 195 -19.20 -51.49 5.49
N GLU C 196 -19.45 -51.37 6.79
CA GLU C 196 -20.76 -51.70 7.33
C GLU C 196 -21.20 -50.61 8.30
N PHE C 197 -22.51 -50.38 8.37
CA PHE C 197 -23.04 -49.36 9.27
C PHE C 197 -23.92 -50.00 10.33
N GLY C 198 -24.09 -49.30 11.45
CA GLY C 198 -24.97 -49.75 12.51
C GLY C 198 -25.72 -48.56 13.07
N VAL C 199 -26.73 -48.83 13.89
CA VAL C 199 -27.52 -47.77 14.50
C VAL C 199 -27.33 -47.76 16.02
N ASP C 200 -26.93 -46.62 16.58
CA ASP C 200 -26.69 -46.50 18.02
C ASP C 200 -27.94 -46.34 18.89
N THR C 201 -27.73 -46.27 20.20
CA THR C 201 -28.82 -46.11 21.16
C THR C 201 -29.67 -44.87 20.85
N GLU C 202 -29.00 -43.79 20.46
CA GLU C 202 -29.70 -42.52 20.24
C GLU C 202 -30.31 -42.45 18.84
N GLY C 203 -30.29 -43.55 18.11
CA GLY C 203 -30.93 -43.59 16.80
C GLY C 203 -30.06 -43.05 15.68
N SER C 204 -28.76 -42.89 15.95
CA SER C 204 -27.85 -42.36 14.95
C SER C 204 -27.10 -43.46 14.17
N ILE C 205 -26.87 -43.21 12.88
CA ILE C 205 -26.12 -44.16 12.06
C ILE C 205 -24.59 -43.93 12.13
N VAL C 206 -23.88 -44.95 12.59
CA VAL C 206 -22.43 -44.82 12.70
C VAL C 206 -21.71 -45.88 11.84
N LEU C 207 -20.56 -45.49 11.30
CA LEU C 207 -19.67 -46.42 10.62
C LEU C 207 -19.04 -47.30 11.69
N ALA C 208 -19.15 -48.61 11.49
CA ALA C 208 -18.91 -49.58 12.54
C ALA C 208 -18.07 -50.75 12.06
N ASP C 209 -18.32 -51.90 12.67
CA ASP C 209 -17.63 -53.13 12.34
C ASP C 209 -16.12 -52.92 12.34
N VAL C 210 -15.49 -53.21 11.21
CA VAL C 210 -14.03 -53.25 11.13
C VAL C 210 -13.55 -52.92 9.71
N ILE C 211 -12.55 -52.04 9.59
CA ILE C 211 -11.88 -51.82 8.30
C ILE C 211 -10.37 -52.15 8.33
N ASP C 212 -9.98 -53.27 7.72
CA ASP C 212 -8.57 -53.69 7.65
C ASP C 212 -8.15 -54.17 6.25
N SER C 213 -7.10 -54.96 6.18
CA SER C 213 -6.60 -55.44 4.88
C SER C 213 -7.52 -56.47 4.23
N ASP C 214 -8.53 -56.91 4.96
CA ASP C 214 -9.52 -57.79 4.38
C ASP C 214 -10.63 -56.95 3.78
N SER C 215 -10.66 -55.67 4.14
CA SER C 215 -11.75 -54.78 3.77
C SER C 215 -11.51 -54.05 2.45
N TRP C 216 -10.27 -54.03 1.99
CA TRP C 216 -9.97 -53.25 0.81
C TRP C 216 -9.08 -53.96 -0.20
N ARG C 217 -8.90 -53.33 -1.34
CA ARG C 217 -8.06 -53.86 -2.39
C ARG C 217 -7.06 -52.75 -2.70
N LEU C 218 -5.79 -53.00 -2.39
CA LEU C 218 -4.76 -51.98 -2.46
C LEU C 218 -3.69 -52.31 -3.49
N TRP C 219 -3.44 -51.40 -4.42
CA TRP C 219 -2.38 -51.63 -5.40
C TRP C 219 -1.27 -50.60 -5.33
N PRO C 220 -0.09 -51.02 -4.85
CA PRO C 220 1.03 -50.09 -4.89
C PRO C 220 1.40 -49.74 -6.30
N SER C 221 1.68 -48.46 -6.49
CA SER C 221 2.11 -47.89 -7.77
C SER C 221 1.06 -48.09 -8.84
N GLY C 222 -0.16 -48.38 -8.40
CA GLY C 222 -1.27 -48.65 -9.29
C GLY C 222 -1.06 -49.94 -10.06
N ASP C 223 -0.14 -50.78 -9.57
CA ASP C 223 0.15 -52.04 -10.22
C ASP C 223 -0.56 -53.19 -9.52
N LYS C 224 -1.53 -53.78 -10.22
CA LYS C 224 -2.28 -54.93 -9.73
C LYS C 224 -1.31 -56.06 -9.32
N ARG C 225 -0.16 -56.15 -10.01
CA ARG C 225 0.82 -57.18 -9.71
C ARG C 225 1.48 -57.05 -8.32
N LEU C 226 1.42 -55.86 -7.73
CA LEU C 226 2.07 -55.66 -6.42
C LEU C 226 1.09 -55.68 -5.24
N MET C 227 -0.10 -56.22 -5.46
CA MET C 227 -1.18 -56.27 -4.47
C MET C 227 -0.74 -56.61 -3.04
N VAL C 228 -1.39 -56.01 -2.05
CA VAL C 228 -0.97 -56.22 -0.65
C VAL C 228 -2.16 -56.70 0.20
N ASP C 229 -3.32 -56.84 -0.45
CA ASP C 229 -4.58 -57.17 0.23
C ASP C 229 -4.85 -58.68 0.23
N LYS C 230 -6.00 -59.09 0.76
CA LYS C 230 -6.38 -60.51 0.79
C LYS C 230 -6.72 -61.09 -0.59
N GLN C 231 -6.55 -60.29 -1.65
CA GLN C 231 -6.72 -60.82 -2.99
C GLN C 231 -5.60 -61.81 -3.28
N VAL C 232 -4.44 -61.56 -2.69
CA VAL C 232 -3.30 -62.47 -2.79
C VAL C 232 -3.65 -63.86 -2.26
N TYR C 233 -4.28 -63.89 -1.07
CA TYR C 233 -4.68 -65.14 -0.45
C TYR C 233 -5.84 -65.82 -1.19
N ARG C 234 -6.79 -65.02 -1.66
CA ARG C 234 -7.93 -65.57 -2.36
C ARG C 234 -7.50 -66.24 -3.67
N ASN C 235 -6.52 -65.64 -4.34
CA ASN C 235 -6.03 -66.13 -5.63
C ASN C 235 -5.23 -67.44 -5.56
N LEU C 236 -4.86 -67.84 -4.35
CA LEU C 236 -4.12 -69.09 -4.13
C LEU C 236 -4.96 -70.31 -4.45
N THR C 237 -4.40 -71.21 -5.26
CA THR C 237 -5.05 -72.48 -5.55
C THR C 237 -4.87 -73.45 -4.38
N THR C 238 -3.62 -73.64 -3.98
CA THR C 238 -3.26 -74.41 -2.80
C THR C 238 -2.50 -73.50 -1.83
N VAL C 239 -2.51 -73.81 -0.53
CA VAL C 239 -1.98 -72.91 0.47
C VAL C 239 -0.83 -73.49 1.32
N THR C 240 0.38 -72.96 1.09
CA THR C 240 1.55 -73.36 1.88
C THR C 240 1.73 -72.39 3.03
N ALA C 241 2.59 -72.73 4.00
CA ALA C 241 2.84 -71.85 5.14
C ALA C 241 3.67 -70.65 4.69
N ALA C 242 4.39 -70.83 3.58
CA ALA C 242 5.13 -69.74 2.95
C ALA C 242 4.17 -68.72 2.32
N ASP C 243 3.16 -69.24 1.63
CA ASP C 243 2.10 -68.41 1.05
C ASP C 243 1.42 -67.57 2.14
N LEU C 244 1.14 -68.20 3.29
CA LEU C 244 0.58 -67.47 4.41
C LEU C 244 1.58 -66.43 4.92
N ASP C 245 2.86 -66.76 4.83
CA ASP C 245 3.91 -65.86 5.32
C ASP C 245 3.96 -64.58 4.50
N THR C 246 3.85 -64.71 3.17
CA THR C 246 3.90 -63.53 2.31
C THR C 246 2.66 -62.67 2.60
N VAL C 247 1.57 -63.34 2.92
CA VAL C 247 0.32 -62.67 3.28
C VAL C 247 0.46 -61.98 4.63
N LYS C 248 1.11 -62.63 5.58
CA LYS C 248 1.34 -62.01 6.88
C LYS C 248 2.26 -60.81 6.72
N ARG C 249 3.32 -61.02 5.94
CA ARG C 249 4.31 -59.99 5.73
C ARG C 249 3.72 -58.79 4.98
N ASN C 250 2.70 -59.04 4.17
CA ASN C 250 2.03 -57.94 3.48
C ASN C 250 1.17 -57.11 4.42
N PHE C 251 0.46 -57.79 5.31
CA PHE C 251 -0.40 -57.09 6.24
C PHE C 251 0.40 -56.28 7.24
N ALA C 252 1.58 -56.75 7.63
CA ALA C 252 2.40 -55.97 8.56
C ALA C 252 2.91 -54.68 7.89
N TRP C 253 3.27 -54.78 6.61
CA TRP C 253 3.69 -53.65 5.80
C TRP C 253 2.63 -52.54 5.71
N VAL C 254 1.40 -52.95 5.43
CA VAL C 254 0.27 -52.04 5.38
C VAL C 254 0.10 -51.37 6.73
N LYS C 255 0.15 -52.18 7.79
CA LYS C 255 0.01 -51.68 9.15
C LYS C 255 1.06 -50.61 9.42
N ASP C 256 2.26 -50.84 8.90
CA ASP C 256 3.35 -49.91 9.10
C ASP C 256 3.18 -48.64 8.25
N GLN C 257 2.67 -48.81 7.04
CA GLN C 257 2.52 -47.69 6.11
C GLN C 257 1.51 -46.67 6.61
N LEU C 258 0.62 -47.12 7.48
CA LEU C 258 -0.48 -46.29 7.97
C LEU C 258 -0.02 -45.15 8.88
N ASP C 259 1.18 -45.25 9.42
CA ASP C 259 1.67 -44.23 10.35
C ASP C 259 2.12 -42.97 9.60
N PHE C 260 2.29 -43.10 8.29
CA PHE C 260 2.74 -42.01 7.48
C PHE C 260 1.55 -41.31 6.84
N LEU C 261 0.34 -41.75 7.19
CA LEU C 261 -0.88 -41.24 6.56
C LEU C 261 -1.52 -40.07 7.33
N LYS C 262 -1.06 -39.79 8.55
CA LYS C 262 -1.57 -38.64 9.28
C LYS C 262 -0.45 -37.65 9.64
N PRO C 263 0.14 -36.98 8.61
CA PRO C 263 1.28 -36.09 8.83
C PRO C 263 0.87 -34.65 9.15
N THR C 264 1.70 -33.95 9.92
CA THR C 264 1.45 -32.54 10.27
C THR C 264 2.03 -31.59 9.21
N ILE C 265 1.17 -31.09 8.33
CA ILE C 265 1.59 -30.16 7.27
C ILE C 265 1.57 -28.72 7.73
N HIS C 266 2.56 -27.94 7.30
CA HIS C 266 2.72 -26.58 7.81
C HIS C 266 2.08 -25.56 6.90
N HIS C 267 1.17 -24.77 7.47
CA HIS C 267 0.49 -23.76 6.70
C HIS C 267 0.06 -22.70 7.69
N LYS C 268 -0.09 -21.47 7.21
CA LYS C 268 -0.55 -20.42 8.09
C LYS C 268 -1.60 -19.63 7.35
N VAL C 269 -2.70 -19.31 8.05
CA VAL C 269 -3.66 -18.35 7.56
C VAL C 269 -3.53 -17.09 8.39
N VAL C 270 -3.18 -15.99 7.73
CA VAL C 270 -3.05 -14.71 8.41
C VAL C 270 -4.18 -13.79 8.00
N VAL C 271 -4.91 -13.32 9.00
CA VAL C 271 -5.94 -12.33 8.83
C VAL C 271 -5.37 -10.98 9.21
N PHE C 272 -5.30 -10.06 8.25
CA PHE C 272 -4.95 -8.66 8.51
C PHE C 272 -6.23 -7.85 8.59
N MET C 273 -6.46 -7.18 9.71
CA MET C 273 -7.55 -6.21 9.80
C MET C 273 -6.95 -4.80 9.85
N GLY C 274 -7.58 -3.86 9.15
CA GLY C 274 -7.13 -2.47 9.12
C GLY C 274 -7.39 -1.75 10.43
N SER C 275 -8.33 -2.27 11.22
CA SER C 275 -8.67 -1.64 12.48
C SER C 275 -9.13 -2.64 13.54
N PRO C 276 -8.74 -2.39 14.80
CA PRO C 276 -9.12 -3.23 15.94
C PRO C 276 -10.63 -3.29 16.18
N ALA C 277 -11.39 -2.41 15.55
CA ALA C 277 -12.84 -2.47 15.65
C ALA C 277 -13.39 -3.66 14.84
N ASP C 278 -12.61 -4.13 13.86
CA ASP C 278 -13.08 -5.23 13.00
C ASP C 278 -12.87 -6.60 13.64
N GLN C 279 -12.72 -6.59 14.96
CA GLN C 279 -12.28 -7.73 15.74
C GLN C 279 -13.20 -8.94 15.74
N GLU C 280 -14.44 -8.71 16.12
CA GLU C 280 -15.43 -9.77 16.19
C GLU C 280 -15.57 -10.47 14.84
N HIS C 281 -15.54 -9.68 13.76
CA HIS C 281 -15.68 -10.23 12.42
C HIS C 281 -14.53 -11.16 12.15
N CYS C 282 -13.32 -10.72 12.49
CA CYS C 282 -12.13 -11.54 12.27
C CYS C 282 -12.16 -12.79 13.11
N GLN C 283 -12.69 -12.66 14.32
CA GLN C 283 -12.80 -13.82 15.18
C GLN C 283 -13.73 -14.87 14.62
N LYS C 284 -14.78 -14.44 13.93
CA LYS C 284 -15.68 -15.37 13.29
C LYS C 284 -14.94 -16.17 12.23
N ILE C 285 -14.10 -15.48 11.46
CA ILE C 285 -13.30 -16.15 10.45
C ILE C 285 -12.40 -17.13 11.13
N ALA C 286 -11.71 -16.65 12.16
CA ALA C 286 -10.75 -17.46 12.89
C ALA C 286 -11.40 -18.73 13.40
N LYS C 287 -12.56 -18.57 14.02
CA LYS C 287 -13.24 -19.67 14.68
C LYS C 287 -13.56 -20.78 13.69
N ALA C 288 -14.09 -20.41 12.54
CA ALA C 288 -14.43 -21.37 11.50
C ALA C 288 -13.20 -22.10 10.97
N ALA C 289 -12.12 -21.34 10.77
CA ALA C 289 -10.91 -21.89 10.16
C ALA C 289 -10.25 -22.92 11.08
N ARG C 290 -10.28 -22.62 12.37
CA ARG C 290 -9.73 -23.53 13.36
C ARG C 290 -10.56 -24.82 13.43
N GLU C 291 -11.87 -24.69 13.22
CA GLU C 291 -12.76 -25.85 13.18
C GLU C 291 -12.50 -26.72 11.95
N LEU C 292 -11.99 -26.11 10.88
CA LEU C 292 -11.64 -26.86 9.69
C LEU C 292 -10.22 -27.41 9.78
N GLY C 293 -9.51 -27.01 10.84
CA GLY C 293 -8.16 -27.47 11.09
C GLY C 293 -7.03 -26.54 10.67
N LEU C 294 -7.35 -25.26 10.53
CA LEU C 294 -6.33 -24.32 10.09
C LEU C 294 -5.65 -23.67 11.27
N ASP C 295 -4.42 -23.21 11.01
CA ASP C 295 -3.62 -22.49 11.97
C ASP C 295 -3.72 -20.98 11.68
N VAL C 296 -4.28 -20.21 12.61
CA VAL C 296 -4.67 -18.83 12.28
C VAL C 296 -4.04 -17.75 13.15
N ASP C 297 -3.50 -16.70 12.52
CA ASP C 297 -3.03 -15.54 13.27
C ASP C 297 -3.82 -14.29 12.91
N LEU C 298 -4.26 -13.54 13.92
CA LEU C 298 -4.96 -12.26 13.73
C LEU C 298 -4.01 -11.09 13.91
N ARG C 299 -3.90 -10.25 12.90
CA ARG C 299 -3.01 -9.11 13.04
C ARG C 299 -3.68 -7.79 12.67
N VAL C 300 -3.21 -6.71 13.30
CA VAL C 300 -3.72 -5.37 13.04
C VAL C 300 -2.71 -4.51 12.29
N THR C 301 -3.13 -3.96 11.15
CA THR C 301 -2.24 -3.08 10.40
C THR C 301 -3.02 -2.26 9.35
N SER C 302 -2.55 -1.04 9.06
CA SER C 302 -3.22 -0.23 8.04
C SER C 302 -2.33 -0.09 6.83
N ALA C 303 -2.89 -0.22 5.64
CA ALA C 303 -2.13 -0.02 4.43
C ALA C 303 -2.03 1.47 4.10
N HIS C 304 -2.78 2.28 4.85
CA HIS C 304 -2.85 3.71 4.66
C HIS C 304 -2.06 4.40 5.75
N LYS C 305 -2.31 4.00 6.99
CA LYS C 305 -1.70 4.65 8.13
C LYS C 305 -0.38 4.03 8.55
N ALA C 306 -0.09 2.82 8.10
CA ALA C 306 1.19 2.15 8.40
C ALA C 306 1.66 1.31 7.22
N THR C 307 1.85 1.97 6.09
CA THR C 307 2.14 1.31 4.82
C THR C 307 3.41 0.47 4.86
N GLU C 308 4.49 1.11 5.28
CA GLU C 308 5.79 0.48 5.32
C GLU C 308 5.75 -0.69 6.27
N GLU C 309 5.10 -0.54 7.42
CA GLU C 309 5.08 -1.61 8.40
C GLU C 309 4.20 -2.78 7.97
N THR C 310 3.11 -2.49 7.27
CA THR C 310 2.25 -3.54 6.72
C THR C 310 3.05 -4.47 5.80
N LEU C 311 3.85 -3.87 4.93
CA LEU C 311 4.77 -4.66 4.11
C LEU C 311 5.77 -5.46 4.97
N ARG C 312 6.29 -4.86 6.05
CA ARG C 312 7.27 -5.56 6.86
C ARG C 312 6.64 -6.76 7.55
N ILE C 313 5.39 -6.62 7.98
CA ILE C 313 4.73 -7.70 8.67
C ILE C 313 4.47 -8.89 7.75
N MET C 314 4.10 -8.62 6.51
CA MET C 314 3.81 -9.71 5.59
C MET C 314 5.05 -10.42 5.08
N GLN C 315 6.17 -9.71 5.01
CA GLN C 315 7.43 -10.31 4.59
C GLN C 315 7.91 -11.25 5.68
N GLN C 316 7.45 -11.02 6.90
CA GLN C 316 7.76 -11.89 8.01
C GLN C 316 7.07 -13.21 7.88
N TYR C 317 5.84 -13.19 7.36
CA TYR C 317 5.13 -14.43 7.11
C TYR C 317 5.70 -15.10 5.88
N GLU C 318 6.28 -14.31 4.98
CA GLU C 318 6.85 -14.86 3.75
C GLU C 318 8.13 -15.64 4.01
N ASP C 319 8.67 -15.50 5.22
CA ASP C 319 9.77 -16.34 5.65
C ASP C 319 9.20 -17.67 6.18
N THR C 320 8.78 -18.56 5.26
CA THR C 320 8.32 -19.93 5.59
C THR C 320 8.66 -20.90 4.46
N HIS C 321 8.50 -22.18 4.77
CA HIS C 321 8.62 -23.21 3.74
C HIS C 321 7.26 -23.90 3.64
N GLY C 322 6.33 -23.45 4.48
CA GLY C 322 4.95 -23.93 4.49
C GLY C 322 3.99 -23.13 3.63
N ALA C 323 2.72 -23.50 3.69
CA ALA C 323 1.72 -22.80 2.89
C ALA C 323 1.28 -21.52 3.59
N LEU C 324 0.83 -20.55 2.81
CA LEU C 324 0.47 -19.28 3.39
C LEU C 324 -0.76 -18.68 2.68
N VAL C 325 -1.79 -18.35 3.47
CA VAL C 325 -2.93 -17.63 2.94
C VAL C 325 -3.18 -16.36 3.74
N PHE C 326 -3.31 -15.24 3.03
CA PHE C 326 -3.70 -13.96 3.63
C PHE C 326 -5.22 -13.63 3.46
N ILE C 327 -5.86 -13.26 4.56
CA ILE C 327 -7.20 -12.73 4.45
C ILE C 327 -7.14 -11.29 4.88
N ALA C 328 -7.56 -10.38 4.00
CA ALA C 328 -7.56 -8.94 4.32
C ALA C 328 -8.96 -8.47 4.76
N VAL C 329 -9.03 -7.91 5.96
CA VAL C 329 -10.28 -7.39 6.51
C VAL C 329 -10.23 -5.86 6.66
N ALA C 330 -10.91 -5.16 5.76
CA ALA C 330 -10.83 -3.70 5.80
C ALA C 330 -12.20 -3.08 5.49
N GLY C 331 -12.75 -2.38 6.48
CA GLY C 331 -13.98 -1.63 6.24
C GLY C 331 -13.74 -0.40 5.38
N ARG C 332 -14.81 0.25 4.97
CA ARG C 332 -14.71 1.38 4.06
C ARG C 332 -13.97 1.07 2.76
N SER C 333 -13.20 2.03 2.28
CA SER C 333 -12.41 1.85 1.07
C SER C 333 -11.22 0.95 1.37
N ASN C 334 -11.30 -0.27 0.84
CA ASN C 334 -10.30 -1.29 1.08
C ASN C 334 -9.11 -1.18 0.15
N GLY C 335 -8.03 -0.61 0.67
CA GLY C 335 -6.75 -0.56 -0.01
C GLY C 335 -5.81 -1.62 0.55
N LEU C 336 -6.19 -2.20 1.69
CA LEU C 336 -5.38 -3.21 2.35
C LEU C 336 -5.16 -4.44 1.48
N GLY C 337 -6.26 -5.10 1.13
CA GLY C 337 -6.22 -6.28 0.30
C GLY C 337 -5.49 -6.05 -1.00
N PRO C 338 -5.92 -5.05 -1.78
CA PRO C 338 -5.19 -4.82 -3.02
C PRO C 338 -3.73 -4.49 -2.78
N VAL C 339 -3.40 -3.80 -1.70
CA VAL C 339 -1.99 -3.52 -1.46
C VAL C 339 -1.20 -4.79 -1.12
N LEU C 340 -1.78 -5.65 -0.28
CA LEU C 340 -1.15 -6.94 -0.01
C LEU C 340 -0.97 -7.69 -1.32
N SER C 341 -2.00 -7.70 -2.16
CA SER C 341 -1.95 -8.43 -3.42
C SER C 341 -0.84 -7.93 -4.38
N GLY C 342 -0.58 -6.62 -4.35
CA GLY C 342 0.42 -6.05 -5.23
C GLY C 342 1.81 -6.31 -4.73
N ASN C 343 1.93 -6.71 -3.48
CA ASN C 343 3.26 -6.91 -2.91
C ASN C 343 3.60 -8.34 -2.54
N THR C 344 2.66 -9.28 -2.69
CA THR C 344 2.98 -10.66 -2.42
C THR C 344 2.47 -11.58 -3.53
N SER C 345 2.90 -12.84 -3.48
CA SER C 345 2.60 -13.82 -4.52
C SER C 345 1.71 -14.93 -3.95
N TYR C 346 1.54 -14.89 -2.64
CA TYR C 346 0.60 -15.77 -1.98
C TYR C 346 -0.84 -15.23 -2.14
N PRO C 347 -1.82 -16.14 -2.22
CA PRO C 347 -3.22 -15.75 -2.33
C PRO C 347 -3.67 -14.79 -1.23
N VAL C 348 -4.45 -13.79 -1.63
CA VAL C 348 -5.04 -12.79 -0.74
C VAL C 348 -6.56 -12.78 -0.94
N ILE C 349 -7.31 -13.02 0.13
CA ILE C 349 -8.76 -12.98 0.06
C ILE C 349 -9.30 -11.77 0.80
N ASN C 350 -10.16 -11.00 0.15
CA ASN C 350 -10.82 -9.87 0.77
C ASN C 350 -12.10 -10.31 1.44
N CYS C 351 -12.23 -10.04 2.73
CA CYS C 351 -13.50 -10.24 3.46
C CYS C 351 -13.87 -9.04 4.32
N PRO C 352 -14.50 -8.01 3.72
CA PRO C 352 -14.94 -6.80 4.42
C PRO C 352 -15.90 -7.15 5.55
N PRO C 353 -15.87 -6.38 6.64
CA PRO C 353 -16.81 -6.62 7.75
C PRO C 353 -18.26 -6.19 7.38
N PRO C 354 -19.26 -6.73 8.08
CA PRO C 354 -20.65 -6.40 7.73
C PRO C 354 -20.89 -4.93 8.01
N SER C 355 -21.71 -4.29 7.19
CA SER C 355 -21.88 -2.85 7.21
C SER C 355 -22.99 -2.52 6.24
N ASP C 356 -23.75 -1.47 6.50
CA ASP C 356 -24.77 -1.04 5.55
C ASP C 356 -24.10 -0.47 4.32
N LYS C 357 -22.92 0.07 4.52
CA LYS C 357 -22.15 0.68 3.44
C LYS C 357 -21.46 -0.34 2.52
N LEU C 358 -21.58 -1.63 2.83
CA LEU C 358 -20.94 -2.68 2.01
C LEU C 358 -21.40 -2.69 0.55
N VAL C 359 -22.66 -2.34 0.31
CA VAL C 359 -23.14 -2.27 -1.06
C VAL C 359 -22.36 -1.28 -1.89
N GLN C 360 -21.93 -0.21 -1.25
CA GLN C 360 -21.12 0.80 -1.92
C GLN C 360 -19.64 0.45 -1.87
N ASP C 361 -19.16 0.05 -0.70
CA ASP C 361 -17.72 -0.15 -0.47
C ASP C 361 -17.11 -1.35 -1.16
N ILE C 362 -17.92 -2.33 -1.52
CA ILE C 362 -17.34 -3.56 -2.01
C ILE C 362 -16.56 -3.40 -3.32
N TRP C 363 -16.78 -2.32 -4.05
CA TRP C 363 -16.10 -2.21 -5.31
C TRP C 363 -14.63 -1.85 -5.11
N SER C 364 -14.24 -1.50 -3.89
CA SER C 364 -12.84 -1.25 -3.59
C SER C 364 -12.10 -2.58 -3.48
N SER C 365 -12.84 -3.64 -3.18
CA SER C 365 -12.29 -4.97 -3.11
C SER C 365 -12.24 -5.59 -4.48
N LEU C 366 -13.39 -5.68 -5.14
CA LEU C 366 -13.44 -6.07 -6.55
C LEU C 366 -12.76 -4.94 -7.32
N SER C 367 -12.63 -5.08 -8.62
CA SER C 367 -12.09 -3.96 -9.43
C SER C 367 -10.76 -3.44 -8.90
N VAL C 368 -9.78 -4.33 -8.85
CA VAL C 368 -8.44 -3.96 -8.51
C VAL C 368 -7.72 -3.56 -9.79
N PRO C 369 -6.60 -2.82 -9.67
CA PRO C 369 -5.83 -2.54 -10.88
C PRO C 369 -5.37 -3.82 -11.56
N SER C 370 -5.18 -3.71 -12.87
CA SER C 370 -4.85 -4.86 -13.70
C SER C 370 -3.61 -5.49 -13.15
N GLY C 371 -3.61 -6.81 -13.07
CA GLY C 371 -2.41 -7.52 -12.61
C GLY C 371 -2.41 -7.86 -11.13
N LEU C 372 -3.57 -7.74 -10.48
CA LEU C 372 -3.70 -8.19 -9.10
C LEU C 372 -4.71 -9.34 -9.00
N GLY C 373 -4.36 -10.38 -8.25
CA GLY C 373 -5.18 -11.57 -8.14
C GLY C 373 -6.01 -11.62 -6.87
N CYS C 374 -6.20 -10.46 -6.26
CA CYS C 374 -7.04 -10.28 -5.09
C CYS C 374 -8.47 -10.85 -5.35
N ALA C 375 -8.94 -11.79 -4.54
CA ALA C 375 -10.30 -12.36 -4.69
C ALA C 375 -11.17 -11.89 -3.55
N THR C 376 -12.49 -11.90 -3.74
CA THR C 376 -13.39 -11.35 -2.72
C THR C 376 -14.48 -12.29 -2.23
N VAL C 377 -14.73 -12.23 -0.94
CA VAL C 377 -15.79 -13.01 -0.33
C VAL C 377 -16.51 -12.05 0.62
N ILE C 378 -17.77 -12.34 0.95
CA ILE C 378 -18.61 -11.37 1.65
C ILE C 378 -19.00 -11.79 3.08
N TYR C 379 -18.83 -13.08 3.37
CA TYR C 379 -19.15 -13.62 4.69
C TYR C 379 -17.91 -14.27 5.35
N PRO C 380 -17.75 -14.06 6.69
CA PRO C 380 -16.57 -14.57 7.40
C PRO C 380 -16.39 -16.09 7.33
N ASP C 381 -17.49 -16.85 7.42
CA ASP C 381 -17.40 -18.31 7.28
C ASP C 381 -16.95 -18.68 5.87
N SER C 382 -17.49 -18.02 4.86
CA SER C 382 -17.09 -18.37 3.52
C SER C 382 -15.63 -17.97 3.24
N ALA C 383 -15.06 -17.09 4.04
CA ALA C 383 -13.65 -16.75 3.85
C ALA C 383 -12.76 -17.87 4.37
N ALA C 384 -13.16 -18.44 5.51
CA ALA C 384 -12.40 -19.52 6.10
C ALA C 384 -12.45 -20.70 5.15
N LEU C 385 -13.60 -20.92 4.53
CA LEU C 385 -13.71 -22.05 3.63
C LEU C 385 -12.77 -21.89 2.42
N MET C 386 -12.72 -20.69 1.84
CA MET C 386 -11.81 -20.45 0.72
C MET C 386 -10.37 -20.76 1.10
N ALA C 387 -9.97 -20.29 2.28
CA ALA C 387 -8.63 -20.56 2.78
C ALA C 387 -8.44 -22.06 2.87
N ALA C 388 -9.40 -22.73 3.53
CA ALA C 388 -9.37 -24.17 3.70
C ALA C 388 -9.34 -24.94 2.38
N GLN C 389 -10.15 -24.54 1.41
CA GLN C 389 -10.15 -25.21 0.12
C GLN C 389 -8.80 -25.08 -0.56
N ILE C 390 -8.09 -24.00 -0.27
CA ILE C 390 -6.76 -23.79 -0.83
C ILE C 390 -5.75 -24.66 -0.11
N ILE C 391 -5.77 -24.62 1.22
CA ILE C 391 -4.83 -25.37 2.01
C ILE C 391 -5.07 -26.88 1.88
N GLY C 392 -6.34 -27.24 1.65
CA GLY C 392 -6.69 -28.63 1.45
C GLY C 392 -6.04 -29.25 0.23
N LEU C 393 -5.53 -28.45 -0.70
CA LEU C 393 -4.86 -29.07 -1.84
C LEU C 393 -3.61 -29.79 -1.41
N GLN C 394 -3.17 -29.46 -0.20
CA GLN C 394 -1.92 -30.00 0.35
C GLN C 394 -2.15 -30.77 1.63
N ASP C 395 -3.34 -30.65 2.22
CA ASP C 395 -3.62 -31.32 3.49
C ASP C 395 -4.94 -32.04 3.32
N TYR C 396 -4.87 -33.34 3.04
CA TYR C 396 -6.06 -34.07 2.66
C TYR C 396 -7.07 -34.11 3.80
N LEU C 397 -6.58 -34.01 5.04
CA LEU C 397 -7.46 -34.05 6.18
CA LEU C 397 -7.47 -34.05 6.18
C LEU C 397 -8.35 -32.81 6.21
N VAL C 398 -7.75 -31.65 5.94
CA VAL C 398 -8.53 -30.43 5.86
C VAL C 398 -9.56 -30.59 4.74
N TRP C 399 -9.10 -31.11 3.61
CA TRP C 399 -9.94 -31.42 2.47
C TRP C 399 -11.04 -32.40 2.84
N GLY C 400 -10.71 -33.41 3.66
CA GLY C 400 -11.71 -34.31 4.20
C GLY C 400 -12.78 -33.56 4.95
N ARG C 401 -12.39 -32.68 5.87
CA ARG C 401 -13.36 -31.97 6.69
C ARG C 401 -14.32 -31.10 5.89
N LEU C 402 -13.83 -30.56 4.79
CA LEU C 402 -14.67 -29.79 3.89
C LEU C 402 -15.78 -30.65 3.29
N ARG C 403 -15.45 -31.86 2.84
CA ARG C 403 -16.47 -32.73 2.27
C ARG C 403 -17.41 -33.25 3.36
N SER C 404 -16.88 -33.51 4.54
CA SER C 404 -17.73 -33.99 5.63
CA SER C 404 -17.73 -34.00 5.61
C SER C 404 -18.71 -32.88 5.99
N LYS C 405 -18.24 -31.65 5.94
CA LYS C 405 -19.08 -30.52 6.30
C LYS C 405 -20.26 -30.44 5.32
N GLN C 406 -19.98 -30.68 4.05
CA GLN C 406 -21.02 -30.69 3.04
C GLN C 406 -22.03 -31.78 3.32
N LEU C 407 -21.55 -32.93 3.77
CA LEU C 407 -22.47 -34.02 4.08
C LEU C 407 -23.35 -33.70 5.29
N ASP C 408 -22.78 -33.04 6.30
CA ASP C 408 -23.53 -32.69 7.49
C ASP C 408 -24.67 -31.74 7.12
N MET C 409 -24.37 -30.82 6.22
CA MET C 409 -25.31 -29.79 5.82
C MET C 409 -26.45 -30.38 5.01
N ALA C 410 -26.16 -31.36 4.17
CA ALA C 410 -27.23 -31.92 3.37
C ALA C 410 -28.15 -32.71 4.28
N HIS C 411 -27.55 -33.45 5.21
CA HIS C 411 -28.33 -34.30 6.09
C HIS C 411 -29.17 -33.45 7.04
N SER C 412 -28.65 -32.30 7.43
CA SER C 412 -29.40 -31.40 8.32
C SER C 412 -30.63 -30.81 7.61
N LEU C 413 -30.50 -30.56 6.32
CA LEU C 413 -31.61 -30.09 5.53
C LEU C 413 -32.78 -31.09 5.53
N ARG C 414 -32.48 -32.37 5.43
CA ARG C 414 -33.54 -33.39 5.40
C ARG C 414 -34.28 -33.49 6.71
N GLN C 415 -33.55 -33.41 7.81
CA GLN C 415 -34.19 -33.41 9.10
C GLN C 415 -35.08 -32.20 9.23
N ALA C 416 -34.61 -31.06 8.73
CA ALA C 416 -35.42 -29.86 8.73
C ALA C 416 -36.66 -30.05 7.88
N ASP C 417 -36.48 -30.67 6.70
CA ASP C 417 -37.59 -30.88 5.77
C ASP C 417 -38.64 -31.79 6.38
N LYS C 418 -38.18 -32.90 6.98
CA LYS C 418 -39.08 -33.89 7.60
C LYS C 418 -39.92 -33.30 8.71
N LYS C 419 -39.41 -32.22 9.28
CA LYS C 419 -40.07 -31.54 10.39
C LYS C 419 -41.17 -30.55 9.88
N LEU C 420 -41.00 -30.04 8.66
CA LEU C 420 -41.94 -29.06 8.08
C LEU C 420 -42.87 -29.60 7.00
N ARG C 421 -42.75 -30.89 6.69
CA ARG C 421 -43.27 -31.48 5.46
C ARG C 421 -44.79 -31.77 5.48
N LEU D 16 -7.06 63.28 -29.82
CA LEU D 16 -6.44 64.05 -28.76
C LEU D 16 -7.35 64.21 -27.53
N ILE D 17 -6.72 64.44 -26.38
CA ILE D 17 -7.43 64.69 -25.12
C ILE D 17 -6.49 65.39 -24.15
N GLU D 18 -6.96 66.50 -23.58
CA GLU D 18 -6.14 67.28 -22.66
C GLU D 18 -6.59 67.03 -21.23
N GLY D 19 -5.65 66.97 -20.30
CA GLY D 19 -6.00 66.60 -18.94
C GLY D 19 -5.13 67.06 -17.77
N LYS D 20 -4.49 68.23 -17.92
CA LYS D 20 -3.75 68.86 -16.81
C LYS D 20 -2.56 68.06 -16.30
N THR D 21 -2.67 66.74 -16.38
CA THR D 21 -1.64 65.85 -15.88
C THR D 21 -1.24 64.87 -16.97
N LYS D 22 -2.01 64.85 -18.04
CA LYS D 22 -1.76 63.96 -19.17
C LYS D 22 -2.26 64.50 -20.50
N GLN D 23 -1.58 64.14 -21.57
CA GLN D 23 -2.07 64.41 -22.91
C GLN D 23 -2.12 63.07 -23.63
N VAL D 24 -3.11 62.90 -24.51
CA VAL D 24 -3.27 61.67 -25.28
C VAL D 24 -3.29 62.00 -26.77
N PHE D 25 -2.30 61.51 -27.53
CA PHE D 25 -2.22 61.79 -28.97
C PHE D 25 -2.56 60.58 -29.79
N ASP D 26 -3.10 60.82 -30.98
CA ASP D 26 -3.31 59.76 -31.95
C ASP D 26 -1.93 59.33 -32.45
N VAL D 27 -1.81 58.08 -32.85
CA VAL D 27 -0.60 57.59 -33.51
C VAL D 27 -1.01 57.03 -34.87
N PRO D 28 -0.88 57.84 -35.94
CA PRO D 28 -1.46 57.49 -37.24
C PRO D 28 -0.74 56.34 -37.96
N ASP D 29 0.50 56.07 -37.57
CA ASP D 29 1.30 55.02 -38.22
C ASP D 29 0.98 53.65 -37.62
N GLN D 30 0.47 53.66 -36.39
CA GLN D 30 0.01 52.43 -35.72
C GLN D 30 -1.49 52.48 -35.49
N PRO D 31 -2.25 51.70 -36.28
CA PRO D 31 -3.71 51.69 -36.24
C PRO D 31 -4.21 51.10 -34.92
N GLY D 32 -4.82 51.93 -34.07
CA GLY D 32 -5.21 51.52 -32.73
C GLY D 32 -4.13 51.82 -31.69
N LEU D 35 -2.76 54.77 -30.18
CA LEU D 35 -2.80 55.81 -29.14
C LEU D 35 -1.52 55.96 -28.31
N LEU D 36 -1.11 57.21 -28.05
CA LEU D 36 0.08 57.49 -27.21
C LEU D 36 -0.34 58.42 -26.07
N LEU D 37 -0.01 58.05 -24.84
CA LEU D 37 -0.36 58.89 -23.70
C LEU D 37 0.87 59.55 -23.08
N ASN D 38 0.86 60.87 -22.98
CA ASN D 38 2.01 61.53 -22.41
C ASN D 38 1.71 62.15 -21.06
N LYS D 39 2.38 61.59 -20.04
CA LYS D 39 2.18 62.02 -18.66
C LYS D 39 3.02 63.28 -18.40
N ASP D 40 2.40 64.23 -17.70
CA ASP D 40 3.03 65.54 -17.41
C ASP D 40 3.51 65.57 -15.95
N ARG D 41 4.46 66.46 -15.65
CA ARG D 41 5.03 66.52 -14.28
C ARG D 41 4.31 67.49 -13.33
N ILE D 42 2.98 67.41 -13.27
CA ILE D 42 2.13 68.35 -12.53
C ILE D 42 1.24 67.68 -11.48
N THR D 43 0.73 68.48 -10.53
CA THR D 43 -0.20 68.00 -9.51
C THR D 43 -1.41 68.95 -9.36
N ALA D 44 -2.61 68.39 -9.51
CA ALA D 44 -3.84 69.20 -9.54
C ALA D 44 -4.73 68.93 -8.32
N HIS D 51 -3.11 73.68 -7.90
CA HIS D 51 -2.22 73.21 -8.96
C HIS D 51 -0.73 73.49 -8.66
N ASP D 52 0.10 72.44 -8.68
CA ASP D 52 1.55 72.61 -8.48
C ASP D 52 2.35 71.65 -9.41
N LEU D 53 3.68 71.69 -9.34
CA LEU D 53 4.54 70.82 -10.17
C LEU D 53 5.53 70.00 -9.34
N GLU D 54 6.30 69.16 -10.02
CA GLU D 54 7.35 68.32 -9.42
C GLU D 54 8.25 67.72 -10.51
N GLY D 55 8.93 66.62 -10.18
CA GLY D 55 9.72 65.86 -11.14
C GLY D 55 9.16 64.45 -11.38
N LYS D 56 7.82 64.34 -11.43
CA LYS D 56 7.11 63.07 -11.26
C LYS D 56 6.52 62.35 -12.50
N ALA D 57 6.57 62.95 -13.68
CA ALA D 57 5.91 62.35 -14.84
C ALA D 57 6.48 60.97 -15.13
N ALA D 58 7.77 60.80 -14.87
CA ALA D 58 8.38 59.50 -15.08
C ALA D 58 7.78 58.50 -14.09
N ILE D 59 7.53 58.97 -12.87
CA ILE D 59 7.02 58.11 -11.80
C ILE D 59 5.63 57.59 -12.13
N SER D 60 4.75 58.50 -12.56
CA SER D 60 3.40 58.10 -12.91
C SER D 60 3.41 57.02 -13.99
N ASN D 61 4.19 57.26 -15.04
CA ASN D 61 4.29 56.35 -16.15
C ASN D 61 4.76 55.01 -15.60
N GLN D 62 5.74 55.08 -14.70
CA GLN D 62 6.36 53.89 -14.12
C GLN D 62 5.35 53.11 -13.24
N THR D 63 4.61 53.86 -12.42
CA THR D 63 3.56 53.32 -11.56
C THR D 63 2.45 52.67 -12.34
N ASN D 64 1.93 53.43 -13.29
CA ASN D 64 0.85 52.92 -14.10
C ASN D 64 1.22 51.67 -14.87
N ALA D 65 2.35 51.70 -15.56
CA ALA D 65 2.77 50.57 -16.38
C ALA D 65 2.87 49.31 -15.52
N LYS D 66 3.30 49.49 -14.27
CA LYS D 66 3.43 48.39 -13.34
C LYS D 66 2.06 47.84 -12.95
N VAL D 67 1.15 48.75 -12.63
CA VAL D 67 -0.20 48.39 -12.25
C VAL D 67 -0.90 47.65 -13.37
N PHE D 68 -0.88 48.21 -14.58
CA PHE D 68 -1.65 47.60 -15.66
C PHE D 68 -1.11 46.24 -16.00
N GLU D 69 0.19 46.06 -15.86
CA GLU D 69 0.79 44.78 -16.18
C GLU D 69 0.33 43.70 -15.20
N ILE D 70 0.16 44.08 -13.94
CA ILE D 70 -0.32 43.16 -12.91
C ILE D 70 -1.75 42.75 -13.19
N LEU D 71 -2.54 43.70 -13.69
CA LEU D 71 -3.94 43.41 -13.96
C LEU D 71 -4.05 42.60 -15.23
N LYS D 72 -3.10 42.82 -16.14
CA LYS D 72 -3.07 42.02 -17.36
C LYS D 72 -2.74 40.57 -17.00
N SER D 73 -1.83 40.40 -16.04
CA SER D 73 -1.40 39.08 -15.61
C SER D 73 -2.53 38.41 -14.80
N ALA D 74 -3.43 39.21 -14.24
CA ALA D 74 -4.59 38.67 -13.57
C ALA D 74 -5.64 38.33 -14.61
N GLY D 75 -5.56 38.99 -15.76
CA GLY D 75 -6.43 38.65 -16.87
C GLY D 75 -7.44 39.74 -17.16
N ILE D 76 -7.39 40.80 -16.36
CA ILE D 76 -8.25 41.95 -16.61
C ILE D 76 -7.94 42.55 -17.98
N LYS D 77 -8.97 42.95 -18.70
CA LYS D 77 -8.79 43.53 -20.02
C LYS D 77 -8.51 45.04 -19.98
N THR D 78 -7.38 45.47 -20.53
CA THR D 78 -6.94 46.88 -20.46
C THR D 78 -6.62 47.51 -21.80
N ALA D 79 -6.59 48.84 -21.82
CA ALA D 79 -6.22 49.58 -23.03
C ALA D 79 -4.71 49.62 -23.13
N PHE D 80 -4.05 49.20 -22.06
CA PHE D 80 -2.63 49.42 -21.98
C PHE D 80 -1.84 48.38 -22.80
N VAL D 81 -0.90 48.88 -23.60
CA VAL D 81 -0.10 47.98 -24.44
C VAL D 81 1.35 47.90 -23.95
N LYS D 82 2.07 49.02 -23.97
CA LYS D 82 3.47 49.02 -23.53
C LYS D 82 4.02 50.42 -23.31
N ILE D 83 5.15 50.49 -22.62
CA ILE D 83 5.86 51.74 -22.42
C ILE D 83 6.49 52.25 -23.73
N ALA D 84 6.27 53.52 -24.03
CA ALA D 84 6.82 54.16 -25.22
C ALA D 84 8.09 54.92 -24.85
N SER D 85 8.04 55.54 -23.67
CA SER D 85 9.18 56.27 -23.12
C SER D 85 9.10 56.32 -21.59
N GLU D 86 9.82 57.27 -21.01
CA GLU D 86 9.94 57.38 -19.56
C GLU D 86 8.73 58.10 -18.99
N THR D 87 8.05 58.84 -19.86
CA THR D 87 6.94 59.69 -19.43
C THR D 87 5.66 59.39 -20.21
N ALA D 88 5.76 58.48 -21.17
CA ALA D 88 4.65 58.13 -22.02
C ALA D 88 4.48 56.61 -22.18
N PHE D 89 3.29 56.19 -22.59
CA PHE D 89 3.06 54.79 -22.94
C PHE D 89 2.06 54.65 -24.09
N LEU D 90 2.11 53.51 -24.77
CA LEU D 90 1.21 53.23 -25.89
C LEU D 90 -0.04 52.46 -25.43
N SER D 91 -1.20 52.92 -25.87
CA SER D 91 -2.48 52.38 -25.41
C SER D 91 -3.39 52.03 -26.57
N LYS D 92 -4.33 51.11 -26.36
CA LYS D 92 -5.38 50.86 -27.35
C LYS D 92 -6.28 52.09 -27.49
N LYS D 93 -6.60 52.48 -28.72
CA LYS D 93 -7.41 53.68 -28.91
C LYS D 93 -8.87 53.37 -28.60
N CYS D 94 -9.49 54.14 -27.71
CA CYS D 94 -10.90 53.88 -27.39
C CYS D 94 -11.64 55.06 -26.78
N GLU D 95 -12.96 55.10 -26.99
CA GLU D 95 -13.81 56.20 -26.50
C GLU D 95 -14.22 55.99 -25.05
N MET D 96 -13.90 56.97 -24.21
CA MET D 96 -14.07 56.87 -22.76
C MET D 96 -15.52 57.05 -22.32
N ILE D 97 -15.96 56.24 -21.35
CA ILE D 97 -17.27 56.42 -20.74
C ILE D 97 -17.03 57.47 -19.66
N PRO D 98 -17.82 58.56 -19.67
CA PRO D 98 -17.59 59.68 -18.74
C PRO D 98 -18.02 59.39 -17.28
N ILE D 99 -17.60 58.24 -16.77
CA ILE D 99 -17.86 57.89 -15.39
C ILE D 99 -16.57 57.58 -14.69
N GLU D 100 -16.42 58.16 -13.50
CA GLU D 100 -15.37 57.75 -12.57
C GLU D 100 -15.96 56.59 -11.71
N TRP D 101 -15.32 55.41 -11.79
CA TRP D 101 -15.77 54.27 -11.01
C TRP D 101 -14.99 54.17 -9.73
N VAL D 102 -15.65 54.43 -8.62
CA VAL D 102 -14.96 54.56 -7.34
C VAL D 102 -15.24 53.39 -6.37
N THR D 103 -14.18 52.83 -5.77
CA THR D 103 -14.35 51.72 -4.82
C THR D 103 -13.71 52.08 -3.48
N ARG D 104 -14.43 51.79 -2.39
CA ARG D 104 -13.92 52.04 -1.05
C ARG D 104 -14.00 50.79 -0.19
N ARG D 105 -13.03 50.61 0.69
CA ARG D 105 -13.13 49.56 1.70
C ARG D 105 -13.53 50.19 3.05
N LEU D 106 -13.15 51.46 3.21
CA LEU D 106 -13.41 52.21 4.44
C LEU D 106 -14.19 53.50 4.18
N ALA D 107 -14.89 53.97 5.20
CA ALA D 107 -15.51 55.29 5.10
C ALA D 107 -14.49 56.34 5.50
N THR D 108 -14.10 57.19 4.55
CA THR D 108 -13.19 58.29 4.83
C THR D 108 -13.28 59.28 3.69
N GLY D 109 -12.58 60.42 3.83
CA GLY D 109 -12.56 61.42 2.78
C GLY D 109 -13.89 62.13 2.58
N SER D 110 -14.19 62.44 1.32
CA SER D 110 -15.43 63.13 0.98
C SER D 110 -16.64 62.24 1.21
N PHE D 111 -16.39 60.94 1.38
CA PHE D 111 -17.50 60.04 1.61
C PHE D 111 -18.22 60.43 2.89
N LEU D 112 -17.43 60.82 3.89
CA LEU D 112 -17.96 61.12 5.22
C LEU D 112 -18.92 62.31 5.22
N LYS D 113 -18.65 63.32 4.40
CA LYS D 113 -19.51 64.50 4.34
C LYS D 113 -20.86 64.14 3.75
N ARG D 114 -20.84 63.33 2.70
CA ARG D 114 -22.07 62.95 2.01
C ARG D 114 -22.91 61.96 2.81
N ASN D 115 -22.29 61.33 3.80
CA ASN D 115 -23.03 60.38 4.63
C ASN D 115 -22.84 60.66 6.10
N PRO D 116 -23.40 61.78 6.59
CA PRO D 116 -23.23 62.14 7.99
C PRO D 116 -23.69 61.02 8.88
N GLY D 117 -22.91 60.69 9.89
CA GLY D 117 -23.32 59.63 10.81
C GLY D 117 -22.47 58.39 10.71
N VAL D 118 -21.84 58.20 9.55
CA VAL D 118 -20.90 57.11 9.33
C VAL D 118 -19.51 57.53 9.82
N PRO D 119 -18.96 56.80 10.81
CA PRO D 119 -17.64 57.16 11.35
C PRO D 119 -16.49 56.72 10.44
N GLU D 120 -15.38 57.48 10.46
CA GLU D 120 -14.21 57.15 9.68
C GLU D 120 -13.72 55.75 10.06
N GLY D 121 -13.42 54.93 9.06
CA GLY D 121 -12.92 53.61 9.30
C GLY D 121 -14.02 52.57 9.25
N PHE D 122 -15.25 53.01 9.02
CA PHE D 122 -16.35 52.08 8.83
C PHE D 122 -16.01 51.22 7.63
N ARG D 123 -16.03 49.92 7.84
CA ARG D 123 -15.55 48.99 6.82
C ARG D 123 -16.67 48.51 5.92
N PHE D 124 -16.40 48.49 4.62
CA PHE D 124 -17.36 48.07 3.62
C PHE D 124 -17.07 46.65 3.14
N THR D 125 -17.95 45.71 3.49
CA THR D 125 -17.81 44.33 3.01
C THR D 125 -19.16 43.95 2.39
N PRO D 126 -19.19 43.78 1.05
CA PRO D 126 -18.10 43.86 0.07
C PRO D 126 -17.69 45.32 -0.16
N PRO D 127 -16.61 45.54 -0.90
CA PRO D 127 -16.23 46.95 -1.04
C PRO D 127 -17.31 47.80 -1.72
N LYS D 128 -17.56 48.98 -1.17
CA LYS D 128 -18.52 49.89 -1.79
C LYS D 128 -18.03 50.32 -3.14
N GLN D 129 -18.93 50.38 -4.12
CA GLN D 129 -18.57 50.92 -5.41
C GLN D 129 -19.59 51.96 -5.90
N GLU D 130 -19.10 53.19 -6.13
CA GLU D 130 -19.94 54.34 -6.48
C GLU D 130 -19.53 54.94 -7.82
N THR D 131 -20.45 55.66 -8.43
CA THR D 131 -20.18 56.22 -9.75
C THR D 131 -20.32 57.74 -9.77
N PHE D 132 -19.49 58.41 -10.58
CA PHE D 132 -19.53 59.87 -10.69
C PHE D 132 -19.47 60.33 -12.16
N PHE D 133 -20.20 61.39 -12.48
CA PHE D 133 -20.26 61.95 -13.84
C PHE D 133 -19.27 63.11 -14.01
N LYS D 134 -19.00 63.49 -15.25
CA LYS D 134 -18.26 64.74 -15.54
C LYS D 134 -19.20 65.97 -15.67
N ASP D 140 -18.56 67.45 -10.89
CA ASP D 140 -18.45 65.99 -10.96
C ASP D 140 -19.40 65.29 -9.99
N PRO D 141 -20.73 65.35 -10.26
CA PRO D 141 -21.80 64.81 -9.39
C PRO D 141 -22.02 63.28 -9.45
N GLN D 142 -22.53 62.73 -8.34
CA GLN D 142 -22.76 61.29 -8.22
C GLN D 142 -23.98 60.84 -9.01
N TRP D 143 -23.87 59.69 -9.67
CA TRP D 143 -25.00 59.12 -10.41
C TRP D 143 -25.31 57.74 -9.87
N SER D 144 -26.58 57.35 -10.00
CA SER D 144 -26.98 56.00 -9.71
C SER D 144 -26.76 55.19 -10.96
N GLU D 145 -26.80 53.87 -10.79
CA GLU D 145 -26.71 52.96 -11.93
C GLU D 145 -27.89 53.20 -12.85
N GLU D 146 -29.05 53.46 -12.26
CA GLU D 146 -30.26 53.83 -13.01
C GLU D 146 -30.01 55.03 -13.91
N GLN D 147 -29.33 56.04 -13.36
CA GLN D 147 -28.98 57.22 -14.13
C GLN D 147 -28.06 56.90 -15.31
N ILE D 148 -27.04 56.07 -15.09
CA ILE D 148 -26.11 55.73 -16.18
C ILE D 148 -26.83 55.05 -17.35
N ILE D 149 -27.79 54.19 -17.03
CA ILE D 149 -28.60 53.49 -18.02
C ILE D 149 -29.53 54.45 -18.75
N SER D 150 -30.21 55.30 -17.99
CA SER D 150 -31.18 56.20 -18.61
C SER D 150 -30.44 57.25 -19.45
N ALA D 151 -29.14 57.39 -19.23
CA ALA D 151 -28.35 58.36 -19.98
C ALA D 151 -28.13 57.91 -21.43
N LYS D 152 -28.32 56.61 -21.66
CA LYS D 152 -28.15 56.03 -22.99
C LYS D 152 -26.83 56.40 -23.70
N PHE D 153 -25.71 56.26 -23.00
CA PHE D 153 -24.38 56.47 -23.59
C PHE D 153 -24.16 55.49 -24.73
N ASN D 154 -23.41 55.89 -25.74
CA ASN D 154 -23.20 55.06 -26.93
C ASN D 154 -21.79 55.30 -27.46
N TYR D 155 -20.97 54.26 -27.42
CA TYR D 155 -19.60 54.40 -27.86
C TYR D 155 -19.24 53.23 -28.72
N ASN D 156 -18.66 53.50 -29.88
CA ASN D 156 -18.25 52.45 -30.80
C ASN D 156 -19.32 51.39 -31.03
N GLY D 157 -20.57 51.80 -31.04
CA GLY D 157 -21.67 50.89 -31.32
C GLY D 157 -22.17 50.13 -30.11
N LEU D 158 -21.56 50.41 -28.97
CA LEU D 158 -21.98 49.78 -27.74
C LEU D 158 -22.79 50.75 -26.90
N LEU D 159 -24.09 50.47 -26.80
CA LEU D 159 -24.94 51.26 -25.93
C LEU D 159 -24.70 50.73 -24.53
N ILE D 160 -24.49 51.64 -23.59
CA ILE D 160 -24.18 51.20 -22.24
C ILE D 160 -25.46 50.98 -21.44
N GLY D 161 -25.79 49.70 -21.32
CA GLY D 161 -26.94 49.26 -20.56
C GLY D 161 -26.52 48.56 -19.29
N ARG D 162 -27.51 47.97 -18.61
CA ARG D 162 -27.28 47.42 -17.30
C ARG D 162 -26.24 46.29 -17.36
N ASP D 163 -26.17 45.54 -18.46
CA ASP D 163 -25.11 44.51 -18.57
C ASP D 163 -23.75 45.16 -18.51
N GLU D 164 -23.60 46.25 -19.27
CA GLU D 164 -22.35 46.95 -19.36
C GLU D 164 -22.00 47.53 -18.02
N VAL D 165 -23.02 48.11 -17.39
CA VAL D 165 -22.85 48.63 -16.05
C VAL D 165 -22.51 47.53 -15.03
N ASP D 166 -23.17 46.38 -15.15
CA ASP D 166 -22.89 45.25 -14.30
C ASP D 166 -21.44 44.82 -14.42
N TYR D 167 -20.97 44.69 -15.67
CA TYR D 167 -19.60 44.30 -15.93
C TYR D 167 -18.62 45.32 -15.31
N MET D 168 -18.89 46.60 -15.49
CA MET D 168 -17.98 47.64 -14.98
C MET D 168 -17.99 47.71 -13.45
N ARG D 169 -19.16 47.43 -12.86
CA ARG D 169 -19.21 47.41 -11.41
C ARG D 169 -18.37 46.27 -10.90
N LYS D 170 -18.58 45.10 -11.49
CA LYS D 170 -17.89 43.90 -11.03
C LYS D 170 -16.41 44.02 -11.27
N ALA D 171 -16.04 44.60 -12.41
CA ALA D 171 -14.63 44.77 -12.76
C ALA D 171 -13.93 45.80 -11.87
N THR D 172 -14.62 46.89 -11.56
CA THR D 172 -14.03 47.86 -10.65
C THR D 172 -13.80 47.24 -9.29
N ILE D 173 -14.79 46.56 -8.74
CA ILE D 173 -14.61 45.89 -7.46
C ILE D 173 -13.44 44.88 -7.48
N LEU D 174 -13.32 44.14 -8.57
CA LEU D 174 -12.28 43.13 -8.73
C LEU D 174 -10.88 43.74 -8.74
N ILE D 175 -10.75 44.85 -9.47
CA ILE D 175 -9.47 45.51 -9.64
C ILE D 175 -9.01 46.07 -8.31
N PHE D 176 -9.96 46.66 -7.58
CA PHE D 176 -9.69 47.13 -6.24
C PHE D 176 -9.19 45.97 -5.39
N GLU D 177 -9.89 44.83 -5.47
CA GLU D 177 -9.55 43.69 -4.64
C GLU D 177 -8.14 43.15 -4.96
N ILE D 178 -7.79 43.10 -6.24
CA ILE D 178 -6.45 42.65 -6.63
C ILE D 178 -5.36 43.56 -6.11
N LEU D 179 -5.52 44.86 -6.32
CA LEU D 179 -4.51 45.81 -5.88
C LEU D 179 -4.42 45.88 -4.35
N GLU D 180 -5.57 45.73 -3.69
CA GLU D 180 -5.67 45.76 -2.24
C GLU D 180 -4.76 44.67 -1.73
N LYS D 181 -4.83 43.54 -2.41
CA LYS D 181 -4.04 42.36 -2.08
C LYS D 181 -2.54 42.62 -2.31
N ALA D 182 -2.22 43.23 -3.44
CA ALA D 182 -0.82 43.52 -3.74
C ALA D 182 -0.16 44.43 -2.71
N TRP D 183 -0.77 45.57 -2.42
CA TRP D 183 -0.17 46.54 -1.50
C TRP D 183 -0.03 45.99 -0.09
N ALA D 184 -0.77 44.93 0.21
CA ALA D 184 -0.72 44.33 1.52
C ALA D 184 0.61 43.59 1.71
N LEU D 185 1.31 43.35 0.61
CA LEU D 185 2.62 42.73 0.67
C LEU D 185 3.60 43.76 1.18
N ARG D 186 3.33 45.01 0.86
CA ARG D 186 4.21 46.11 1.24
C ARG D 186 3.63 46.88 2.42
N ASP D 187 2.76 46.19 3.15
CA ASP D 187 2.25 46.67 4.44
C ASP D 187 1.45 47.98 4.29
N CYS D 188 0.81 48.13 3.13
CA CYS D 188 -0.05 49.29 2.89
C CYS D 188 -1.49 48.84 2.75
N ALA D 189 -2.38 49.51 3.47
CA ALA D 189 -3.79 49.26 3.27
C ALA D 189 -4.24 50.15 2.12
N LEU D 190 -4.78 49.54 1.08
CA LEU D 190 -5.43 50.31 0.03
C LEU D 190 -6.80 50.69 0.55
N ILE D 191 -7.11 51.99 0.52
CA ILE D 191 -8.34 52.45 1.17
C ILE D 191 -9.45 52.73 0.17
N ASP D 192 -9.09 53.36 -0.94
CA ASP D 192 -10.04 53.53 -2.02
C ASP D 192 -9.38 53.83 -3.35
N MET D 193 -10.18 53.75 -4.42
CA MET D 193 -9.68 53.92 -5.79
C MET D 193 -10.71 54.49 -6.71
N LYS D 194 -10.22 55.12 -7.76
CA LYS D 194 -11.05 55.55 -8.88
C LYS D 194 -10.36 55.08 -10.16
N ILE D 195 -11.15 54.52 -11.07
CA ILE D 195 -10.70 54.10 -12.40
C ILE D 195 -11.69 54.57 -13.47
N GLU D 196 -11.31 54.41 -14.73
CA GLU D 196 -12.18 54.76 -15.85
C GLU D 196 -12.17 53.72 -16.96
N PHE D 197 -13.28 53.59 -17.67
CA PHE D 197 -13.39 52.62 -18.76
C PHE D 197 -13.62 53.29 -20.08
N GLY D 198 -13.29 52.58 -21.15
CA GLY D 198 -13.54 53.03 -22.51
C GLY D 198 -14.01 51.85 -23.33
N VAL D 199 -14.49 52.12 -24.53
CA VAL D 199 -14.96 51.10 -25.46
C VAL D 199 -14.02 51.05 -26.66
N ASP D 200 -13.28 49.96 -26.81
CA ASP D 200 -12.34 49.81 -27.92
C ASP D 200 -13.07 49.64 -29.25
N THR D 201 -12.31 49.67 -30.33
CA THR D 201 -12.84 49.53 -31.69
C THR D 201 -13.85 48.39 -31.90
N GLU D 202 -13.60 47.23 -31.29
CA GLU D 202 -14.44 46.05 -31.51
C GLU D 202 -15.66 45.95 -30.58
N GLY D 203 -15.92 47.04 -29.85
CA GLY D 203 -17.07 47.13 -28.96
C GLY D 203 -16.79 46.57 -27.57
N SER D 204 -15.52 46.33 -27.28
CA SER D 204 -15.16 45.72 -26.02
C SER D 204 -14.85 46.78 -24.97
N ILE D 205 -15.31 46.54 -23.75
CA ILE D 205 -15.05 47.47 -22.68
C ILE D 205 -13.67 47.14 -22.10
N VAL D 206 -12.78 48.13 -22.15
CA VAL D 206 -11.43 47.94 -21.64
C VAL D 206 -11.16 48.94 -20.51
N LEU D 207 -10.34 48.55 -19.53
CA LEU D 207 -9.89 49.48 -18.49
C LEU D 207 -8.88 50.38 -19.16
N ALA D 208 -9.10 51.69 -19.06
CA ALA D 208 -8.49 52.60 -20.02
C ALA D 208 -7.88 53.92 -19.56
N ASP D 209 -7.51 54.09 -18.31
CA ASP D 209 -7.00 55.41 -17.96
C ASP D 209 -5.53 55.40 -17.50
N VAL D 210 -5.31 55.82 -16.26
CA VAL D 210 -4.00 55.87 -15.67
C VAL D 210 -4.32 55.60 -14.21
N ILE D 211 -3.66 54.62 -13.63
CA ILE D 211 -3.82 54.37 -12.21
C ILE D 211 -2.48 54.64 -11.54
N ASP D 212 -2.42 55.75 -10.81
CA ASP D 212 -1.21 56.11 -10.08
C ASP D 212 -1.54 56.57 -8.67
N SER D 213 -0.64 57.33 -8.07
CA SER D 213 -0.81 57.75 -6.70
C SER D 213 -1.88 58.81 -6.51
N ASP D 214 -2.42 59.33 -7.61
CA ASP D 214 -3.56 60.25 -7.52
C ASP D 214 -4.87 59.51 -7.66
N SER D 215 -4.79 58.26 -8.07
CA SER D 215 -5.97 57.47 -8.36
C SER D 215 -6.42 56.75 -7.11
N TRP D 216 -5.54 56.72 -6.10
CA TRP D 216 -5.86 55.96 -4.89
C TRP D 216 -5.49 56.64 -3.58
N ARG D 217 -5.89 55.98 -2.50
CA ARG D 217 -5.63 56.40 -1.13
C ARG D 217 -4.92 55.22 -0.46
N LEU D 218 -3.69 55.44 -0.05
CA LEU D 218 -2.87 54.38 0.52
C LEU D 218 -2.53 54.77 1.95
N TRP D 219 -2.75 53.88 2.91
CA TRP D 219 -2.26 54.09 4.27
C TRP D 219 -1.28 52.97 4.65
N PRO D 220 -0.71 53.02 5.85
CA PRO D 220 -0.01 51.85 6.40
C PRO D 220 -0.99 50.80 6.97
N ALA D 241 6.37 74.78 -1.87
CA ALA D 241 7.28 73.96 -2.64
C ALA D 241 8.06 72.99 -1.74
N ALA D 242 8.22 73.38 -0.48
CA ALA D 242 8.89 72.55 0.53
C ALA D 242 8.07 71.30 0.82
N ASP D 243 6.77 71.51 1.04
CA ASP D 243 5.81 70.42 1.20
C ASP D 243 5.78 69.54 -0.06
N LEU D 244 5.94 70.15 -1.23
CA LEU D 244 6.01 69.42 -2.51
C LEU D 244 7.18 68.43 -2.56
N ASP D 245 8.27 68.71 -1.83
CA ASP D 245 9.40 67.78 -1.79
C ASP D 245 8.99 66.47 -1.12
N THR D 246 8.27 66.61 0.00
CA THR D 246 7.77 65.46 0.76
C THR D 246 6.67 64.72 -0.01
N VAL D 247 6.00 65.42 -0.92
CA VAL D 247 5.04 64.79 -1.84
C VAL D 247 5.80 63.99 -2.91
N LYS D 248 6.91 64.57 -3.38
CA LYS D 248 7.78 63.89 -4.35
C LYS D 248 8.37 62.67 -3.68
N ARG D 249 8.77 62.86 -2.42
CA ARG D 249 9.36 61.81 -1.61
C ARG D 249 8.37 60.64 -1.44
N ASN D 250 7.08 60.94 -1.61
CA ASN D 250 6.01 59.93 -1.57
C ASN D 250 5.90 59.15 -2.87
N PHE D 251 5.96 59.86 -4.01
CA PHE D 251 5.84 59.19 -5.30
C PHE D 251 7.13 58.39 -5.46
N ALA D 252 8.22 58.94 -4.91
CA ALA D 252 9.49 58.23 -4.90
C ALA D 252 9.32 56.99 -4.05
N TRP D 253 8.56 57.12 -2.95
CA TRP D 253 8.32 55.97 -2.08
C TRP D 253 7.59 54.88 -2.82
N VAL D 254 6.54 55.27 -3.55
CA VAL D 254 5.77 54.34 -4.37
C VAL D 254 6.64 53.72 -5.47
N LYS D 255 7.46 54.54 -6.12
CA LYS D 255 8.41 54.05 -7.12
C LYS D 255 9.28 52.91 -6.58
N ASP D 256 9.60 52.98 -5.30
CA ASP D 256 10.43 51.93 -4.70
C ASP D 256 9.68 50.61 -4.58
N GLN D 257 8.40 50.67 -4.22
CA GLN D 257 7.59 49.45 -3.99
C GLN D 257 7.25 48.67 -5.25
N LEU D 258 7.32 49.32 -6.40
CA LEU D 258 6.79 48.78 -7.64
C LEU D 258 7.44 47.49 -8.09
N ASP D 259 8.71 47.32 -7.73
CA ASP D 259 9.43 46.13 -8.13
C ASP D 259 9.13 44.99 -7.17
N PHE D 260 8.55 45.33 -6.02
CA PHE D 260 8.23 44.35 -4.97
C PHE D 260 6.76 43.95 -4.97
N LEU D 261 6.03 44.36 -6.00
CA LEU D 261 4.58 44.15 -6.06
C LEU D 261 4.18 42.87 -6.77
N LYS D 262 5.07 42.31 -7.57
CA LYS D 262 4.82 41.04 -8.25
C LYS D 262 5.91 40.01 -7.95
N PRO D 263 5.94 39.51 -6.70
CA PRO D 263 7.01 38.62 -6.24
C PRO D 263 6.79 37.17 -6.63
N THR D 264 7.88 36.42 -6.76
CA THR D 264 7.81 35.01 -7.13
C THR D 264 7.68 34.05 -5.94
N ILE D 265 6.47 33.59 -5.66
CA ILE D 265 6.26 32.55 -4.66
C ILE D 265 6.40 31.19 -5.34
N HIS D 266 7.09 30.26 -4.70
CA HIS D 266 7.37 28.95 -5.30
C HIS D 266 6.42 27.86 -4.83
N HIS D 267 5.89 27.16 -5.81
CA HIS D 267 4.94 26.09 -5.55
C HIS D 267 4.95 25.07 -6.68
N LYS D 268 4.55 23.85 -6.36
CA LYS D 268 4.45 22.77 -7.33
C LYS D 268 3.18 21.99 -7.07
N VAL D 269 2.47 21.66 -8.14
CA VAL D 269 1.39 20.69 -8.09
C VAL D 269 1.85 19.45 -8.86
N VAL D 270 1.86 18.33 -8.16
CA VAL D 270 2.29 17.08 -8.77
C VAL D 270 1.08 16.20 -9.00
N VAL D 271 0.92 15.73 -10.23
CA VAL D 271 -0.16 14.78 -10.53
C VAL D 271 0.37 13.34 -10.60
N PHE D 272 -0.05 12.47 -9.68
CA PHE D 272 0.28 11.06 -9.78
C PHE D 272 -0.84 10.33 -10.51
N MET D 273 -0.50 9.66 -11.62
CA MET D 273 -1.45 8.73 -12.25
C MET D 273 -0.97 7.30 -12.01
N GLY D 274 -1.90 6.40 -11.70
CA GLY D 274 -1.55 5.02 -11.41
C GLY D 274 -1.11 4.29 -12.67
N SER D 275 -1.52 4.86 -13.80
CA SER D 275 -1.23 4.25 -15.09
C SER D 275 -1.10 5.25 -16.20
N PRO D 276 -0.16 5.01 -17.14
CA PRO D 276 0.05 5.84 -18.33
C PRO D 276 -1.19 5.94 -19.21
N ALA D 277 -2.19 5.08 -19.00
CA ALA D 277 -3.43 5.19 -19.76
C ALA D 277 -4.22 6.42 -19.35
N ASP D 278 -3.99 6.91 -18.13
CA ASP D 278 -4.73 8.07 -17.61
C ASP D 278 -4.14 9.39 -18.11
N GLN D 279 -3.40 9.29 -19.22
CA GLN D 279 -2.56 10.36 -19.74
C GLN D 279 -3.30 11.60 -20.22
N GLU D 280 -4.26 11.41 -21.12
CA GLU D 280 -5.06 12.52 -21.57
C GLU D 280 -5.76 13.27 -20.44
N HIS D 281 -6.32 12.53 -19.48
CA HIS D 281 -7.03 13.13 -18.36
C HIS D 281 -6.10 14.03 -17.56
N CYS D 282 -4.89 13.55 -17.29
CA CYS D 282 -3.96 14.33 -16.52
C CYS D 282 -3.51 15.56 -17.28
N GLN D 283 -3.35 15.42 -18.59
CA GLN D 283 -2.95 16.55 -19.41
C GLN D 283 -4.00 17.66 -19.40
N LYS D 284 -5.26 17.27 -19.26
CA LYS D 284 -6.35 18.23 -19.09
C LYS D 284 -6.27 18.97 -17.76
N ILE D 285 -5.87 18.27 -16.71
CA ILE D 285 -5.67 18.92 -15.41
C ILE D 285 -4.49 19.89 -15.53
N ALA D 286 -3.40 19.41 -16.13
CA ALA D 286 -2.23 20.23 -16.29
C ALA D 286 -2.55 21.51 -17.05
N LYS D 287 -3.23 21.38 -18.19
CA LYS D 287 -3.52 22.53 -19.04
C LYS D 287 -4.32 23.55 -18.26
N ALA D 288 -5.30 23.07 -17.52
CA ALA D 288 -6.16 23.96 -16.74
C ALA D 288 -5.35 24.70 -15.68
N ALA D 289 -4.47 23.98 -15.00
CA ALA D 289 -3.72 24.56 -13.90
C ALA D 289 -2.65 25.51 -14.39
N ARG D 290 -2.03 25.18 -15.52
CA ARG D 290 -1.02 26.05 -16.10
C ARG D 290 -1.59 27.39 -16.55
N GLU D 291 -2.84 27.37 -17.04
CA GLU D 291 -3.55 28.57 -17.46
C GLU D 291 -3.86 29.44 -16.26
N LEU D 292 -4.00 28.81 -15.11
CA LEU D 292 -4.22 29.58 -13.89
C LEU D 292 -2.89 30.06 -13.29
N GLY D 293 -1.79 29.65 -13.91
CA GLY D 293 -0.47 30.09 -13.51
C GLY D 293 0.27 29.16 -12.58
N LEU D 294 -0.11 27.89 -12.59
CA LEU D 294 0.52 26.92 -11.71
C LEU D 294 1.65 26.18 -12.40
N ASP D 295 2.62 25.74 -11.60
CA ASP D 295 3.72 24.89 -12.05
C ASP D 295 3.39 23.43 -11.76
N VAL D 296 3.25 22.64 -12.81
CA VAL D 296 2.70 21.31 -12.66
C VAL D 296 3.68 20.23 -13.10
N ASP D 297 3.78 19.15 -12.32
CA ASP D 297 4.50 17.95 -12.75
C ASP D 297 3.57 16.75 -12.89
N LEU D 298 3.74 15.99 -13.98
CA LEU D 298 3.02 14.74 -14.17
C LEU D 298 3.91 13.52 -13.87
N ARG D 299 3.47 12.69 -12.95
CA ARG D 299 4.25 11.51 -12.61
C ARG D 299 3.41 10.23 -12.70
N VAL D 300 4.05 9.11 -13.01
CA VAL D 300 3.34 7.84 -13.02
C VAL D 300 3.85 6.92 -11.93
N THR D 301 2.94 6.42 -11.09
CA THR D 301 3.30 5.46 -10.07
C THR D 301 2.09 4.72 -9.46
N SER D 302 2.31 3.47 -9.05
CA SER D 302 1.23 2.69 -8.49
C SER D 302 1.38 2.51 -6.98
N ALA D 303 0.29 2.65 -6.25
CA ALA D 303 0.35 2.40 -4.83
C ALA D 303 0.20 0.89 -4.62
N HIS D 304 -0.14 0.17 -5.68
CA HIS D 304 -0.32 -1.27 -5.58
C HIS D 304 0.90 -1.99 -6.15
N LYS D 305 1.36 -1.58 -7.32
CA LYS D 305 2.44 -2.28 -8.00
C LYS D 305 3.83 -1.75 -7.62
N ALA D 306 3.87 -0.53 -7.12
CA ALA D 306 5.14 0.09 -6.76
C ALA D 306 4.95 0.91 -5.50
N THR D 307 4.53 0.23 -4.45
CA THR D 307 4.17 0.88 -3.20
C THR D 307 5.34 1.67 -2.61
N GLU D 308 6.47 1.02 -2.39
CA GLU D 308 7.62 1.67 -1.78
C GLU D 308 8.11 2.81 -2.66
N GLU D 309 8.16 2.60 -3.97
CA GLU D 309 8.68 3.64 -4.85
C GLU D 309 7.75 4.86 -4.90
N THR D 310 6.45 4.62 -4.82
CA THR D 310 5.48 5.70 -4.75
C THR D 310 5.78 6.61 -3.54
N LEU D 311 5.97 5.99 -2.38
CA LEU D 311 6.32 6.72 -1.17
C LEU D 311 7.63 7.50 -1.37
N ARG D 312 8.62 6.89 -2.05
CA ARG D 312 9.90 7.58 -2.28
C ARG D 312 9.73 8.78 -3.25
N ILE D 313 8.83 8.67 -4.25
CA ILE D 313 8.65 9.78 -5.17
C ILE D 313 8.01 10.99 -4.47
N MET D 314 7.04 10.76 -3.60
CA MET D 314 6.47 11.90 -2.91
C MET D 314 7.43 12.49 -1.88
N GLN D 315 8.31 11.66 -1.32
CA GLN D 315 9.27 12.17 -0.36
C GLN D 315 10.29 13.07 -1.05
N GLN D 316 10.54 12.81 -2.33
CA GLN D 316 11.43 13.67 -3.09
C GLN D 316 10.77 15.03 -3.30
N TYR D 317 9.44 15.04 -3.41
CA TYR D 317 8.73 16.30 -3.50
C TYR D 317 8.66 16.99 -2.13
N GLU D 318 8.70 16.21 -1.06
CA GLU D 318 8.62 16.76 0.29
C GLU D 318 9.87 17.49 0.77
N ASP D 319 10.96 17.38 0.00
CA ASP D 319 12.15 18.18 0.19
C ASP D 319 11.96 19.50 -0.55
N THR D 320 11.19 20.38 0.04
CA THR D 320 10.99 21.69 -0.54
C THR D 320 10.70 22.69 0.55
N HIS D 321 10.80 23.97 0.20
CA HIS D 321 10.33 24.98 1.13
C HIS D 321 9.21 25.79 0.51
N GLY D 322 8.81 25.39 -0.70
CA GLY D 322 7.66 25.99 -1.36
C GLY D 322 6.37 25.21 -1.09
N ALA D 323 5.26 25.68 -1.65
CA ALA D 323 3.98 25.02 -1.44
C ALA D 323 3.90 23.83 -2.35
N LEU D 324 3.12 22.84 -1.91
CA LEU D 324 3.02 21.57 -2.60
C LEU D 324 1.60 21.03 -2.53
N VAL D 325 1.05 20.70 -3.69
CA VAL D 325 -0.25 20.02 -3.76
C VAL D 325 -0.15 18.76 -4.61
N PHE D 326 -0.67 17.65 -4.10
CA PHE D 326 -0.76 16.40 -4.86
C PHE D 326 -2.14 16.15 -5.44
N ILE D 327 -2.18 15.79 -6.72
CA ILE D 327 -3.43 15.34 -7.31
C ILE D 327 -3.30 13.86 -7.62
N ALA D 328 -4.24 13.07 -7.10
CA ALA D 328 -4.25 11.62 -7.30
C ALA D 328 -5.25 11.18 -8.37
N VAL D 329 -4.71 10.61 -9.43
CA VAL D 329 -5.54 10.14 -10.54
C VAL D 329 -5.44 8.63 -10.70
N ALA D 330 -6.48 7.93 -10.26
CA ALA D 330 -6.49 6.49 -10.31
C ALA D 330 -7.89 5.95 -10.65
N GLY D 331 -7.97 5.24 -11.77
CA GLY D 331 -9.18 4.54 -12.17
C GLY D 331 -9.39 3.32 -11.29
N ARG D 332 -10.49 2.61 -11.50
CA ARG D 332 -10.86 1.46 -10.67
C ARG D 332 -10.84 1.77 -9.18
N SER D 333 -10.44 0.80 -8.38
CA SER D 333 -10.30 1.06 -6.95
C SER D 333 -9.10 1.96 -6.71
N ASN D 334 -9.37 3.17 -6.27
CA ASN D 334 -8.34 4.16 -6.03
C ASN D 334 -7.70 3.99 -4.66
N GLY D 335 -6.53 3.35 -4.64
CA GLY D 335 -5.74 3.26 -3.43
C GLY D 335 -4.61 4.28 -3.47
N LEU D 336 -4.37 4.84 -4.66
CA LEU D 336 -3.30 5.81 -4.87
C LEU D 336 -3.48 7.00 -3.96
N GLY D 337 -4.65 7.64 -4.07
CA GLY D 337 -4.97 8.79 -3.26
C GLY D 337 -4.91 8.57 -1.77
N PRO D 338 -5.67 7.58 -1.28
CA PRO D 338 -5.67 7.28 0.16
C PRO D 338 -4.31 6.87 0.71
N VAL D 339 -3.46 6.21 -0.07
CA VAL D 339 -2.15 5.86 0.42
C VAL D 339 -1.28 7.12 0.56
N LEU D 340 -1.31 8.03 -0.42
CA LEU D 340 -0.61 9.32 -0.27
C LEU D 340 -1.08 10.10 0.94
N SER D 341 -2.38 10.23 1.10
CA SER D 341 -2.93 10.97 2.22
C SER D 341 -2.50 10.36 3.56
N GLY D 342 -2.23 9.07 3.57
CA GLY D 342 -1.80 8.45 4.80
C GLY D 342 -0.35 8.67 5.16
N ASN D 343 0.46 9.04 4.16
CA ASN D 343 1.91 9.15 4.31
C ASN D 343 2.47 10.55 4.15
N THR D 344 1.62 11.52 3.85
CA THR D 344 2.07 12.92 3.80
C THR D 344 1.15 13.92 4.50
N SER D 345 1.64 15.13 4.64
CA SER D 345 0.92 16.15 5.39
C SER D 345 0.45 17.25 4.44
N TYR D 346 0.85 17.15 3.18
CA TYR D 346 0.39 18.03 2.14
C TYR D 346 -0.98 17.59 1.59
N PRO D 347 -1.83 18.56 1.18
CA PRO D 347 -3.15 18.24 0.63
C PRO D 347 -3.13 17.30 -0.57
N VAL D 348 -4.02 16.33 -0.52
CA VAL D 348 -4.15 15.36 -1.59
C VAL D 348 -5.57 15.41 -2.17
N ILE D 349 -5.68 15.68 -3.47
CA ILE D 349 -7.00 15.71 -4.12
C ILE D 349 -7.15 14.56 -5.08
N ASN D 350 -8.27 13.86 -4.94
CA ASN D 350 -8.62 12.71 -5.79
C ASN D 350 -9.35 13.14 -7.05
N CYS D 351 -8.80 12.80 -8.19
CA CYS D 351 -9.48 13.06 -9.45
C CYS D 351 -9.49 11.84 -10.36
N PRO D 352 -10.47 10.96 -10.17
CA PRO D 352 -10.61 9.75 -11.00
C PRO D 352 -10.83 10.14 -12.46
N PRO D 353 -10.29 9.36 -13.40
CA PRO D 353 -10.54 9.67 -14.80
C PRO D 353 -11.98 9.32 -15.17
N PRO D 354 -12.49 9.83 -16.30
CA PRO D 354 -13.89 9.57 -16.70
C PRO D 354 -14.09 8.11 -17.08
N SER D 355 -15.26 7.57 -16.78
CA SER D 355 -15.47 6.13 -16.86
C SER D 355 -16.92 5.77 -16.59
N ASP D 356 -17.39 4.66 -17.16
CA ASP D 356 -18.74 4.17 -16.88
C ASP D 356 -18.82 3.73 -15.43
N LYS D 357 -17.71 3.16 -14.95
CA LYS D 357 -17.68 2.58 -13.62
C LYS D 357 -17.49 3.59 -12.51
N LEU D 358 -17.28 4.87 -12.86
CA LEU D 358 -17.03 5.90 -11.84
C LEU D 358 -18.17 5.98 -10.81
N VAL D 359 -19.39 5.67 -11.23
CA VAL D 359 -20.53 5.65 -10.31
C VAL D 359 -20.34 4.62 -9.19
N GLN D 360 -19.68 3.50 -9.50
CA GLN D 360 -19.34 2.48 -8.48
C GLN D 360 -17.98 2.82 -7.83
N ASP D 361 -17.01 3.21 -8.66
CA ASP D 361 -15.63 3.37 -8.21
C ASP D 361 -15.38 4.57 -7.30
N ILE D 362 -16.27 5.55 -7.31
CA ILE D 362 -15.97 6.78 -6.59
C ILE D 362 -15.92 6.63 -5.06
N TRP D 363 -16.50 5.56 -4.54
CA TRP D 363 -16.49 5.39 -3.11
C TRP D 363 -15.13 4.94 -2.58
N SER D 364 -14.23 4.53 -3.47
CA SER D 364 -12.89 4.15 -3.04
C SER D 364 -12.08 5.40 -2.75
N SER D 365 -12.50 6.52 -3.36
CA SER D 365 -11.92 7.85 -3.16
C SER D 365 -12.51 8.52 -1.94
N LEU D 366 -13.84 8.64 -1.92
CA LEU D 366 -14.55 9.05 -0.71
C LEU D 366 -14.36 7.92 0.28
N SER D 367 -14.88 8.06 1.50
CA SER D 367 -14.87 6.92 2.45
C SER D 367 -13.51 6.30 2.61
N VAL D 368 -12.58 7.17 2.99
CA VAL D 368 -11.24 6.78 3.33
C VAL D 368 -11.29 6.36 4.78
N PRO D 369 -10.28 5.64 5.25
CA PRO D 369 -10.25 5.35 6.70
C PRO D 369 -10.11 6.62 7.54
N SER D 370 -10.61 6.58 8.76
CA SER D 370 -10.57 7.75 9.63
C SER D 370 -9.15 8.29 9.83
N GLY D 371 -9.00 9.60 9.82
CA GLY D 371 -7.72 10.24 10.06
C GLY D 371 -7.00 10.56 8.78
N LEU D 372 -7.71 10.45 7.66
CA LEU D 372 -7.16 10.87 6.37
C LEU D 372 -7.99 12.01 5.80
N GLY D 373 -7.31 13.04 5.31
CA GLY D 373 -7.97 14.22 4.79
C GLY D 373 -8.06 14.31 3.27
N CYS D 374 -7.90 13.19 2.61
CA CYS D 374 -8.10 13.11 1.17
C CYS D 374 -9.47 13.68 0.75
N ALA D 375 -9.45 14.65 -0.16
CA ALA D 375 -10.67 15.27 -0.68
C ALA D 375 -10.87 14.78 -2.11
N THR D 376 -12.11 14.77 -2.58
CA THR D 376 -12.38 14.24 -3.92
C THR D 376 -13.16 15.23 -4.81
N VAL D 377 -12.75 15.27 -6.08
CA VAL D 377 -13.31 16.10 -7.11
C VAL D 377 -13.50 15.19 -8.33
N ILE D 378 -14.41 15.53 -9.24
CA ILE D 378 -14.80 14.59 -10.29
C ILE D 378 -14.43 15.02 -11.71
N TYR D 379 -14.15 16.32 -11.87
CA TYR D 379 -13.73 16.85 -13.16
C TYR D 379 -12.32 17.43 -13.11
N PRO D 380 -11.52 17.19 -14.17
CA PRO D 380 -10.15 17.69 -14.21
C PRO D 380 -10.04 19.21 -14.09
N ASP D 381 -10.96 19.98 -14.67
CA ASP D 381 -10.88 21.42 -14.50
C ASP D 381 -11.04 21.75 -13.03
N SER D 382 -11.97 21.09 -12.37
CA SER D 382 -12.22 21.37 -10.97
C SER D 382 -11.08 20.90 -10.06
N ALA D 383 -10.22 20.01 -10.56
CA ALA D 383 -9.07 19.60 -9.75
C ALA D 383 -8.03 20.72 -9.79
N ALA D 384 -7.86 21.30 -10.97
CA ALA D 384 -6.91 22.39 -11.15
C ALA D 384 -7.34 23.59 -10.33
N LEU D 385 -8.65 23.86 -10.31
CA LEU D 385 -9.16 24.98 -9.54
C LEU D 385 -8.94 24.78 -8.06
N MET D 386 -9.19 23.57 -7.57
CA MET D 386 -8.97 23.30 -6.14
C MET D 386 -7.53 23.56 -5.75
N ALA D 387 -6.59 23.07 -6.56
CA ALA D 387 -5.16 23.27 -6.34
C ALA D 387 -4.81 24.75 -6.37
N ALA D 388 -5.31 25.44 -7.38
CA ALA D 388 -5.14 26.87 -7.52
C ALA D 388 -5.75 27.65 -6.36
N GLN D 389 -6.93 27.25 -5.90
CA GLN D 389 -7.53 27.92 -4.77
C GLN D 389 -6.69 27.76 -3.52
N ILE D 390 -5.99 26.64 -3.40
CA ILE D 390 -5.12 26.39 -2.25
C ILE D 390 -3.87 27.25 -2.34
N ILE D 391 -3.21 27.18 -3.48
CA ILE D 391 -2.00 27.93 -3.77
C ILE D 391 -2.29 29.45 -3.87
N GLY D 392 -3.50 29.79 -4.27
CA GLY D 392 -3.94 31.16 -4.33
C GLY D 392 -3.94 31.80 -2.97
N LEU D 393 -3.85 31.01 -1.90
CA LEU D 393 -3.74 31.56 -0.57
C LEU D 393 -2.39 32.22 -0.32
N GLN D 394 -1.42 31.96 -1.20
CA GLN D 394 -0.06 32.48 -1.05
C GLN D 394 0.37 33.32 -2.24
N ASP D 395 -0.40 33.26 -3.31
CA ASP D 395 -0.04 33.91 -4.55
C ASP D 395 -1.23 34.70 -5.07
N TYR D 396 -1.25 36.00 -4.83
CA TYR D 396 -2.44 36.79 -5.13
C TYR D 396 -2.75 36.80 -6.63
N LEU D 397 -1.74 36.53 -7.45
CA LEU D 397 -1.94 36.51 -8.88
C LEU D 397 -2.81 35.33 -9.33
N VAL D 398 -2.59 34.16 -8.74
CA VAL D 398 -3.41 32.98 -9.02
C VAL D 398 -4.83 33.26 -8.51
N TRP D 399 -4.90 33.76 -7.29
CA TRP D 399 -6.15 34.18 -6.68
C TRP D 399 -6.87 35.25 -7.52
N GLY D 400 -6.10 36.18 -8.09
CA GLY D 400 -6.65 37.16 -9.01
C GLY D 400 -7.27 36.43 -10.19
N ARG D 401 -6.49 35.56 -10.84
CA ARG D 401 -6.94 34.91 -12.09
C ARG D 401 -8.16 34.06 -11.84
N LEU D 402 -8.28 33.51 -10.65
CA LEU D 402 -9.49 32.76 -10.31
C LEU D 402 -10.72 33.68 -10.29
N ARG D 403 -10.60 34.86 -9.66
CA ARG D 403 -11.73 35.77 -9.60
C ARG D 403 -12.09 36.32 -10.96
N SER D 404 -11.06 36.53 -11.77
CA SER D 404 -11.25 37.06 -13.10
C SER D 404 -11.98 36.02 -13.96
N LYS D 405 -11.65 34.77 -13.73
CA LYS D 405 -12.27 33.68 -14.47
C LYS D 405 -13.79 33.66 -14.18
N GLN D 406 -14.17 33.94 -12.93
CA GLN D 406 -15.58 33.99 -12.57
C GLN D 406 -16.28 35.11 -13.31
N LEU D 407 -15.59 36.24 -13.44
CA LEU D 407 -16.17 37.38 -14.15
C LEU D 407 -16.36 37.03 -15.61
N ASP D 408 -15.39 36.33 -16.17
CA ASP D 408 -15.45 35.95 -17.58
C ASP D 408 -16.67 35.06 -17.82
N MET D 409 -16.86 34.07 -16.94
CA MET D 409 -17.90 33.07 -17.13
C MET D 409 -19.27 33.71 -17.02
N ALA D 410 -19.38 34.65 -16.09
CA ALA D 410 -20.64 35.34 -15.88
C ALA D 410 -20.96 36.26 -17.04
N HIS D 411 -19.95 36.95 -17.56
CA HIS D 411 -20.21 37.87 -18.67
C HIS D 411 -20.55 37.04 -19.92
N SER D 412 -19.98 35.84 -20.02
CA SER D 412 -20.28 34.98 -21.18
C SER D 412 -21.71 34.49 -21.19
N LEU D 413 -22.25 34.22 -20.01
CA LEU D 413 -23.62 33.78 -19.86
C LEU D 413 -24.58 34.83 -20.42
N ARG D 414 -24.27 36.10 -20.16
CA ARG D 414 -25.11 37.17 -20.64
C ARG D 414 -25.01 37.24 -22.15
N GLN D 415 -23.82 37.03 -22.70
CA GLN D 415 -23.67 37.04 -24.15
C GLN D 415 -24.58 35.97 -24.73
N ALA D 416 -24.52 34.77 -24.14
CA ALA D 416 -25.37 33.70 -24.57
C ALA D 416 -26.85 34.00 -24.32
N ASP D 417 -27.18 34.60 -23.17
CA ASP D 417 -28.58 34.88 -22.86
C ASP D 417 -29.16 35.84 -23.88
N LYS D 418 -28.36 36.84 -24.25
CA LYS D 418 -28.80 37.81 -25.26
C LYS D 418 -29.11 37.12 -26.58
N LYS D 419 -28.47 35.97 -26.83
CA LYS D 419 -28.65 35.21 -28.06
C LYS D 419 -29.88 34.26 -28.10
N LEU D 420 -30.32 33.75 -26.95
CA LEU D 420 -31.47 32.83 -26.94
C LEU D 420 -32.76 33.51 -26.45
N ARG D 421 -32.67 34.80 -26.18
CA ARG D 421 -33.70 35.51 -25.45
C ARG D 421 -34.91 35.89 -26.32
#